data_3FO7
# 
_entry.id   3FO7 
# 
_audit_conform.dict_name       mmcif_pdbx.dic 
_audit_conform.dict_version    5.399 
_audit_conform.dict_location   http://mmcif.pdb.org/dictionaries/ascii/mmcif_pdbx.dic 
# 
loop_
_database_2.database_id 
_database_2.database_code 
_database_2.pdbx_database_accession 
_database_2.pdbx_DOI 
PDB   3FO7         pdb_00003fo7 10.2210/pdb3fo7/pdb 
RCSB  RCSB050833   ?            ?                   
WWPDB D_1000050833 ?            ?                   
# 
loop_
_pdbx_audit_revision_history.ordinal 
_pdbx_audit_revision_history.data_content_type 
_pdbx_audit_revision_history.major_revision 
_pdbx_audit_revision_history.minor_revision 
_pdbx_audit_revision_history.revision_date 
1 'Structure model' 1 0 2009-01-20 
2 'Structure model' 1 1 2011-07-13 
3 'Structure model' 1 2 2023-11-01 
4 'Structure model' 1 3 2024-11-20 
# 
_pdbx_audit_revision_details.ordinal             1 
_pdbx_audit_revision_details.revision_ordinal    1 
_pdbx_audit_revision_details.data_content_type   'Structure model' 
_pdbx_audit_revision_details.provider            repository 
_pdbx_audit_revision_details.type                'Initial release' 
_pdbx_audit_revision_details.description         ? 
_pdbx_audit_revision_details.details             ? 
# 
loop_
_pdbx_audit_revision_group.ordinal 
_pdbx_audit_revision_group.revision_ordinal 
_pdbx_audit_revision_group.data_content_type 
_pdbx_audit_revision_group.group 
1 2 'Structure model' 'Version format compliance' 
2 3 'Structure model' 'Data collection'           
3 3 'Structure model' 'Database references'       
4 3 'Structure model' 'Derived calculations'      
5 3 'Structure model' 'Refinement description'    
6 4 'Structure model' 'Structure summary'         
# 
loop_
_pdbx_audit_revision_category.ordinal 
_pdbx_audit_revision_category.revision_ordinal 
_pdbx_audit_revision_category.data_content_type 
_pdbx_audit_revision_category.category 
1 3 'Structure model' chem_comp_atom                
2 3 'Structure model' chem_comp_bond                
3 3 'Structure model' database_2                    
4 3 'Structure model' pdbx_initial_refinement_model 
5 3 'Structure model' struct_site                   
6 4 'Structure model' pdbx_entry_details            
7 4 'Structure model' pdbx_modification_feature     
# 
loop_
_pdbx_audit_revision_item.ordinal 
_pdbx_audit_revision_item.revision_ordinal 
_pdbx_audit_revision_item.data_content_type 
_pdbx_audit_revision_item.item 
1 3 'Structure model' '_database_2.pdbx_DOI'                         
2 3 'Structure model' '_database_2.pdbx_database_accession'          
3 3 'Structure model' '_struct_site.pdbx_auth_asym_id'               
4 3 'Structure model' '_struct_site.pdbx_auth_comp_id'               
5 3 'Structure model' '_struct_site.pdbx_auth_seq_id'                
6 4 'Structure model' '_pdbx_entry_details.has_protein_modification' 
# 
_pdbx_database_PDB_obs_spr.id               SPRSDE 
_pdbx_database_PDB_obs_spr.date             2009-01-20 
_pdbx_database_PDB_obs_spr.pdb_id           3FO7 
_pdbx_database_PDB_obs_spr.replace_pdb_id   2DV8 
_pdbx_database_PDB_obs_spr.details          ? 
# 
_pdbx_database_status.status_code                     REL 
_pdbx_database_status.entry_id                        3FO7 
_pdbx_database_status.recvd_initial_deposition_date   2008-12-29 
_pdbx_database_status.deposit_site                    RCSB 
_pdbx_database_status.process_site                    PDBJ 
_pdbx_database_status.status_code_sf                  REL 
_pdbx_database_status.status_code_mr                  ? 
_pdbx_database_status.SG_entry                        ? 
_pdbx_database_status.pdb_format_compatible           Y 
_pdbx_database_status.status_code_cs                  ? 
_pdbx_database_status.status_code_nmr_data            ? 
_pdbx_database_status.methods_development_category    ? 
# 
_pdbx_database_related.db_name        PDB 
_pdbx_database_related.db_id          1FB2 
_pdbx_database_related.details        'native structure' 
_pdbx_database_related.content_type   unspecified 
# 
loop_
_audit_author.name 
_audit_author.pdbx_ordinal 
'Singh, N.'      1 
'Prem Kumar, R.' 2 
'Sharma, S.'     3 
'Kaur, P.'       4 
'Singh, T.P.'    5 
# 
_citation.id                        primary 
_citation.title                     
;Simultaneous inhibition of anti-coagulation and inflammation: Crystal structure of phospholipase A2 complexed with indomethacin at 1.4 A resolution reveals the presence of the new common ligand binding site
;
_citation.journal_abbrev            'To be Published' 
_citation.journal_volume            ? 
_citation.page_first                ? 
_citation.page_last                 ? 
_citation.year                      ? 
_citation.journal_id_ASTM           ? 
_citation.country                   ? 
_citation.journal_id_ISSN           ? 
_citation.journal_id_CSD            0353 
_citation.book_publisher            ? 
_citation.pdbx_database_id_PubMed   ? 
_citation.pdbx_database_id_DOI      ? 
# 
loop_
_citation_author.citation_id 
_citation_author.name 
_citation_author.ordinal 
_citation_author.identifier_ORCID 
primary 'Singh, N.'      1 ? 
primary 'Prem Kumar, R.' 2 ? 
primary 'Sharma, S.'     3 ? 
primary 'Kaur, P.'       4 ? 
primary 'Singh, T.P.'    5 ? 
# 
loop_
_entity.id 
_entity.type 
_entity.src_method 
_entity.pdbx_description 
_entity.formula_weight 
_entity.pdbx_number_of_molecules 
_entity.pdbx_ec 
_entity.pdbx_mutation 
_entity.pdbx_fragment 
_entity.details 
1 polymer     nat 'Phospholipase A2 VRV-PL-VIIIa' 13629.767 1   3.1.1.4 ? ? ? 
2 non-polymer syn 'SULFATE ION'                   96.063    4   ?       ? ? ? 
3 non-polymer syn INDOMETHACIN                    357.788   1   ?       ? ? ? 
4 water       nat water                           18.015    224 ?       ? ? ? 
# 
_entity_name_com.entity_id   1 
_entity_name_com.name        'Phosphatidylcholine 2-acylhydrolase, DPLA2, P1' 
# 
_entity_poly.entity_id                      1 
_entity_poly.type                           'polypeptide(L)' 
_entity_poly.nstd_linkage                   no 
_entity_poly.nstd_monomer                   no 
_entity_poly.pdbx_seq_one_letter_code       
;SLLEFGKMILEETGKLAIPSYSSYGCYCGWGGKGTPKDATDRCCFVHDCCYGNLPDCNPKSDRYKYKRVNGAIVCEKGTS
CENRICECDKAAAICFRQNLNTYSKKYMLYPDFLCKGELKC
;
_entity_poly.pdbx_seq_one_letter_code_can   
;SLLEFGKMILEETGKLAIPSYSSYGCYCGWGGKGTPKDATDRCCFVHDCCYGNLPDCNPKSDRYKYKRVNGAIVCEKGTS
CENRICECDKAAAICFRQNLNTYSKKYMLYPDFLCKGELKC
;
_entity_poly.pdbx_strand_id                 A 
_entity_poly.pdbx_target_identifier         ? 
# 
loop_
_pdbx_entity_nonpoly.entity_id 
_pdbx_entity_nonpoly.name 
_pdbx_entity_nonpoly.comp_id 
2 'SULFATE ION' SO4 
3 INDOMETHACIN  IMN 
4 water         HOH 
# 
loop_
_entity_poly_seq.entity_id 
_entity_poly_seq.num 
_entity_poly_seq.mon_id 
_entity_poly_seq.hetero 
1 1   SER n 
1 2   LEU n 
1 3   LEU n 
1 4   GLU n 
1 5   PHE n 
1 6   GLY n 
1 7   LYS n 
1 8   MET n 
1 9   ILE n 
1 10  LEU n 
1 11  GLU n 
1 12  GLU n 
1 13  THR n 
1 14  GLY n 
1 15  LYS n 
1 16  LEU n 
1 17  ALA n 
1 18  ILE n 
1 19  PRO n 
1 20  SER n 
1 21  TYR n 
1 22  SER n 
1 23  SER n 
1 24  TYR n 
1 25  GLY n 
1 26  CYS n 
1 27  TYR n 
1 28  CYS n 
1 29  GLY n 
1 30  TRP n 
1 31  GLY n 
1 32  GLY n 
1 33  LYS n 
1 34  GLY n 
1 35  THR n 
1 36  PRO n 
1 37  LYS n 
1 38  ASP n 
1 39  ALA n 
1 40  THR n 
1 41  ASP n 
1 42  ARG n 
1 43  CYS n 
1 44  CYS n 
1 45  PHE n 
1 46  VAL n 
1 47  HIS n 
1 48  ASP n 
1 49  CYS n 
1 50  CYS n 
1 51  TYR n 
1 52  GLY n 
1 53  ASN n 
1 54  LEU n 
1 55  PRO n 
1 56  ASP n 
1 57  CYS n 
1 58  ASN n 
1 59  PRO n 
1 60  LYS n 
1 61  SER n 
1 62  ASP n 
1 63  ARG n 
1 64  TYR n 
1 65  LYS n 
1 66  TYR n 
1 67  LYS n 
1 68  ARG n 
1 69  VAL n 
1 70  ASN n 
1 71  GLY n 
1 72  ALA n 
1 73  ILE n 
1 74  VAL n 
1 75  CYS n 
1 76  GLU n 
1 77  LYS n 
1 78  GLY n 
1 79  THR n 
1 80  SER n 
1 81  CYS n 
1 82  GLU n 
1 83  ASN n 
1 84  ARG n 
1 85  ILE n 
1 86  CYS n 
1 87  GLU n 
1 88  CYS n 
1 89  ASP n 
1 90  LYS n 
1 91  ALA n 
1 92  ALA n 
1 93  ALA n 
1 94  ILE n 
1 95  CYS n 
1 96  PHE n 
1 97  ARG n 
1 98  GLN n 
1 99  ASN n 
1 100 LEU n 
1 101 ASN n 
1 102 THR n 
1 103 TYR n 
1 104 SER n 
1 105 LYS n 
1 106 LYS n 
1 107 TYR n 
1 108 MET n 
1 109 LEU n 
1 110 TYR n 
1 111 PRO n 
1 112 ASP n 
1 113 PHE n 
1 114 LEU n 
1 115 CYS n 
1 116 LYS n 
1 117 GLY n 
1 118 GLU n 
1 119 LEU n 
1 120 LYS n 
1 121 CYS n 
# 
_entity_src_nat.entity_id                  1 
_entity_src_nat.pdbx_src_id                1 
_entity_src_nat.pdbx_alt_source_flag       sample 
_entity_src_nat.pdbx_beg_seq_num           ? 
_entity_src_nat.pdbx_end_seq_num           ? 
_entity_src_nat.common_name                ? 
_entity_src_nat.pdbx_organism_scientific   'Daboia russelli pulchella' 
_entity_src_nat.pdbx_ncbi_taxonomy_id      97228 
_entity_src_nat.genus                      ? 
_entity_src_nat.species                    ? 
_entity_src_nat.strain                     ? 
_entity_src_nat.tissue                     ? 
_entity_src_nat.tissue_fraction            ? 
_entity_src_nat.pdbx_secretion             ? 
_entity_src_nat.pdbx_fragment              ? 
_entity_src_nat.pdbx_variant               ? 
_entity_src_nat.pdbx_cell_line             ? 
_entity_src_nat.pdbx_atcc                  ? 
_entity_src_nat.pdbx_cellular_location     ? 
_entity_src_nat.pdbx_organ                 ? 
_entity_src_nat.pdbx_organelle             ? 
_entity_src_nat.pdbx_cell                  ? 
_entity_src_nat.pdbx_plasmid_name          ? 
_entity_src_nat.pdbx_plasmid_details       ? 
_entity_src_nat.details                    ? 
# 
loop_
_chem_comp.id 
_chem_comp.type 
_chem_comp.mon_nstd_flag 
_chem_comp.name 
_chem_comp.pdbx_synonyms 
_chem_comp.formula 
_chem_comp.formula_weight 
ALA 'L-peptide linking' y ALANINE         ? 'C3 H7 N O2'      89.093  
ARG 'L-peptide linking' y ARGININE        ? 'C6 H15 N4 O2 1'  175.209 
ASN 'L-peptide linking' y ASPARAGINE      ? 'C4 H8 N2 O3'     132.118 
ASP 'L-peptide linking' y 'ASPARTIC ACID' ? 'C4 H7 N O4'      133.103 
CYS 'L-peptide linking' y CYSTEINE        ? 'C3 H7 N O2 S'    121.158 
GLN 'L-peptide linking' y GLUTAMINE       ? 'C5 H10 N2 O3'    146.144 
GLU 'L-peptide linking' y 'GLUTAMIC ACID' ? 'C5 H9 N O4'      147.129 
GLY 'peptide linking'   y GLYCINE         ? 'C2 H5 N O2'      75.067  
HIS 'L-peptide linking' y HISTIDINE       ? 'C6 H10 N3 O2 1'  156.162 
HOH non-polymer         . WATER           ? 'H2 O'            18.015  
ILE 'L-peptide linking' y ISOLEUCINE      ? 'C6 H13 N O2'     131.173 
IMN non-polymer         . INDOMETHACIN    ? 'C19 H16 Cl N O4' 357.788 
LEU 'L-peptide linking' y LEUCINE         ? 'C6 H13 N O2'     131.173 
LYS 'L-peptide linking' y LYSINE          ? 'C6 H15 N2 O2 1'  147.195 
MET 'L-peptide linking' y METHIONINE      ? 'C5 H11 N O2 S'   149.211 
PHE 'L-peptide linking' y PHENYLALANINE   ? 'C9 H11 N O2'     165.189 
PRO 'L-peptide linking' y PROLINE         ? 'C5 H9 N O2'      115.130 
SER 'L-peptide linking' y SERINE          ? 'C3 H7 N O3'      105.093 
SO4 non-polymer         . 'SULFATE ION'   ? 'O4 S -2'         96.063  
THR 'L-peptide linking' y THREONINE       ? 'C4 H9 N O3'      119.119 
TRP 'L-peptide linking' y TRYPTOPHAN      ? 'C11 H12 N2 O2'   204.225 
TYR 'L-peptide linking' y TYROSINE        ? 'C9 H11 N O3'     181.189 
VAL 'L-peptide linking' y VALINE          ? 'C5 H11 N O2'     117.146 
# 
loop_
_pdbx_poly_seq_scheme.asym_id 
_pdbx_poly_seq_scheme.entity_id 
_pdbx_poly_seq_scheme.seq_id 
_pdbx_poly_seq_scheme.mon_id 
_pdbx_poly_seq_scheme.ndb_seq_num 
_pdbx_poly_seq_scheme.pdb_seq_num 
_pdbx_poly_seq_scheme.auth_seq_num 
_pdbx_poly_seq_scheme.pdb_mon_id 
_pdbx_poly_seq_scheme.auth_mon_id 
_pdbx_poly_seq_scheme.pdb_strand_id 
_pdbx_poly_seq_scheme.pdb_ins_code 
_pdbx_poly_seq_scheme.hetero 
A 1 1   SER 1   1   1   SER SER A . n 
A 1 2   LEU 2   2   2   LEU LEU A . n 
A 1 3   LEU 3   3   3   LEU LEU A . n 
A 1 4   GLU 4   4   4   GLU GLU A . n 
A 1 5   PHE 5   5   5   PHE PHE A . n 
A 1 6   GLY 6   6   6   GLY GLY A . n 
A 1 7   LYS 7   7   7   LYS LYS A . n 
A 1 8   MET 8   8   8   MET MET A . n 
A 1 9   ILE 9   9   9   ILE ILE A . n 
A 1 10  LEU 10  10  10  LEU LEU A . n 
A 1 11  GLU 11  11  11  GLU GLU A . n 
A 1 12  GLU 12  12  12  GLU GLU A . n 
A 1 13  THR 13  13  13  THR THR A . n 
A 1 14  GLY 14  14  14  GLY GLY A . n 
A 1 15  LYS 15  16  16  LYS LYS A . n 
A 1 16  LEU 16  17  17  LEU LEU A . n 
A 1 17  ALA 17  18  18  ALA ALA A . n 
A 1 18  ILE 18  19  19  ILE ILE A . n 
A 1 19  PRO 19  20  20  PRO PRO A . n 
A 1 20  SER 20  21  21  SER SER A . n 
A 1 21  TYR 21  22  22  TYR TYR A . n 
A 1 22  SER 22  23  23  SER SER A . n 
A 1 23  SER 23  24  24  SER SER A . n 
A 1 24  TYR 24  25  25  TYR TYR A . n 
A 1 25  GLY 25  26  26  GLY GLY A . n 
A 1 26  CYS 26  27  27  CYS CYS A . n 
A 1 27  TYR 27  28  28  TYR TYR A . n 
A 1 28  CYS 28  29  29  CYS CYS A . n 
A 1 29  GLY 29  30  30  GLY GLY A . n 
A 1 30  TRP 30  31  31  TRP TRP A . n 
A 1 31  GLY 31  32  32  GLY GLY A . n 
A 1 32  GLY 32  33  33  GLY GLY A . n 
A 1 33  LYS 33  34  34  LYS LYS A . n 
A 1 34  GLY 34  35  35  GLY GLY A . n 
A 1 35  THR 35  36  36  THR THR A . n 
A 1 36  PRO 36  37  37  PRO PRO A . n 
A 1 37  LYS 37  38  38  LYS LYS A . n 
A 1 38  ASP 38  39  39  ASP ASP A . n 
A 1 39  ALA 39  40  40  ALA ALA A . n 
A 1 40  THR 40  41  41  THR THR A . n 
A 1 41  ASP 41  42  42  ASP ASP A . n 
A 1 42  ARG 42  43  43  ARG ARG A . n 
A 1 43  CYS 43  44  44  CYS CYS A . n 
A 1 44  CYS 44  45  45  CYS CYS A . n 
A 1 45  PHE 45  46  46  PHE PHE A . n 
A 1 46  VAL 46  47  47  VAL VAL A . n 
A 1 47  HIS 47  48  48  HIS HIS A . n 
A 1 48  ASP 48  49  49  ASP ASP A . n 
A 1 49  CYS 49  50  50  CYS CYS A . n 
A 1 50  CYS 50  51  51  CYS CYS A . n 
A 1 51  TYR 51  52  52  TYR TYR A . n 
A 1 52  GLY 52  53  53  GLY GLY A . n 
A 1 53  ASN 53  54  54  ASN ASN A . n 
A 1 54  LEU 54  55  55  LEU LEU A . n 
A 1 55  PRO 55  56  56  PRO PRO A . n 
A 1 56  ASP 56  59  59  ASP ASP A . n 
A 1 57  CYS 57  61  61  CYS CYS A . n 
A 1 58  ASN 58  67  67  ASN ASN A . n 
A 1 59  PRO 59  68  68  PRO PRO A . n 
A 1 60  LYS 60  69  69  LYS LYS A . n 
A 1 61  SER 61  70  70  SER SER A . n 
A 1 62  ASP 62  71  71  ASP ASP A . n 
A 1 63  ARG 63  72  72  ARG ARG A . n 
A 1 64  TYR 64  73  73  TYR TYR A . n 
A 1 65  LYS 65  74  74  LYS LYS A . n 
A 1 66  TYR 66  75  75  TYR TYR A . n 
A 1 67  LYS 67  76  76  LYS LYS A . n 
A 1 68  ARG 68  77  77  ARG ARG A . n 
A 1 69  VAL 69  78  78  VAL VAL A . n 
A 1 70  ASN 70  79  79  ASN ASN A . n 
A 1 71  GLY 71  80  80  GLY GLY A . n 
A 1 72  ALA 72  81  81  ALA ALA A . n 
A 1 73  ILE 73  82  82  ILE ILE A . n 
A 1 74  VAL 74  83  83  VAL VAL A . n 
A 1 75  CYS 75  84  84  CYS CYS A . n 
A 1 76  GLU 76  85  85  GLU GLU A . n 
A 1 77  LYS 77  86  86  LYS LYS A . n 
A 1 78  GLY 78  88  88  GLY GLY A . n 
A 1 79  THR 79  89  89  THR THR A . n 
A 1 80  SER 80  90  90  SER SER A . n 
A 1 81  CYS 81  91  91  CYS CYS A . n 
A 1 82  GLU 82  92  92  GLU GLU A . n 
A 1 83  ASN 83  93  93  ASN ASN A . n 
A 1 84  ARG 84  94  94  ARG ARG A . n 
A 1 85  ILE 85  95  95  ILE ILE A . n 
A 1 86  CYS 86  96  96  CYS CYS A . n 
A 1 87  GLU 87  97  97  GLU GLU A . n 
A 1 88  CYS 88  98  98  CYS CYS A . n 
A 1 89  ASP 89  99  99  ASP ASP A . n 
A 1 90  LYS 90  100 100 LYS LYS A . n 
A 1 91  ALA 91  101 101 ALA ALA A . n 
A 1 92  ALA 92  102 102 ALA ALA A . n 
A 1 93  ALA 93  103 103 ALA ALA A . n 
A 1 94  ILE 94  104 104 ILE ILE A . n 
A 1 95  CYS 95  105 105 CYS CYS A . n 
A 1 96  PHE 96  106 106 PHE PHE A . n 
A 1 97  ARG 97  107 107 ARG ARG A . n 
A 1 98  GLN 98  108 108 GLN GLN A . n 
A 1 99  ASN 99  109 109 ASN ASN A . n 
A 1 100 LEU 100 110 110 LEU LEU A . n 
A 1 101 ASN 101 111 111 ASN ASN A . n 
A 1 102 THR 102 112 112 THR THR A . n 
A 1 103 TYR 103 113 113 TYR TYR A . n 
A 1 104 SER 104 114 114 SER SER A . n 
A 1 105 LYS 105 115 115 LYS LYS A . n 
A 1 106 LYS 106 116 116 LYS LYS A . n 
A 1 107 TYR 107 117 117 TYR TYR A . n 
A 1 108 MET 108 118 118 MET MET A . n 
A 1 109 LEU 109 119 119 LEU LEU A . n 
A 1 110 TYR 110 120 120 TYR TYR A . n 
A 1 111 PRO 111 121 121 PRO PRO A . n 
A 1 112 ASP 112 122 122 ASP ASP A . n 
A 1 113 PHE 113 124 124 PHE PHE A . n 
A 1 114 LEU 114 125 125 LEU LEU A . n 
A 1 115 CYS 115 126 126 CYS CYS A . n 
A 1 116 LYS 116 127 127 LYS LYS A . n 
A 1 117 GLY 117 128 128 GLY GLY A . n 
A 1 118 GLU 118 129 129 GLU GLU A . n 
A 1 119 LEU 119 130 130 LEU LEU A . n 
A 1 120 LYS 120 131 131 LYS LYS A . n 
A 1 121 CYS 121 133 133 CYS CYS A . n 
# 
loop_
_pdbx_nonpoly_scheme.asym_id 
_pdbx_nonpoly_scheme.entity_id 
_pdbx_nonpoly_scheme.mon_id 
_pdbx_nonpoly_scheme.ndb_seq_num 
_pdbx_nonpoly_scheme.pdb_seq_num 
_pdbx_nonpoly_scheme.auth_seq_num 
_pdbx_nonpoly_scheme.pdb_mon_id 
_pdbx_nonpoly_scheme.auth_mon_id 
_pdbx_nonpoly_scheme.pdb_strand_id 
_pdbx_nonpoly_scheme.pdb_ins_code 
B 2 SO4 1   401 401 SO4 SO4 A . 
C 2 SO4 1   402 402 SO4 SO4 A . 
D 2 SO4 1   403 403 SO4 SO4 A . 
E 2 SO4 1   404 404 SO4 SO4 A . 
F 3 IMN 1   301 301 IMN IMN A . 
G 4 HOH 1   15  15  HOH HOH A . 
G 4 HOH 2   57  57  HOH HOH A . 
G 4 HOH 3   58  58  HOH HOH A . 
G 4 HOH 4   60  60  HOH HOH A . 
G 4 HOH 5   62  62  HOH HOH A . 
G 4 HOH 6   63  63  HOH HOH A . 
G 4 HOH 7   64  64  HOH HOH A . 
G 4 HOH 8   65  65  HOH HOH A . 
G 4 HOH 9   66  66  HOH HOH A . 
G 4 HOH 10  87  87  HOH HOH A . 
G 4 HOH 11  123 123 HOH HOH A . 
G 4 HOH 12  132 132 HOH HOH A . 
G 4 HOH 13  134 134 HOH HOH A . 
G 4 HOH 14  135 135 HOH HOH A . 
G 4 HOH 15  136 136 HOH HOH A . 
G 4 HOH 16  137 137 HOH HOH A . 
G 4 HOH 17  138 1   HOH HOH A . 
G 4 HOH 18  139 139 HOH HOH A . 
G 4 HOH 19  140 2   HOH HOH A . 
G 4 HOH 20  141 141 HOH HOH A . 
G 4 HOH 21  142 3   HOH HOH A . 
G 4 HOH 22  143 143 HOH HOH A . 
G 4 HOH 23  144 144 HOH HOH A . 
G 4 HOH 24  145 145 HOH HOH A . 
G 4 HOH 25  146 146 HOH HOH A . 
G 4 HOH 26  147 147 HOH HOH A . 
G 4 HOH 27  148 148 HOH HOH A . 
G 4 HOH 28  149 149 HOH HOH A . 
G 4 HOH 29  150 150 HOH HOH A . 
G 4 HOH 30  151 151 HOH HOH A . 
G 4 HOH 31  152 152 HOH HOH A . 
G 4 HOH 32  153 153 HOH HOH A . 
G 4 HOH 33  154 154 HOH HOH A . 
G 4 HOH 34  155 155 HOH HOH A . 
G 4 HOH 35  156 156 HOH HOH A . 
G 4 HOH 36  157 157 HOH HOH A . 
G 4 HOH 37  158 158 HOH HOH A . 
G 4 HOH 38  159 159 HOH HOH A . 
G 4 HOH 39  160 160 HOH HOH A . 
G 4 HOH 40  161 161 HOH HOH A . 
G 4 HOH 41  162 162 HOH HOH A . 
G 4 HOH 42  163 163 HOH HOH A . 
G 4 HOH 43  164 164 HOH HOH A . 
G 4 HOH 44  165 165 HOH HOH A . 
G 4 HOH 45  166 166 HOH HOH A . 
G 4 HOH 46  167 167 HOH HOH A . 
G 4 HOH 47  168 168 HOH HOH A . 
G 4 HOH 48  169 169 HOH HOH A . 
G 4 HOH 49  170 170 HOH HOH A . 
G 4 HOH 50  171 171 HOH HOH A . 
G 4 HOH 51  172 172 HOH HOH A . 
G 4 HOH 52  173 173 HOH HOH A . 
G 4 HOH 53  174 174 HOH HOH A . 
G 4 HOH 54  175 175 HOH HOH A . 
G 4 HOH 55  176 176 HOH HOH A . 
G 4 HOH 56  177 177 HOH HOH A . 
G 4 HOH 57  178 178 HOH HOH A . 
G 4 HOH 58  179 179 HOH HOH A . 
G 4 HOH 59  180 180 HOH HOH A . 
G 4 HOH 60  181 181 HOH HOH A . 
G 4 HOH 61  182 182 HOH HOH A . 
G 4 HOH 62  183 183 HOH HOH A . 
G 4 HOH 63  184 4   HOH HOH A . 
G 4 HOH 64  185 185 HOH HOH A . 
G 4 HOH 65  186 186 HOH HOH A . 
G 4 HOH 66  187 187 HOH HOH A . 
G 4 HOH 67  188 188 HOH HOH A . 
G 4 HOH 68  189 189 HOH HOH A . 
G 4 HOH 69  190 190 HOH HOH A . 
G 4 HOH 70  191 191 HOH HOH A . 
G 4 HOH 71  192 192 HOH HOH A . 
G 4 HOH 72  193 5   HOH HOH A . 
G 4 HOH 73  194 194 HOH HOH A . 
G 4 HOH 74  195 195 HOH HOH A . 
G 4 HOH 75  196 196 HOH HOH A . 
G 4 HOH 76  197 197 HOH HOH A . 
G 4 HOH 77  198 198 HOH HOH A . 
G 4 HOH 78  199 199 HOH HOH A . 
G 4 HOH 79  200 200 HOH HOH A . 
G 4 HOH 80  201 201 HOH HOH A . 
G 4 HOH 81  202 202 HOH HOH A . 
G 4 HOH 82  203 203 HOH HOH A . 
G 4 HOH 83  204 6   HOH HOH A . 
G 4 HOH 84  205 205 HOH HOH A . 
G 4 HOH 85  206 206 HOH HOH A . 
G 4 HOH 86  207 207 HOH HOH A . 
G 4 HOH 87  208 208 HOH HOH A . 
G 4 HOH 88  209 209 HOH HOH A . 
G 4 HOH 89  210 210 HOH HOH A . 
G 4 HOH 90  211 211 HOH HOH A . 
G 4 HOH 91  212 212 HOH HOH A . 
G 4 HOH 92  213 213 HOH HOH A . 
G 4 HOH 93  214 7   HOH HOH A . 
G 4 HOH 94  215 215 HOH HOH A . 
G 4 HOH 95  216 216 HOH HOH A . 
G 4 HOH 96  217 217 HOH HOH A . 
G 4 HOH 97  218 218 HOH HOH A . 
G 4 HOH 98  219 219 HOH HOH A . 
G 4 HOH 99  220 220 HOH HOH A . 
G 4 HOH 100 221 221 HOH HOH A . 
G 4 HOH 101 222 8   HOH HOH A . 
G 4 HOH 102 223 223 HOH HOH A . 
G 4 HOH 103 224 224 HOH HOH A . 
G 4 HOH 104 225 225 HOH HOH A . 
G 4 HOH 105 226 226 HOH HOH A . 
G 4 HOH 106 227 227 HOH HOH A . 
G 4 HOH 107 228 228 HOH HOH A . 
G 4 HOH 108 229 229 HOH HOH A . 
G 4 HOH 109 230 230 HOH HOH A . 
G 4 HOH 110 231 231 HOH HOH A . 
G 4 HOH 111 232 232 HOH HOH A . 
G 4 HOH 112 233 233 HOH HOH A . 
G 4 HOH 113 234 234 HOH HOH A . 
G 4 HOH 114 235 9   HOH HOH A . 
G 4 HOH 115 236 10  HOH HOH A . 
G 4 HOH 116 237 11  HOH HOH A . 
G 4 HOH 117 238 12  HOH HOH A . 
G 4 HOH 118 239 13  HOH HOH A . 
G 4 HOH 119 240 14  HOH HOH A . 
G 4 HOH 120 241 16  HOH HOH A . 
G 4 HOH 121 242 17  HOH HOH A . 
G 4 HOH 122 243 18  HOH HOH A . 
G 4 HOH 123 244 19  HOH HOH A . 
G 4 HOH 124 245 20  HOH HOH A . 
G 4 HOH 125 246 21  HOH HOH A . 
G 4 HOH 126 247 22  HOH HOH A . 
G 4 HOH 127 248 23  HOH HOH A . 
G 4 HOH 128 249 24  HOH HOH A . 
G 4 HOH 129 250 25  HOH HOH A . 
G 4 HOH 130 251 26  HOH HOH A . 
G 4 HOH 131 252 27  HOH HOH A . 
G 4 HOH 132 253 28  HOH HOH A . 
G 4 HOH 133 254 29  HOH HOH A . 
G 4 HOH 134 255 30  HOH HOH A . 
G 4 HOH 135 256 31  HOH HOH A . 
G 4 HOH 136 257 32  HOH HOH A . 
G 4 HOH 137 258 33  HOH HOH A . 
G 4 HOH 138 259 34  HOH HOH A . 
G 4 HOH 139 260 35  HOH HOH A . 
G 4 HOH 140 261 36  HOH HOH A . 
G 4 HOH 141 262 37  HOH HOH A . 
G 4 HOH 142 263 38  HOH HOH A . 
G 4 HOH 143 264 39  HOH HOH A . 
G 4 HOH 144 265 40  HOH HOH A . 
G 4 HOH 145 266 41  HOH HOH A . 
G 4 HOH 146 267 42  HOH HOH A . 
G 4 HOH 147 268 43  HOH HOH A . 
G 4 HOH 148 269 44  HOH HOH A . 
G 4 HOH 149 270 45  HOH HOH A . 
G 4 HOH 150 271 46  HOH HOH A . 
G 4 HOH 151 272 47  HOH HOH A . 
G 4 HOH 152 273 48  HOH HOH A . 
G 4 HOH 153 274 49  HOH HOH A . 
G 4 HOH 154 275 50  HOH HOH A . 
G 4 HOH 155 276 51  HOH HOH A . 
G 4 HOH 156 277 52  HOH HOH A . 
G 4 HOH 157 278 53  HOH HOH A . 
G 4 HOH 158 279 54  HOH HOH A . 
G 4 HOH 159 280 55  HOH HOH A . 
G 4 HOH 160 281 56  HOH HOH A . 
G 4 HOH 161 282 59  HOH HOH A . 
G 4 HOH 162 283 61  HOH HOH A . 
G 4 HOH 163 284 67  HOH HOH A . 
G 4 HOH 164 285 68  HOH HOH A . 
G 4 HOH 165 286 69  HOH HOH A . 
G 4 HOH 166 287 70  HOH HOH A . 
G 4 HOH 167 288 71  HOH HOH A . 
G 4 HOH 168 289 72  HOH HOH A . 
G 4 HOH 169 290 73  HOH HOH A . 
G 4 HOH 170 291 74  HOH HOH A . 
G 4 HOH 171 292 75  HOH HOH A . 
G 4 HOH 172 293 76  HOH HOH A . 
G 4 HOH 173 294 77  HOH HOH A . 
G 4 HOH 174 295 78  HOH HOH A . 
G 4 HOH 175 296 79  HOH HOH A . 
G 4 HOH 176 297 81  HOH HOH A . 
G 4 HOH 177 298 82  HOH HOH A . 
G 4 HOH 178 299 83  HOH HOH A . 
G 4 HOH 179 300 84  HOH HOH A . 
G 4 HOH 180 302 85  HOH HOH A . 
G 4 HOH 181 303 86  HOH HOH A . 
G 4 HOH 182 304 88  HOH HOH A . 
G 4 HOH 183 305 89  HOH HOH A . 
G 4 HOH 184 306 91  HOH HOH A . 
G 4 HOH 185 307 92  HOH HOH A . 
G 4 HOH 186 308 93  HOH HOH A . 
G 4 HOH 187 309 94  HOH HOH A . 
G 4 HOH 188 310 95  HOH HOH A . 
G 4 HOH 189 311 96  HOH HOH A . 
G 4 HOH 190 312 97  HOH HOH A . 
G 4 HOH 191 313 98  HOH HOH A . 
G 4 HOH 192 314 99  HOH HOH A . 
G 4 HOH 193 315 100 HOH HOH A . 
G 4 HOH 194 316 101 HOH HOH A . 
G 4 HOH 195 317 102 HOH HOH A . 
G 4 HOH 196 318 103 HOH HOH A . 
G 4 HOH 197 319 104 HOH HOH A . 
G 4 HOH 198 320 105 HOH HOH A . 
G 4 HOH 199 321 106 HOH HOH A . 
G 4 HOH 200 322 107 HOH HOH A . 
G 4 HOH 201 323 108 HOH HOH A . 
G 4 HOH 202 324 109 HOH HOH A . 
G 4 HOH 203 325 110 HOH HOH A . 
G 4 HOH 204 326 111 HOH HOH A . 
G 4 HOH 205 327 112 HOH HOH A . 
G 4 HOH 206 328 113 HOH HOH A . 
G 4 HOH 207 329 114 HOH HOH A . 
G 4 HOH 208 330 115 HOH HOH A . 
G 4 HOH 209 331 116 HOH HOH A . 
G 4 HOH 210 332 117 HOH HOH A . 
G 4 HOH 211 333 118 HOH HOH A . 
G 4 HOH 212 334 119 HOH HOH A . 
G 4 HOH 213 335 120 HOH HOH A . 
G 4 HOH 214 336 121 HOH HOH A . 
G 4 HOH 215 337 122 HOH HOH A . 
G 4 HOH 216 338 124 HOH HOH A . 
G 4 HOH 217 339 125 HOH HOH A . 
G 4 HOH 218 340 126 HOH HOH A . 
G 4 HOH 219 341 127 HOH HOH A . 
G 4 HOH 220 342 128 HOH HOH A . 
G 4 HOH 221 343 129 HOH HOH A . 
G 4 HOH 222 344 130 HOH HOH A . 
G 4 HOH 223 345 131 HOH HOH A . 
G 4 HOH 224 346 133 HOH HOH A . 
# 
loop_
_software.name 
_software.classification 
_software.version 
_software.citation_id 
_software.pdbx_ordinal 
HKL-2000  'data collection' . ? 1 
AMoRE     phasing           . ? 2 
REFMAC    refinement        5 ? 3 
DENZO     'data reduction'  . ? 4 
SCALEPACK 'data scaling'    . ? 5 
# 
_cell.entry_id           3FO7 
_cell.length_a           51.660 
_cell.length_b           51.660 
_cell.length_c           48.003 
_cell.angle_alpha        90.00 
_cell.angle_beta         90.00 
_cell.angle_gamma        90.00 
_cell.Z_PDB              4 
_cell.pdbx_unique_axis   ? 
_cell.length_a_esd       ? 
_cell.length_b_esd       ? 
_cell.length_c_esd       ? 
_cell.angle_alpha_esd    ? 
_cell.angle_beta_esd     ? 
_cell.angle_gamma_esd    ? 
# 
_symmetry.entry_id                         3FO7 
_symmetry.space_group_name_H-M             'P 43' 
_symmetry.pdbx_full_space_group_name_H-M   ? 
_symmetry.cell_setting                     ? 
_symmetry.Int_Tables_number                78 
_symmetry.space_group_name_Hall            ? 
# 
_exptl.entry_id          3FO7 
_exptl.method            'X-RAY DIFFRACTION' 
_exptl.crystals_number   1 
# 
_exptl_crystal.id                    1 
_exptl_crystal.density_meas          ? 
_exptl_crystal.density_Matthews      2.40 
_exptl_crystal.density_percent_sol   48.50 
_exptl_crystal.description           ? 
_exptl_crystal.F_000                 ? 
_exptl_crystal.preparation           ? 
# 
_exptl_crystal_grow.crystal_id      1 
_exptl_crystal_grow.method          'VAPOR DIFFUSION, HANGING DROP' 
_exptl_crystal_grow.temp            298 
_exptl_crystal_grow.temp_details    ? 
_exptl_crystal_grow.pH              7.00 
_exptl_crystal_grow.pdbx_details    
'0.3M AMMONIUM SULPHATE, 30% PEG 4000, pH 7.00, VAPOR DIFFUSION, HANGING DROP, temperature 298K' 
_exptl_crystal_grow.pdbx_pH_range   . 
# 
_diffrn.id                     1 
_diffrn.ambient_temp           298 
_diffrn.ambient_temp_details   ? 
_diffrn.crystal_id             1 
# 
_diffrn_detector.diffrn_id              1 
_diffrn_detector.detector               'IMAGE PLATE' 
_diffrn_detector.type                   MARRESEARCH 
_diffrn_detector.pdbx_collection_date   2006-10-10 
_diffrn_detector.details                Mirror 
# 
_diffrn_radiation.diffrn_id                        1 
_diffrn_radiation.wavelength_id                    1 
_diffrn_radiation.pdbx_monochromatic_or_laue_m_l   M 
_diffrn_radiation.monochromator                    Graphite 
_diffrn_radiation.pdbx_diffrn_protocol             'SINGLE WAVELENGTH' 
_diffrn_radiation.pdbx_scattering_type             x-ray 
# 
_diffrn_radiation_wavelength.id           1 
_diffrn_radiation_wavelength.wavelength   1.5414 
_diffrn_radiation_wavelength.wt           1.0 
# 
_diffrn_source.diffrn_id                   1 
_diffrn_source.source                      'ROTATING ANODE' 
_diffrn_source.type                        'RIGAKU RU300' 
_diffrn_source.pdbx_synchrotron_site       ? 
_diffrn_source.pdbx_synchrotron_beamline   ? 
_diffrn_source.pdbx_wavelength             ? 
_diffrn_source.pdbx_wavelength_list        1.5414 
# 
_reflns.entry_id                     3FO7 
_reflns.observed_criterion_sigma_I   0.000 
_reflns.observed_criterion_sigma_F   0.0 
_reflns.d_resolution_low             51.990 
_reflns.d_resolution_high            1.400 
_reflns.number_obs                   24939 
_reflns.number_all                   24939 
_reflns.percent_possible_obs         99.2 
_reflns.pdbx_Rmerge_I_obs            ? 
_reflns.pdbx_Rsym_value              0.04500 
_reflns.pdbx_netI_over_sigmaI        19.5000 
_reflns.B_iso_Wilson_estimate        21.50 
_reflns.pdbx_redundancy              19.700 
_reflns.R_free_details               ? 
_reflns.limit_h_max                  ? 
_reflns.limit_h_min                  ? 
_reflns.limit_k_max                  ? 
_reflns.limit_k_min                  ? 
_reflns.limit_l_max                  ? 
_reflns.limit_l_min                  ? 
_reflns.observed_criterion_F_max     ? 
_reflns.observed_criterion_F_min     ? 
_reflns.pdbx_chi_squared             ? 
_reflns.pdbx_scaling_rejects         ? 
_reflns.pdbx_diffrn_id               1 
_reflns.pdbx_ordinal                 1 
# 
_reflns_shell.d_res_high             1.40 
_reflns_shell.d_res_low              1.42 
_reflns_shell.percent_possible_all   100.0 
_reflns_shell.Rmerge_I_obs           ? 
_reflns_shell.pdbx_Rsym_value        0.41800 
_reflns_shell.meanI_over_sigI_obs    2.900 
_reflns_shell.pdbx_redundancy        ? 
_reflns_shell.percent_possible_obs   ? 
_reflns_shell.number_unique_all      ? 
_reflns_shell.number_measured_all    ? 
_reflns_shell.number_measured_obs    ? 
_reflns_shell.number_unique_obs      ? 
_reflns_shell.pdbx_chi_squared       ? 
_reflns_shell.pdbx_diffrn_id         ? 
_reflns_shell.pdbx_ordinal           1 
# 
_refine.entry_id                                 3FO7 
_refine.ls_number_reflns_obs                     23491 
_refine.ls_number_reflns_all                     24939 
_refine.pdbx_ls_sigma_I                          ? 
_refine.pdbx_ls_sigma_F                          0.000 
_refine.pdbx_data_cutoff_high_absF               ? 
_refine.pdbx_data_cutoff_low_absF                ? 
_refine.pdbx_data_cutoff_high_rms_absF           ? 
_refine.ls_d_res_low                             51.99 
_refine.ls_d_res_high                            1.40 
_refine.ls_percent_reflns_obs                    99.2 
_refine.ls_R_factor_obs                          0.188 
_refine.ls_R_factor_all                          0.19042 
_refine.ls_R_factor_R_work                       0.188 
_refine.ls_R_factor_R_free                       0.202 
_refine.ls_R_factor_R_free_error                 ? 
_refine.ls_R_factor_R_free_error_details         ? 
_refine.ls_percent_reflns_R_free                 5.100 
_refine.ls_number_reflns_R_free                  1262 
_refine.ls_number_parameters                     ? 
_refine.ls_number_restraints                     ? 
_refine.occupancy_min                            ? 
_refine.occupancy_max                            ? 
_refine.correlation_coeff_Fo_to_Fc               0.956 
_refine.correlation_coeff_Fo_to_Fc_free          0.962 
_refine.B_iso_mean                               22.37 
_refine.aniso_B[1][1]                            0.34000 
_refine.aniso_B[2][2]                            0.34000 
_refine.aniso_B[3][3]                            -0.68000 
_refine.aniso_B[1][2]                            0.00000 
_refine.aniso_B[1][3]                            0.00000 
_refine.aniso_B[2][3]                            0.00000 
_refine.solvent_model_details                    'BABINET MODEL WITH MASK' 
_refine.solvent_model_param_ksol                 ? 
_refine.solvent_model_param_bsol                 ? 
_refine.pdbx_solvent_vdw_probe_radii             1.40 
_refine.pdbx_solvent_ion_probe_radii             0.80 
_refine.pdbx_solvent_shrinkage_radii             0.80 
_refine.pdbx_ls_cross_valid_method               THROUGHOUT 
_refine.details                                  'HYDROGENS HAVE BEEN ADDED IN THE RIDING POSITIONS' 
_refine.pdbx_starting_model                      1SKG 
_refine.pdbx_method_to_determine_struct          'MOLECULAR REPLACEMENT' 
_refine.pdbx_isotropic_thermal_model             ? 
_refine.pdbx_stereochemistry_target_values       'MAXIMUM LIKELIHOOD' 
_refine.pdbx_stereochem_target_val_spec_case     ? 
_refine.pdbx_R_Free_selection_details            RANDOM 
_refine.pdbx_overall_ESU_R                       0.078 
_refine.pdbx_overall_ESU_R_Free                  0.069 
_refine.overall_SU_ML                            0.063 
_refine.overall_SU_B                             1.569 
_refine.ls_redundancy_reflns_obs                 ? 
_refine.B_iso_min                                ? 
_refine.B_iso_max                                ? 
_refine.overall_SU_R_Cruickshank_DPI             ? 
_refine.overall_SU_R_free                        ? 
_refine.ls_wR_factor_R_free                      ? 
_refine.ls_wR_factor_R_work                      ? 
_refine.overall_FOM_free_R_set                   ? 
_refine.overall_FOM_work_R_set                   ? 
_refine.pdbx_refine_id                           'X-RAY DIFFRACTION' 
_refine.pdbx_overall_phase_error                 ? 
_refine.pdbx_diffrn_id                           1 
_refine.pdbx_TLS_residual_ADP_flag               ? 
_refine.pdbx_overall_SU_R_free_Cruickshank_DPI   ? 
_refine.pdbx_overall_SU_R_Blow_DPI               ? 
_refine.pdbx_overall_SU_R_free_Blow_DPI          ? 
# 
_refine_hist.pdbx_refine_id                   'X-RAY DIFFRACTION' 
_refine_hist.cycle_id                         LAST 
_refine_hist.pdbx_number_atoms_protein        998 
_refine_hist.pdbx_number_atoms_nucleic_acid   0 
_refine_hist.pdbx_number_atoms_ligand         45 
_refine_hist.number_atoms_solvent             224 
_refine_hist.number_atoms_total               1267 
_refine_hist.d_res_high                       1.40 
_refine_hist.d_res_low                        51.99 
# 
loop_
_refine_ls_restr.type 
_refine_ls_restr.dev_ideal 
_refine_ls_restr.dev_ideal_target 
_refine_ls_restr.weight 
_refine_ls_restr.number 
_refine_ls_restr.pdbx_refine_id 
_refine_ls_restr.pdbx_restraint_function 
r_bond_refined_d             0.007  0.021  ? 1067 'X-RAY DIFFRACTION' ? 
r_bond_other_d               0.001  0.020  ? 884  'X-RAY DIFFRACTION' ? 
r_angle_refined_deg          1.675  2.025  ? 1465 'X-RAY DIFFRACTION' ? 
r_angle_other_deg            0.755  3.000  ? 2092 'X-RAY DIFFRACTION' ? 
r_dihedral_angle_1_deg       2.317  3.000  ? 139  'X-RAY DIFFRACTION' ? 
r_dihedral_angle_2_deg       ?      ?      ? ?    'X-RAY DIFFRACTION' ? 
r_dihedral_angle_3_deg       16.907 15.000 ? 200  'X-RAY DIFFRACTION' ? 
r_dihedral_angle_4_deg       ?      ?      ? ?    'X-RAY DIFFRACTION' ? 
r_chiral_restr               0.080  0.200  ? 140  'X-RAY DIFFRACTION' ? 
r_gen_planes_refined         0.005  0.020  ? 1151 'X-RAY DIFFRACTION' ? 
r_gen_planes_other           0.002  0.020  ? 214  'X-RAY DIFFRACTION' ? 
r_nbd_refined                0.395  0.300  ? 354  'X-RAY DIFFRACTION' ? 
r_nbd_other                  0.232  0.300  ? 967  'X-RAY DIFFRACTION' ? 
r_nbtor_refined              ?      ?      ? ?    'X-RAY DIFFRACTION' ? 
r_nbtor_other                ?      ?      ? ?    'X-RAY DIFFRACTION' ? 
r_xyhbond_nbd_refined        0.189  0.500  ? 115  'X-RAY DIFFRACTION' ? 
r_xyhbond_nbd_other          0.083  0.500  ? 1    'X-RAY DIFFRACTION' ? 
r_metal_ion_refined          ?      ?      ? ?    'X-RAY DIFFRACTION' ? 
r_metal_ion_other            ?      ?      ? ?    'X-RAY DIFFRACTION' ? 
r_symmetry_vdw_refined       0.124  0.300  ? 16   'X-RAY DIFFRACTION' ? 
r_symmetry_vdw_other         0.207  0.300  ? 56   'X-RAY DIFFRACTION' ? 
r_symmetry_hbond_refined     0.204  0.500  ? 10   'X-RAY DIFFRACTION' ? 
r_symmetry_hbond_other       0.008  0.500  ? 1    'X-RAY DIFFRACTION' ? 
r_symmetry_metal_ion_refined ?      ?      ? ?    'X-RAY DIFFRACTION' ? 
r_symmetry_metal_ion_other   ?      ?      ? ?    'X-RAY DIFFRACTION' ? 
r_mcbond_it                  0.604  1.500  ? 635  'X-RAY DIFFRACTION' ? 
r_mcbond_other               ?      ?      ? ?    'X-RAY DIFFRACTION' ? 
r_mcangle_it                 1.116  2.000  ? 1041 'X-RAY DIFFRACTION' ? 
r_scbond_it                  1.304  3.000  ? 432  'X-RAY DIFFRACTION' ? 
r_scangle_it                 2.081  4.500  ? 424  'X-RAY DIFFRACTION' ? 
r_rigid_bond_restr           ?      ?      ? ?    'X-RAY DIFFRACTION' ? 
r_sphericity_free            ?      ?      ? ?    'X-RAY DIFFRACTION' ? 
r_sphericity_bonded          ?      ?      ? ?    'X-RAY DIFFRACTION' ? 
# 
_refine_ls_shell.pdbx_total_number_of_bins_used   20 
_refine_ls_shell.d_res_high                       1.40 
_refine_ls_shell.d_res_low                        1.44 
_refine_ls_shell.number_reflns_R_work             1755 
_refine_ls_shell.R_factor_R_work                  0.2700 
_refine_ls_shell.percent_reflns_obs               ? 
_refine_ls_shell.R_factor_R_free                  0.2810 
_refine_ls_shell.R_factor_R_free_error            ? 
_refine_ls_shell.percent_reflns_R_free            ? 
_refine_ls_shell.number_reflns_R_free             100 
_refine_ls_shell.number_reflns_all                ? 
_refine_ls_shell.R_factor_all                     ? 
_refine_ls_shell.number_reflns_obs                ? 
_refine_ls_shell.redundancy_reflns_obs            ? 
_refine_ls_shell.pdbx_refine_id                   'X-RAY DIFFRACTION' 
# 
_struct.entry_id                  3FO7 
_struct.title                     
;Simultaneous inhibition of anti-coagulation and inflammation: Crystal structure of phospholipase A2 complexed with indomethacin at 1.4 A resolution reveals the presence of the new common ligand binding site
;
_struct.pdbx_model_details        ? 
_struct.pdbx_CASP_flag            ? 
_struct.pdbx_model_type_details   ? 
# 
_struct_keywords.entry_id        3FO7 
_struct_keywords.pdbx_keywords   HYDROLASE 
_struct_keywords.text            'PLA2, Anti-inflammatory, Anti-coagulant, Indomethacin, Hydrolase' 
# 
loop_
_struct_asym.id 
_struct_asym.pdbx_blank_PDB_chainid_flag 
_struct_asym.pdbx_modified 
_struct_asym.entity_id 
_struct_asym.details 
A N N 1 ? 
B N N 2 ? 
C N N 2 ? 
D N N 2 ? 
E N N 2 ? 
F N N 3 ? 
G N N 4 ? 
# 
_struct_ref.id                         1 
_struct_ref.db_name                    PDB 
_struct_ref.db_code                    3FO7 
_struct_ref.pdbx_db_accession          3FO7 
_struct_ref.entity_id                  1 
_struct_ref.pdbx_align_begin           ? 
_struct_ref.pdbx_seq_one_letter_code   ? 
_struct_ref.pdbx_db_isoform            ? 
# 
_struct_ref_seq.align_id                      1 
_struct_ref_seq.ref_id                        1 
_struct_ref_seq.pdbx_PDB_id_code              3FO7 
_struct_ref_seq.pdbx_strand_id                A 
_struct_ref_seq.seq_align_beg                 1 
_struct_ref_seq.pdbx_seq_align_beg_ins_code   ? 
_struct_ref_seq.seq_align_end                 121 
_struct_ref_seq.pdbx_seq_align_end_ins_code   ? 
_struct_ref_seq.pdbx_db_accession             3FO7 
_struct_ref_seq.db_align_beg                  1 
_struct_ref_seq.pdbx_db_align_beg_ins_code    ? 
_struct_ref_seq.db_align_end                  133 
_struct_ref_seq.pdbx_db_align_end_ins_code    ? 
_struct_ref_seq.pdbx_auth_seq_align_beg       1 
_struct_ref_seq.pdbx_auth_seq_align_end       133 
# 
_pdbx_struct_assembly.id                   1 
_pdbx_struct_assembly.details              author_and_software_defined_assembly 
_pdbx_struct_assembly.method_details       PISA 
_pdbx_struct_assembly.oligomeric_details   monomeric 
_pdbx_struct_assembly.oligomeric_count     1 
# 
_pdbx_struct_assembly_gen.assembly_id       1 
_pdbx_struct_assembly_gen.oper_expression   1 
_pdbx_struct_assembly_gen.asym_id_list      A,B,C,D,E,F,G 
# 
_pdbx_struct_oper_list.id                   1 
_pdbx_struct_oper_list.type                 'identity operation' 
_pdbx_struct_oper_list.name                 1_555 
_pdbx_struct_oper_list.symmetry_operation   x,y,z 
_pdbx_struct_oper_list.matrix[1][1]         1.0000000000 
_pdbx_struct_oper_list.matrix[1][2]         0.0000000000 
_pdbx_struct_oper_list.matrix[1][3]         0.0000000000 
_pdbx_struct_oper_list.vector[1]            0.0000000000 
_pdbx_struct_oper_list.matrix[2][1]         0.0000000000 
_pdbx_struct_oper_list.matrix[2][2]         1.0000000000 
_pdbx_struct_oper_list.matrix[2][3]         0.0000000000 
_pdbx_struct_oper_list.vector[2]            0.0000000000 
_pdbx_struct_oper_list.matrix[3][1]         0.0000000000 
_pdbx_struct_oper_list.matrix[3][2]         0.0000000000 
_pdbx_struct_oper_list.matrix[3][3]         1.0000000000 
_pdbx_struct_oper_list.vector[3]            0.0000000000 
# 
_struct_biol.id        1 
_struct_biol.details   ? 
# 
loop_
_struct_conf.conf_type_id 
_struct_conf.id 
_struct_conf.pdbx_PDB_helix_id 
_struct_conf.beg_label_comp_id 
_struct_conf.beg_label_asym_id 
_struct_conf.beg_label_seq_id 
_struct_conf.pdbx_beg_PDB_ins_code 
_struct_conf.end_label_comp_id 
_struct_conf.end_label_asym_id 
_struct_conf.end_label_seq_id 
_struct_conf.pdbx_end_PDB_ins_code 
_struct_conf.beg_auth_comp_id 
_struct_conf.beg_auth_asym_id 
_struct_conf.beg_auth_seq_id 
_struct_conf.end_auth_comp_id 
_struct_conf.end_auth_asym_id 
_struct_conf.end_auth_seq_id 
_struct_conf.pdbx_PDB_helix_class 
_struct_conf.details 
_struct_conf.pdbx_PDB_helix_length 
HELX_P HELX_P1 1 SER A 1   ? GLY A 14  ? SER A 1   GLY A 14  1 ? 14 
HELX_P HELX_P2 2 LEU A 16  ? TYR A 21  ? LEU A 17  TYR A 22  1 ? 6  
HELX_P HELX_P3 3 ASP A 38  ? ASN A 53  ? ASP A 39  ASN A 54  1 ? 16 
HELX_P HELX_P4 4 THR A 79  ? ASN A 99  ? THR A 89  ASN A 109 1 ? 21 
HELX_P HELX_P5 5 LEU A 100 ? TYR A 103 ? LEU A 110 TYR A 113 5 ? 4  
HELX_P HELX_P6 6 SER A 104 ? MET A 108 ? SER A 114 MET A 118 5 ? 5  
HELX_P HELX_P7 7 PRO A 111 ? CYS A 115 ? PRO A 121 CYS A 126 5 ? 5  
# 
_struct_conf_type.id          HELX_P 
_struct_conf_type.criteria    ? 
_struct_conf_type.reference   ? 
# 
loop_
_struct_conn.id 
_struct_conn.conn_type_id 
_struct_conn.pdbx_leaving_atom_flag 
_struct_conn.pdbx_PDB_id 
_struct_conn.ptnr1_label_asym_id 
_struct_conn.ptnr1_label_comp_id 
_struct_conn.ptnr1_label_seq_id 
_struct_conn.ptnr1_label_atom_id 
_struct_conn.pdbx_ptnr1_label_alt_id 
_struct_conn.pdbx_ptnr1_PDB_ins_code 
_struct_conn.pdbx_ptnr1_standard_comp_id 
_struct_conn.ptnr1_symmetry 
_struct_conn.ptnr2_label_asym_id 
_struct_conn.ptnr2_label_comp_id 
_struct_conn.ptnr2_label_seq_id 
_struct_conn.ptnr2_label_atom_id 
_struct_conn.pdbx_ptnr2_label_alt_id 
_struct_conn.pdbx_ptnr2_PDB_ins_code 
_struct_conn.ptnr1_auth_asym_id 
_struct_conn.ptnr1_auth_comp_id 
_struct_conn.ptnr1_auth_seq_id 
_struct_conn.ptnr2_auth_asym_id 
_struct_conn.ptnr2_auth_comp_id 
_struct_conn.ptnr2_auth_seq_id 
_struct_conn.ptnr2_symmetry 
_struct_conn.pdbx_ptnr3_label_atom_id 
_struct_conn.pdbx_ptnr3_label_seq_id 
_struct_conn.pdbx_ptnr3_label_comp_id 
_struct_conn.pdbx_ptnr3_label_asym_id 
_struct_conn.pdbx_ptnr3_label_alt_id 
_struct_conn.pdbx_ptnr3_PDB_ins_code 
_struct_conn.details 
_struct_conn.pdbx_dist_value 
_struct_conn.pdbx_value_order 
_struct_conn.pdbx_role 
disulf1 disulf ? ? A CYS 26 SG ? ? ? 1_555 A CYS 115 SG ? ? A CYS 27 A CYS 126 1_555 ? ? ? ? ? ? ? 2.035 ? ? 
disulf2 disulf ? ? A CYS 28 SG ? ? ? 1_555 A CYS 44  SG ? ? A CYS 29 A CYS 45  1_555 ? ? ? ? ? ? ? 2.033 ? ? 
disulf3 disulf ? ? A CYS 43 SG ? ? ? 1_555 A CYS 95  SG ? ? A CYS 44 A CYS 105 1_555 ? ? ? ? ? ? ? 2.030 ? ? 
disulf4 disulf ? ? A CYS 49 SG ? ? ? 1_555 A CYS 121 SG ? ? A CYS 50 A CYS 133 1_555 ? ? ? ? ? ? ? 2.035 ? ? 
disulf5 disulf ? ? A CYS 50 SG ? ? ? 1_555 A CYS 88  SG ? ? A CYS 51 A CYS 98  1_555 ? ? ? ? ? ? ? 2.028 ? ? 
disulf6 disulf ? ? A CYS 57 SG ? ? ? 1_555 A CYS 81  SG ? ? A CYS 61 A CYS 91  1_555 ? ? ? ? ? ? ? 2.049 ? ? 
disulf7 disulf ? ? A CYS 75 SG ? ? ? 1_555 A CYS 86  SG ? ? A CYS 84 A CYS 96  1_555 ? ? ? ? ? ? ? 2.046 ? ? 
# 
_struct_conn_type.id          disulf 
_struct_conn_type.criteria    ? 
_struct_conn_type.reference   ? 
# 
loop_
_pdbx_modification_feature.ordinal 
_pdbx_modification_feature.label_comp_id 
_pdbx_modification_feature.label_asym_id 
_pdbx_modification_feature.label_seq_id 
_pdbx_modification_feature.label_alt_id 
_pdbx_modification_feature.modified_residue_label_comp_id 
_pdbx_modification_feature.modified_residue_label_asym_id 
_pdbx_modification_feature.modified_residue_label_seq_id 
_pdbx_modification_feature.modified_residue_label_alt_id 
_pdbx_modification_feature.auth_comp_id 
_pdbx_modification_feature.auth_asym_id 
_pdbx_modification_feature.auth_seq_id 
_pdbx_modification_feature.PDB_ins_code 
_pdbx_modification_feature.symmetry 
_pdbx_modification_feature.modified_residue_auth_comp_id 
_pdbx_modification_feature.modified_residue_auth_asym_id 
_pdbx_modification_feature.modified_residue_auth_seq_id 
_pdbx_modification_feature.modified_residue_PDB_ins_code 
_pdbx_modification_feature.modified_residue_symmetry 
_pdbx_modification_feature.comp_id_linking_atom 
_pdbx_modification_feature.modified_residue_id_linking_atom 
_pdbx_modification_feature.modified_residue_id 
_pdbx_modification_feature.ref_pcm_id 
_pdbx_modification_feature.ref_comp_id 
_pdbx_modification_feature.type 
_pdbx_modification_feature.category 
1 CYS A 26 ? CYS A 115 ? CYS A 27 ? 1_555 CYS A 126 ? 1_555 SG SG . . . None 'Disulfide bridge' 
2 CYS A 28 ? CYS A 44  ? CYS A 29 ? 1_555 CYS A 45  ? 1_555 SG SG . . . None 'Disulfide bridge' 
3 CYS A 43 ? CYS A 95  ? CYS A 44 ? 1_555 CYS A 105 ? 1_555 SG SG . . . None 'Disulfide bridge' 
4 CYS A 49 ? CYS A 121 ? CYS A 50 ? 1_555 CYS A 133 ? 1_555 SG SG . . . None 'Disulfide bridge' 
5 CYS A 50 ? CYS A 88  ? CYS A 51 ? 1_555 CYS A 98  ? 1_555 SG SG . . . None 'Disulfide bridge' 
6 CYS A 57 ? CYS A 81  ? CYS A 61 ? 1_555 CYS A 91  ? 1_555 SG SG . . . None 'Disulfide bridge' 
7 CYS A 75 ? CYS A 86  ? CYS A 84 ? 1_555 CYS A 96  ? 1_555 SG SG . . . None 'Disulfide bridge' 
# 
_struct_mon_prot_cis.pdbx_id                1 
_struct_mon_prot_cis.label_comp_id          ILE 
_struct_mon_prot_cis.label_seq_id           18 
_struct_mon_prot_cis.label_asym_id          A 
_struct_mon_prot_cis.label_alt_id           . 
_struct_mon_prot_cis.pdbx_PDB_ins_code      ? 
_struct_mon_prot_cis.auth_comp_id           ILE 
_struct_mon_prot_cis.auth_seq_id            19 
_struct_mon_prot_cis.auth_asym_id           A 
_struct_mon_prot_cis.pdbx_label_comp_id_2   PRO 
_struct_mon_prot_cis.pdbx_label_seq_id_2    19 
_struct_mon_prot_cis.pdbx_label_asym_id_2   A 
_struct_mon_prot_cis.pdbx_PDB_ins_code_2    ? 
_struct_mon_prot_cis.pdbx_auth_comp_id_2    PRO 
_struct_mon_prot_cis.pdbx_auth_seq_id_2     20 
_struct_mon_prot_cis.pdbx_auth_asym_id_2    A 
_struct_mon_prot_cis.pdbx_PDB_model_num     1 
_struct_mon_prot_cis.pdbx_omega_angle       0.39 
# 
_struct_sheet.id               A 
_struct_sheet.type             ? 
_struct_sheet.number_strands   2 
_struct_sheet.details          ? 
# 
_struct_sheet_order.sheet_id     A 
_struct_sheet_order.range_id_1   1 
_struct_sheet_order.range_id_2   2 
_struct_sheet_order.offset       ? 
_struct_sheet_order.sense        anti-parallel 
# 
loop_
_struct_sheet_range.sheet_id 
_struct_sheet_range.id 
_struct_sheet_range.beg_label_comp_id 
_struct_sheet_range.beg_label_asym_id 
_struct_sheet_range.beg_label_seq_id 
_struct_sheet_range.pdbx_beg_PDB_ins_code 
_struct_sheet_range.end_label_comp_id 
_struct_sheet_range.end_label_asym_id 
_struct_sheet_range.end_label_seq_id 
_struct_sheet_range.pdbx_end_PDB_ins_code 
_struct_sheet_range.beg_auth_comp_id 
_struct_sheet_range.beg_auth_asym_id 
_struct_sheet_range.beg_auth_seq_id 
_struct_sheet_range.end_auth_comp_id 
_struct_sheet_range.end_auth_asym_id 
_struct_sheet_range.end_auth_seq_id 
A 1 TYR A 66 ? VAL A 69 ? TYR A 75 VAL A 78 
A 2 ALA A 72 ? CYS A 75 ? ALA A 81 CYS A 84 
# 
_pdbx_struct_sheet_hbond.sheet_id                A 
_pdbx_struct_sheet_hbond.range_id_1              1 
_pdbx_struct_sheet_hbond.range_id_2              2 
_pdbx_struct_sheet_hbond.range_1_label_atom_id   N 
_pdbx_struct_sheet_hbond.range_1_label_comp_id   LYS 
_pdbx_struct_sheet_hbond.range_1_label_asym_id   A 
_pdbx_struct_sheet_hbond.range_1_label_seq_id    67 
_pdbx_struct_sheet_hbond.range_1_PDB_ins_code    ? 
_pdbx_struct_sheet_hbond.range_1_auth_atom_id    N 
_pdbx_struct_sheet_hbond.range_1_auth_comp_id    LYS 
_pdbx_struct_sheet_hbond.range_1_auth_asym_id    A 
_pdbx_struct_sheet_hbond.range_1_auth_seq_id     76 
_pdbx_struct_sheet_hbond.range_2_label_atom_id   O 
_pdbx_struct_sheet_hbond.range_2_label_comp_id   VAL 
_pdbx_struct_sheet_hbond.range_2_label_asym_id   A 
_pdbx_struct_sheet_hbond.range_2_label_seq_id    74 
_pdbx_struct_sheet_hbond.range_2_PDB_ins_code    ? 
_pdbx_struct_sheet_hbond.range_2_auth_atom_id    O 
_pdbx_struct_sheet_hbond.range_2_auth_comp_id    VAL 
_pdbx_struct_sheet_hbond.range_2_auth_asym_id    A 
_pdbx_struct_sheet_hbond.range_2_auth_seq_id     83 
# 
loop_
_struct_site.id 
_struct_site.pdbx_evidence_code 
_struct_site.pdbx_auth_asym_id 
_struct_site.pdbx_auth_comp_id 
_struct_site.pdbx_auth_seq_id 
_struct_site.pdbx_auth_ins_code 
_struct_site.pdbx_num_residues 
_struct_site.details 
AC1 Software A SO4 401 ? 6  'BINDING SITE FOR RESIDUE SO4 A 401' 
AC2 Software A SO4 402 ? 2  'BINDING SITE FOR RESIDUE SO4 A 402' 
AC3 Software A SO4 403 ? 6  'BINDING SITE FOR RESIDUE SO4 A 403' 
AC4 Software A SO4 404 ? 4  'BINDING SITE FOR RESIDUE SO4 A 404' 
AC5 Software A IMN 301 ? 10 'BINDING SITE FOR RESIDUE IMN A 301' 
# 
loop_
_struct_site_gen.id 
_struct_site_gen.site_id 
_struct_site_gen.pdbx_num_res 
_struct_site_gen.label_comp_id 
_struct_site_gen.label_asym_id 
_struct_site_gen.label_seq_id 
_struct_site_gen.pdbx_auth_ins_code 
_struct_site_gen.auth_comp_id 
_struct_site_gen.auth_asym_id 
_struct_site_gen.auth_seq_id 
_struct_site_gen.label_atom_id 
_struct_site_gen.label_alt_id 
_struct_site_gen.symmetry 
_struct_site_gen.details 
1  AC1 6  SER A 1   ? SER A 1   . ? 1_555 ? 
2  AC1 6  LEU A 3   ? LEU A 3   . ? 1_555 ? 
3  AC1 6  GLU A 4   ? GLU A 4   . ? 1_555 ? 
4  AC1 6  ARG A 63  ? ARG A 72  . ? 1_555 ? 
5  AC1 6  HOH G .   ? HOH A 139 . ? 1_555 ? 
6  AC1 6  HOH G .   ? HOH A 307 . ? 1_555 ? 
7  AC2 2  ARG A 42  ? ARG A 43  . ? 1_555 ? 
8  AC2 2  ARG A 63  ? ARG A 72  . ? 3_754 ? 
9  AC3 6  SER A 80  ? SER A 90  . ? 1_555 ? 
10 AC3 6  ASN A 83  ? ASN A 93  . ? 1_555 ? 
11 AC3 6  HOH G .   ? HOH A 199 . ? 1_555 ? 
12 AC3 6  HOH G .   ? HOH A 262 . ? 1_555 ? 
13 AC3 6  HOH G .   ? HOH A 303 . ? 1_555 ? 
14 AC3 6  HOH G .   ? HOH A 329 . ? 1_555 ? 
15 AC4 4  TYR A 103 ? TYR A 113 . ? 1_555 ? 
16 AC4 4  SER A 104 ? SER A 114 . ? 1_555 ? 
17 AC4 4  LYS A 105 ? LYS A 115 . ? 1_555 ? 
18 AC4 4  LYS A 120 ? LYS A 131 . ? 3_744 ? 
19 AC5 10 ASP A 48  ? ASP A 49  . ? 1_555 ? 
20 AC5 10 TYR A 51  ? TYR A 52  . ? 1_555 ? 
21 AC5 10 ASN A 53  ? ASN A 54  . ? 4_575 ? 
22 AC5 10 PRO A 55  ? PRO A 56  . ? 1_555 ? 
23 AC5 10 CYS A 57  ? CYS A 61  . ? 1_555 ? 
24 AC5 10 PRO A 59  ? PRO A 68  . ? 1_555 ? 
25 AC5 10 LYS A 60  ? LYS A 69  . ? 1_555 ? 
26 AC5 10 HOH G .   ? HOH A 154 . ? 1_555 ? 
27 AC5 10 HOH G .   ? HOH A 229 . ? 1_555 ? 
28 AC5 10 HOH G .   ? HOH A 231 . ? 1_555 ? 
# 
_pdbx_entry_details.entry_id                   3FO7 
_pdbx_entry_details.sequence_details           
'THE SEQUENCE OF THIS PROTEIN IS THE SAME WITH UNP P59071 PA28_DABRP, WHICH HAS DIFFERENT SOURCE.' 
_pdbx_entry_details.compound_details           ? 
_pdbx_entry_details.source_details             ? 
_pdbx_entry_details.nonpolymer_details         ? 
_pdbx_entry_details.has_ligand_of_interest     ? 
_pdbx_entry_details.has_protein_modification   Y 
# 
loop_
_pdbx_validate_torsion.id 
_pdbx_validate_torsion.PDB_model_num 
_pdbx_validate_torsion.auth_comp_id 
_pdbx_validate_torsion.auth_asym_id 
_pdbx_validate_torsion.auth_seq_id 
_pdbx_validate_torsion.PDB_ins_code 
_pdbx_validate_torsion.label_alt_id 
_pdbx_validate_torsion.phi 
_pdbx_validate_torsion.psi 
1 1 SER A 24 ? ? -143.77 32.81 
2 1 TRP A 31 ? ? -161.70 30.46 
3 1 VAL A 78 ? ? -116.97 79.19 
# 
_pdbx_validate_main_chain_plane.id                       1 
_pdbx_validate_main_chain_plane.PDB_model_num            1 
_pdbx_validate_main_chain_plane.auth_comp_id             PRO 
_pdbx_validate_main_chain_plane.auth_asym_id             A 
_pdbx_validate_main_chain_plane.auth_seq_id              56 
_pdbx_validate_main_chain_plane.PDB_ins_code             ? 
_pdbx_validate_main_chain_plane.label_alt_id             ? 
_pdbx_validate_main_chain_plane.improper_torsion_angle   -10.04 
# 
loop_
_chem_comp_atom.comp_id 
_chem_comp_atom.atom_id 
_chem_comp_atom.type_symbol 
_chem_comp_atom.pdbx_aromatic_flag 
_chem_comp_atom.pdbx_stereo_config 
_chem_comp_atom.pdbx_ordinal 
ALA N    N  N N 1   
ALA CA   C  N S 2   
ALA C    C  N N 3   
ALA O    O  N N 4   
ALA CB   C  N N 5   
ALA OXT  O  N N 6   
ALA H    H  N N 7   
ALA H2   H  N N 8   
ALA HA   H  N N 9   
ALA HB1  H  N N 10  
ALA HB2  H  N N 11  
ALA HB3  H  N N 12  
ALA HXT  H  N N 13  
ARG N    N  N N 14  
ARG CA   C  N S 15  
ARG C    C  N N 16  
ARG O    O  N N 17  
ARG CB   C  N N 18  
ARG CG   C  N N 19  
ARG CD   C  N N 20  
ARG NE   N  N N 21  
ARG CZ   C  N N 22  
ARG NH1  N  N N 23  
ARG NH2  N  N N 24  
ARG OXT  O  N N 25  
ARG H    H  N N 26  
ARG H2   H  N N 27  
ARG HA   H  N N 28  
ARG HB2  H  N N 29  
ARG HB3  H  N N 30  
ARG HG2  H  N N 31  
ARG HG3  H  N N 32  
ARG HD2  H  N N 33  
ARG HD3  H  N N 34  
ARG HE   H  N N 35  
ARG HH11 H  N N 36  
ARG HH12 H  N N 37  
ARG HH21 H  N N 38  
ARG HH22 H  N N 39  
ARG HXT  H  N N 40  
ASN N    N  N N 41  
ASN CA   C  N S 42  
ASN C    C  N N 43  
ASN O    O  N N 44  
ASN CB   C  N N 45  
ASN CG   C  N N 46  
ASN OD1  O  N N 47  
ASN ND2  N  N N 48  
ASN OXT  O  N N 49  
ASN H    H  N N 50  
ASN H2   H  N N 51  
ASN HA   H  N N 52  
ASN HB2  H  N N 53  
ASN HB3  H  N N 54  
ASN HD21 H  N N 55  
ASN HD22 H  N N 56  
ASN HXT  H  N N 57  
ASP N    N  N N 58  
ASP CA   C  N S 59  
ASP C    C  N N 60  
ASP O    O  N N 61  
ASP CB   C  N N 62  
ASP CG   C  N N 63  
ASP OD1  O  N N 64  
ASP OD2  O  N N 65  
ASP OXT  O  N N 66  
ASP H    H  N N 67  
ASP H2   H  N N 68  
ASP HA   H  N N 69  
ASP HB2  H  N N 70  
ASP HB3  H  N N 71  
ASP HD2  H  N N 72  
ASP HXT  H  N N 73  
CYS N    N  N N 74  
CYS CA   C  N R 75  
CYS C    C  N N 76  
CYS O    O  N N 77  
CYS CB   C  N N 78  
CYS SG   S  N N 79  
CYS OXT  O  N N 80  
CYS H    H  N N 81  
CYS H2   H  N N 82  
CYS HA   H  N N 83  
CYS HB2  H  N N 84  
CYS HB3  H  N N 85  
CYS HG   H  N N 86  
CYS HXT  H  N N 87  
GLN N    N  N N 88  
GLN CA   C  N S 89  
GLN C    C  N N 90  
GLN O    O  N N 91  
GLN CB   C  N N 92  
GLN CG   C  N N 93  
GLN CD   C  N N 94  
GLN OE1  O  N N 95  
GLN NE2  N  N N 96  
GLN OXT  O  N N 97  
GLN H    H  N N 98  
GLN H2   H  N N 99  
GLN HA   H  N N 100 
GLN HB2  H  N N 101 
GLN HB3  H  N N 102 
GLN HG2  H  N N 103 
GLN HG3  H  N N 104 
GLN HE21 H  N N 105 
GLN HE22 H  N N 106 
GLN HXT  H  N N 107 
GLU N    N  N N 108 
GLU CA   C  N S 109 
GLU C    C  N N 110 
GLU O    O  N N 111 
GLU CB   C  N N 112 
GLU CG   C  N N 113 
GLU CD   C  N N 114 
GLU OE1  O  N N 115 
GLU OE2  O  N N 116 
GLU OXT  O  N N 117 
GLU H    H  N N 118 
GLU H2   H  N N 119 
GLU HA   H  N N 120 
GLU HB2  H  N N 121 
GLU HB3  H  N N 122 
GLU HG2  H  N N 123 
GLU HG3  H  N N 124 
GLU HE2  H  N N 125 
GLU HXT  H  N N 126 
GLY N    N  N N 127 
GLY CA   C  N N 128 
GLY C    C  N N 129 
GLY O    O  N N 130 
GLY OXT  O  N N 131 
GLY H    H  N N 132 
GLY H2   H  N N 133 
GLY HA2  H  N N 134 
GLY HA3  H  N N 135 
GLY HXT  H  N N 136 
HIS N    N  N N 137 
HIS CA   C  N S 138 
HIS C    C  N N 139 
HIS O    O  N N 140 
HIS CB   C  N N 141 
HIS CG   C  Y N 142 
HIS ND1  N  Y N 143 
HIS CD2  C  Y N 144 
HIS CE1  C  Y N 145 
HIS NE2  N  Y N 146 
HIS OXT  O  N N 147 
HIS H    H  N N 148 
HIS H2   H  N N 149 
HIS HA   H  N N 150 
HIS HB2  H  N N 151 
HIS HB3  H  N N 152 
HIS HD1  H  N N 153 
HIS HD2  H  N N 154 
HIS HE1  H  N N 155 
HIS HE2  H  N N 156 
HIS HXT  H  N N 157 
HOH O    O  N N 158 
HOH H1   H  N N 159 
HOH H2   H  N N 160 
ILE N    N  N N 161 
ILE CA   C  N S 162 
ILE C    C  N N 163 
ILE O    O  N N 164 
ILE CB   C  N S 165 
ILE CG1  C  N N 166 
ILE CG2  C  N N 167 
ILE CD1  C  N N 168 
ILE OXT  O  N N 169 
ILE H    H  N N 170 
ILE H2   H  N N 171 
ILE HA   H  N N 172 
ILE HB   H  N N 173 
ILE HG12 H  N N 174 
ILE HG13 H  N N 175 
ILE HG21 H  N N 176 
ILE HG22 H  N N 177 
ILE HG23 H  N N 178 
ILE HD11 H  N N 179 
ILE HD12 H  N N 180 
ILE HD13 H  N N 181 
ILE HXT  H  N N 182 
IMN C    C  Y N 183 
IMN C1   C  Y N 184 
IMN C2   C  Y N 185 
IMN C3   C  Y N 186 
IMN C4   C  Y N 187 
IMN C5   C  Y N 188 
IMN C6   C  N N 189 
IMN C7   C  Y N 190 
IMN C8   C  Y N 191 
IMN C9   C  N N 192 
IMN C10  C  Y N 193 
IMN C11  C  Y N 194 
IMN C12  C  Y N 195 
IMN C13  C  Y N 196 
IMN C14  C  Y N 197 
IMN C15  C  Y N 198 
IMN C16  C  N N 199 
IMN C17  C  N N 200 
IMN C18  C  N N 201 
IMN N    N  Y N 202 
IMN O    O  N N 203 
IMN O1   O  N N 204 
IMN O2   O  N N 205 
IMN O3   O  N N 206 
IMN CL   CL N N 207 
IMN H2   H  N N 208 
IMN H4   H  N N 209 
IMN H5   H  N N 210 
IMN H61  H  N N 211 
IMN H62  H  N N 212 
IMN H63  H  N N 213 
IMN H11  H  N N 214 
IMN H12  H  N N 215 
IMN H14  H  N N 216 
IMN H15  H  N N 217 
IMN H161 H  N N 218 
IMN H162 H  N N 219 
IMN H163 H  N N 220 
IMN H171 H  N N 221 
IMN H172 H  N N 222 
IMN HO3  H  N N 223 
LEU N    N  N N 224 
LEU CA   C  N S 225 
LEU C    C  N N 226 
LEU O    O  N N 227 
LEU CB   C  N N 228 
LEU CG   C  N N 229 
LEU CD1  C  N N 230 
LEU CD2  C  N N 231 
LEU OXT  O  N N 232 
LEU H    H  N N 233 
LEU H2   H  N N 234 
LEU HA   H  N N 235 
LEU HB2  H  N N 236 
LEU HB3  H  N N 237 
LEU HG   H  N N 238 
LEU HD11 H  N N 239 
LEU HD12 H  N N 240 
LEU HD13 H  N N 241 
LEU HD21 H  N N 242 
LEU HD22 H  N N 243 
LEU HD23 H  N N 244 
LEU HXT  H  N N 245 
LYS N    N  N N 246 
LYS CA   C  N S 247 
LYS C    C  N N 248 
LYS O    O  N N 249 
LYS CB   C  N N 250 
LYS CG   C  N N 251 
LYS CD   C  N N 252 
LYS CE   C  N N 253 
LYS NZ   N  N N 254 
LYS OXT  O  N N 255 
LYS H    H  N N 256 
LYS H2   H  N N 257 
LYS HA   H  N N 258 
LYS HB2  H  N N 259 
LYS HB3  H  N N 260 
LYS HG2  H  N N 261 
LYS HG3  H  N N 262 
LYS HD2  H  N N 263 
LYS HD3  H  N N 264 
LYS HE2  H  N N 265 
LYS HE3  H  N N 266 
LYS HZ1  H  N N 267 
LYS HZ2  H  N N 268 
LYS HZ3  H  N N 269 
LYS HXT  H  N N 270 
MET N    N  N N 271 
MET CA   C  N S 272 
MET C    C  N N 273 
MET O    O  N N 274 
MET CB   C  N N 275 
MET CG   C  N N 276 
MET SD   S  N N 277 
MET CE   C  N N 278 
MET OXT  O  N N 279 
MET H    H  N N 280 
MET H2   H  N N 281 
MET HA   H  N N 282 
MET HB2  H  N N 283 
MET HB3  H  N N 284 
MET HG2  H  N N 285 
MET HG3  H  N N 286 
MET HE1  H  N N 287 
MET HE2  H  N N 288 
MET HE3  H  N N 289 
MET HXT  H  N N 290 
PHE N    N  N N 291 
PHE CA   C  N S 292 
PHE C    C  N N 293 
PHE O    O  N N 294 
PHE CB   C  N N 295 
PHE CG   C  Y N 296 
PHE CD1  C  Y N 297 
PHE CD2  C  Y N 298 
PHE CE1  C  Y N 299 
PHE CE2  C  Y N 300 
PHE CZ   C  Y N 301 
PHE OXT  O  N N 302 
PHE H    H  N N 303 
PHE H2   H  N N 304 
PHE HA   H  N N 305 
PHE HB2  H  N N 306 
PHE HB3  H  N N 307 
PHE HD1  H  N N 308 
PHE HD2  H  N N 309 
PHE HE1  H  N N 310 
PHE HE2  H  N N 311 
PHE HZ   H  N N 312 
PHE HXT  H  N N 313 
PRO N    N  N N 314 
PRO CA   C  N S 315 
PRO C    C  N N 316 
PRO O    O  N N 317 
PRO CB   C  N N 318 
PRO CG   C  N N 319 
PRO CD   C  N N 320 
PRO OXT  O  N N 321 
PRO H    H  N N 322 
PRO HA   H  N N 323 
PRO HB2  H  N N 324 
PRO HB3  H  N N 325 
PRO HG2  H  N N 326 
PRO HG3  H  N N 327 
PRO HD2  H  N N 328 
PRO HD3  H  N N 329 
PRO HXT  H  N N 330 
SER N    N  N N 331 
SER CA   C  N S 332 
SER C    C  N N 333 
SER O    O  N N 334 
SER CB   C  N N 335 
SER OG   O  N N 336 
SER OXT  O  N N 337 
SER H    H  N N 338 
SER H2   H  N N 339 
SER HA   H  N N 340 
SER HB2  H  N N 341 
SER HB3  H  N N 342 
SER HG   H  N N 343 
SER HXT  H  N N 344 
SO4 S    S  N N 345 
SO4 O1   O  N N 346 
SO4 O2   O  N N 347 
SO4 O3   O  N N 348 
SO4 O4   O  N N 349 
THR N    N  N N 350 
THR CA   C  N S 351 
THR C    C  N N 352 
THR O    O  N N 353 
THR CB   C  N R 354 
THR OG1  O  N N 355 
THR CG2  C  N N 356 
THR OXT  O  N N 357 
THR H    H  N N 358 
THR H2   H  N N 359 
THR HA   H  N N 360 
THR HB   H  N N 361 
THR HG1  H  N N 362 
THR HG21 H  N N 363 
THR HG22 H  N N 364 
THR HG23 H  N N 365 
THR HXT  H  N N 366 
TRP N    N  N N 367 
TRP CA   C  N S 368 
TRP C    C  N N 369 
TRP O    O  N N 370 
TRP CB   C  N N 371 
TRP CG   C  Y N 372 
TRP CD1  C  Y N 373 
TRP CD2  C  Y N 374 
TRP NE1  N  Y N 375 
TRP CE2  C  Y N 376 
TRP CE3  C  Y N 377 
TRP CZ2  C  Y N 378 
TRP CZ3  C  Y N 379 
TRP CH2  C  Y N 380 
TRP OXT  O  N N 381 
TRP H    H  N N 382 
TRP H2   H  N N 383 
TRP HA   H  N N 384 
TRP HB2  H  N N 385 
TRP HB3  H  N N 386 
TRP HD1  H  N N 387 
TRP HE1  H  N N 388 
TRP HE3  H  N N 389 
TRP HZ2  H  N N 390 
TRP HZ3  H  N N 391 
TRP HH2  H  N N 392 
TRP HXT  H  N N 393 
TYR N    N  N N 394 
TYR CA   C  N S 395 
TYR C    C  N N 396 
TYR O    O  N N 397 
TYR CB   C  N N 398 
TYR CG   C  Y N 399 
TYR CD1  C  Y N 400 
TYR CD2  C  Y N 401 
TYR CE1  C  Y N 402 
TYR CE2  C  Y N 403 
TYR CZ   C  Y N 404 
TYR OH   O  N N 405 
TYR OXT  O  N N 406 
TYR H    H  N N 407 
TYR H2   H  N N 408 
TYR HA   H  N N 409 
TYR HB2  H  N N 410 
TYR HB3  H  N N 411 
TYR HD1  H  N N 412 
TYR HD2  H  N N 413 
TYR HE1  H  N N 414 
TYR HE2  H  N N 415 
TYR HH   H  N N 416 
TYR HXT  H  N N 417 
VAL N    N  N N 418 
VAL CA   C  N S 419 
VAL C    C  N N 420 
VAL O    O  N N 421 
VAL CB   C  N N 422 
VAL CG1  C  N N 423 
VAL CG2  C  N N 424 
VAL OXT  O  N N 425 
VAL H    H  N N 426 
VAL H2   H  N N 427 
VAL HA   H  N N 428 
VAL HB   H  N N 429 
VAL HG11 H  N N 430 
VAL HG12 H  N N 431 
VAL HG13 H  N N 432 
VAL HG21 H  N N 433 
VAL HG22 H  N N 434 
VAL HG23 H  N N 435 
VAL HXT  H  N N 436 
# 
loop_
_chem_comp_bond.comp_id 
_chem_comp_bond.atom_id_1 
_chem_comp_bond.atom_id_2 
_chem_comp_bond.value_order 
_chem_comp_bond.pdbx_aromatic_flag 
_chem_comp_bond.pdbx_stereo_config 
_chem_comp_bond.pdbx_ordinal 
ALA N   CA   sing N N 1   
ALA N   H    sing N N 2   
ALA N   H2   sing N N 3   
ALA CA  C    sing N N 4   
ALA CA  CB   sing N N 5   
ALA CA  HA   sing N N 6   
ALA C   O    doub N N 7   
ALA C   OXT  sing N N 8   
ALA CB  HB1  sing N N 9   
ALA CB  HB2  sing N N 10  
ALA CB  HB3  sing N N 11  
ALA OXT HXT  sing N N 12  
ARG N   CA   sing N N 13  
ARG N   H    sing N N 14  
ARG N   H2   sing N N 15  
ARG CA  C    sing N N 16  
ARG CA  CB   sing N N 17  
ARG CA  HA   sing N N 18  
ARG C   O    doub N N 19  
ARG C   OXT  sing N N 20  
ARG CB  CG   sing N N 21  
ARG CB  HB2  sing N N 22  
ARG CB  HB3  sing N N 23  
ARG CG  CD   sing N N 24  
ARG CG  HG2  sing N N 25  
ARG CG  HG3  sing N N 26  
ARG CD  NE   sing N N 27  
ARG CD  HD2  sing N N 28  
ARG CD  HD3  sing N N 29  
ARG NE  CZ   sing N N 30  
ARG NE  HE   sing N N 31  
ARG CZ  NH1  sing N N 32  
ARG CZ  NH2  doub N N 33  
ARG NH1 HH11 sing N N 34  
ARG NH1 HH12 sing N N 35  
ARG NH2 HH21 sing N N 36  
ARG NH2 HH22 sing N N 37  
ARG OXT HXT  sing N N 38  
ASN N   CA   sing N N 39  
ASN N   H    sing N N 40  
ASN N   H2   sing N N 41  
ASN CA  C    sing N N 42  
ASN CA  CB   sing N N 43  
ASN CA  HA   sing N N 44  
ASN C   O    doub N N 45  
ASN C   OXT  sing N N 46  
ASN CB  CG   sing N N 47  
ASN CB  HB2  sing N N 48  
ASN CB  HB3  sing N N 49  
ASN CG  OD1  doub N N 50  
ASN CG  ND2  sing N N 51  
ASN ND2 HD21 sing N N 52  
ASN ND2 HD22 sing N N 53  
ASN OXT HXT  sing N N 54  
ASP N   CA   sing N N 55  
ASP N   H    sing N N 56  
ASP N   H2   sing N N 57  
ASP CA  C    sing N N 58  
ASP CA  CB   sing N N 59  
ASP CA  HA   sing N N 60  
ASP C   O    doub N N 61  
ASP C   OXT  sing N N 62  
ASP CB  CG   sing N N 63  
ASP CB  HB2  sing N N 64  
ASP CB  HB3  sing N N 65  
ASP CG  OD1  doub N N 66  
ASP CG  OD2  sing N N 67  
ASP OD2 HD2  sing N N 68  
ASP OXT HXT  sing N N 69  
CYS N   CA   sing N N 70  
CYS N   H    sing N N 71  
CYS N   H2   sing N N 72  
CYS CA  C    sing N N 73  
CYS CA  CB   sing N N 74  
CYS CA  HA   sing N N 75  
CYS C   O    doub N N 76  
CYS C   OXT  sing N N 77  
CYS CB  SG   sing N N 78  
CYS CB  HB2  sing N N 79  
CYS CB  HB3  sing N N 80  
CYS SG  HG   sing N N 81  
CYS OXT HXT  sing N N 82  
GLN N   CA   sing N N 83  
GLN N   H    sing N N 84  
GLN N   H2   sing N N 85  
GLN CA  C    sing N N 86  
GLN CA  CB   sing N N 87  
GLN CA  HA   sing N N 88  
GLN C   O    doub N N 89  
GLN C   OXT  sing N N 90  
GLN CB  CG   sing N N 91  
GLN CB  HB2  sing N N 92  
GLN CB  HB3  sing N N 93  
GLN CG  CD   sing N N 94  
GLN CG  HG2  sing N N 95  
GLN CG  HG3  sing N N 96  
GLN CD  OE1  doub N N 97  
GLN CD  NE2  sing N N 98  
GLN NE2 HE21 sing N N 99  
GLN NE2 HE22 sing N N 100 
GLN OXT HXT  sing N N 101 
GLU N   CA   sing N N 102 
GLU N   H    sing N N 103 
GLU N   H2   sing N N 104 
GLU CA  C    sing N N 105 
GLU CA  CB   sing N N 106 
GLU CA  HA   sing N N 107 
GLU C   O    doub N N 108 
GLU C   OXT  sing N N 109 
GLU CB  CG   sing N N 110 
GLU CB  HB2  sing N N 111 
GLU CB  HB3  sing N N 112 
GLU CG  CD   sing N N 113 
GLU CG  HG2  sing N N 114 
GLU CG  HG3  sing N N 115 
GLU CD  OE1  doub N N 116 
GLU CD  OE2  sing N N 117 
GLU OE2 HE2  sing N N 118 
GLU OXT HXT  sing N N 119 
GLY N   CA   sing N N 120 
GLY N   H    sing N N 121 
GLY N   H2   sing N N 122 
GLY CA  C    sing N N 123 
GLY CA  HA2  sing N N 124 
GLY CA  HA3  sing N N 125 
GLY C   O    doub N N 126 
GLY C   OXT  sing N N 127 
GLY OXT HXT  sing N N 128 
HIS N   CA   sing N N 129 
HIS N   H    sing N N 130 
HIS N   H2   sing N N 131 
HIS CA  C    sing N N 132 
HIS CA  CB   sing N N 133 
HIS CA  HA   sing N N 134 
HIS C   O    doub N N 135 
HIS C   OXT  sing N N 136 
HIS CB  CG   sing N N 137 
HIS CB  HB2  sing N N 138 
HIS CB  HB3  sing N N 139 
HIS CG  ND1  sing Y N 140 
HIS CG  CD2  doub Y N 141 
HIS ND1 CE1  doub Y N 142 
HIS ND1 HD1  sing N N 143 
HIS CD2 NE2  sing Y N 144 
HIS CD2 HD2  sing N N 145 
HIS CE1 NE2  sing Y N 146 
HIS CE1 HE1  sing N N 147 
HIS NE2 HE2  sing N N 148 
HIS OXT HXT  sing N N 149 
HOH O   H1   sing N N 150 
HOH O   H2   sing N N 151 
ILE N   CA   sing N N 152 
ILE N   H    sing N N 153 
ILE N   H2   sing N N 154 
ILE CA  C    sing N N 155 
ILE CA  CB   sing N N 156 
ILE CA  HA   sing N N 157 
ILE C   O    doub N N 158 
ILE C   OXT  sing N N 159 
ILE CB  CG1  sing N N 160 
ILE CB  CG2  sing N N 161 
ILE CB  HB   sing N N 162 
ILE CG1 CD1  sing N N 163 
ILE CG1 HG12 sing N N 164 
ILE CG1 HG13 sing N N 165 
ILE CG2 HG21 sing N N 166 
ILE CG2 HG22 sing N N 167 
ILE CG2 HG23 sing N N 168 
ILE CD1 HD11 sing N N 169 
ILE CD1 HD12 sing N N 170 
ILE CD1 HD13 sing N N 171 
ILE OXT HXT  sing N N 172 
IMN C   C1   doub Y N 173 
IMN C   C5   sing Y N 174 
IMN C   N    sing Y N 175 
IMN C1  C2   sing Y N 176 
IMN C1  C7   sing Y N 177 
IMN C2  C3   doub Y N 178 
IMN C2  H2   sing N N 179 
IMN C3  C4   sing Y N 180 
IMN C3  O    sing N N 181 
IMN C4  C5   doub Y N 182 
IMN C4  H4   sing N N 183 
IMN C5  H5   sing N N 184 
IMN C6  O    sing N N 185 
IMN C6  H61  sing N N 186 
IMN C6  H62  sing N N 187 
IMN C6  H63  sing N N 188 
IMN C7  C8   doub Y N 189 
IMN C7  C17  sing N N 190 
IMN C8  C16  sing N N 191 
IMN C8  N    sing Y N 192 
IMN C9  C10  sing N N 193 
IMN C9  N    sing N N 194 
IMN C9  O1   doub N N 195 
IMN C10 C11  doub Y N 196 
IMN C10 C15  sing Y N 197 
IMN C11 C12  sing Y N 198 
IMN C11 H11  sing N N 199 
IMN C12 C13  doub Y N 200 
IMN C12 H12  sing N N 201 
IMN C13 C14  sing Y N 202 
IMN C13 CL   sing N N 203 
IMN C14 C15  doub Y N 204 
IMN C14 H14  sing N N 205 
IMN C15 H15  sing N N 206 
IMN C16 H161 sing N N 207 
IMN C16 H162 sing N N 208 
IMN C16 H163 sing N N 209 
IMN C17 C18  sing N N 210 
IMN C17 H171 sing N N 211 
IMN C17 H172 sing N N 212 
IMN C18 O2   doub N N 213 
IMN C18 O3   sing N N 214 
IMN O3  HO3  sing N N 215 
LEU N   CA   sing N N 216 
LEU N   H    sing N N 217 
LEU N   H2   sing N N 218 
LEU CA  C    sing N N 219 
LEU CA  CB   sing N N 220 
LEU CA  HA   sing N N 221 
LEU C   O    doub N N 222 
LEU C   OXT  sing N N 223 
LEU CB  CG   sing N N 224 
LEU CB  HB2  sing N N 225 
LEU CB  HB3  sing N N 226 
LEU CG  CD1  sing N N 227 
LEU CG  CD2  sing N N 228 
LEU CG  HG   sing N N 229 
LEU CD1 HD11 sing N N 230 
LEU CD1 HD12 sing N N 231 
LEU CD1 HD13 sing N N 232 
LEU CD2 HD21 sing N N 233 
LEU CD2 HD22 sing N N 234 
LEU CD2 HD23 sing N N 235 
LEU OXT HXT  sing N N 236 
LYS N   CA   sing N N 237 
LYS N   H    sing N N 238 
LYS N   H2   sing N N 239 
LYS CA  C    sing N N 240 
LYS CA  CB   sing N N 241 
LYS CA  HA   sing N N 242 
LYS C   O    doub N N 243 
LYS C   OXT  sing N N 244 
LYS CB  CG   sing N N 245 
LYS CB  HB2  sing N N 246 
LYS CB  HB3  sing N N 247 
LYS CG  CD   sing N N 248 
LYS CG  HG2  sing N N 249 
LYS CG  HG3  sing N N 250 
LYS CD  CE   sing N N 251 
LYS CD  HD2  sing N N 252 
LYS CD  HD3  sing N N 253 
LYS CE  NZ   sing N N 254 
LYS CE  HE2  sing N N 255 
LYS CE  HE3  sing N N 256 
LYS NZ  HZ1  sing N N 257 
LYS NZ  HZ2  sing N N 258 
LYS NZ  HZ3  sing N N 259 
LYS OXT HXT  sing N N 260 
MET N   CA   sing N N 261 
MET N   H    sing N N 262 
MET N   H2   sing N N 263 
MET CA  C    sing N N 264 
MET CA  CB   sing N N 265 
MET CA  HA   sing N N 266 
MET C   O    doub N N 267 
MET C   OXT  sing N N 268 
MET CB  CG   sing N N 269 
MET CB  HB2  sing N N 270 
MET CB  HB3  sing N N 271 
MET CG  SD   sing N N 272 
MET CG  HG2  sing N N 273 
MET CG  HG3  sing N N 274 
MET SD  CE   sing N N 275 
MET CE  HE1  sing N N 276 
MET CE  HE2  sing N N 277 
MET CE  HE3  sing N N 278 
MET OXT HXT  sing N N 279 
PHE N   CA   sing N N 280 
PHE N   H    sing N N 281 
PHE N   H2   sing N N 282 
PHE CA  C    sing N N 283 
PHE CA  CB   sing N N 284 
PHE CA  HA   sing N N 285 
PHE C   O    doub N N 286 
PHE C   OXT  sing N N 287 
PHE CB  CG   sing N N 288 
PHE CB  HB2  sing N N 289 
PHE CB  HB3  sing N N 290 
PHE CG  CD1  doub Y N 291 
PHE CG  CD2  sing Y N 292 
PHE CD1 CE1  sing Y N 293 
PHE CD1 HD1  sing N N 294 
PHE CD2 CE2  doub Y N 295 
PHE CD2 HD2  sing N N 296 
PHE CE1 CZ   doub Y N 297 
PHE CE1 HE1  sing N N 298 
PHE CE2 CZ   sing Y N 299 
PHE CE2 HE2  sing N N 300 
PHE CZ  HZ   sing N N 301 
PHE OXT HXT  sing N N 302 
PRO N   CA   sing N N 303 
PRO N   CD   sing N N 304 
PRO N   H    sing N N 305 
PRO CA  C    sing N N 306 
PRO CA  CB   sing N N 307 
PRO CA  HA   sing N N 308 
PRO C   O    doub N N 309 
PRO C   OXT  sing N N 310 
PRO CB  CG   sing N N 311 
PRO CB  HB2  sing N N 312 
PRO CB  HB3  sing N N 313 
PRO CG  CD   sing N N 314 
PRO CG  HG2  sing N N 315 
PRO CG  HG3  sing N N 316 
PRO CD  HD2  sing N N 317 
PRO CD  HD3  sing N N 318 
PRO OXT HXT  sing N N 319 
SER N   CA   sing N N 320 
SER N   H    sing N N 321 
SER N   H2   sing N N 322 
SER CA  C    sing N N 323 
SER CA  CB   sing N N 324 
SER CA  HA   sing N N 325 
SER C   O    doub N N 326 
SER C   OXT  sing N N 327 
SER CB  OG   sing N N 328 
SER CB  HB2  sing N N 329 
SER CB  HB3  sing N N 330 
SER OG  HG   sing N N 331 
SER OXT HXT  sing N N 332 
SO4 S   O1   doub N N 333 
SO4 S   O2   doub N N 334 
SO4 S   O3   sing N N 335 
SO4 S   O4   sing N N 336 
THR N   CA   sing N N 337 
THR N   H    sing N N 338 
THR N   H2   sing N N 339 
THR CA  C    sing N N 340 
THR CA  CB   sing N N 341 
THR CA  HA   sing N N 342 
THR C   O    doub N N 343 
THR C   OXT  sing N N 344 
THR CB  OG1  sing N N 345 
THR CB  CG2  sing N N 346 
THR CB  HB   sing N N 347 
THR OG1 HG1  sing N N 348 
THR CG2 HG21 sing N N 349 
THR CG2 HG22 sing N N 350 
THR CG2 HG23 sing N N 351 
THR OXT HXT  sing N N 352 
TRP N   CA   sing N N 353 
TRP N   H    sing N N 354 
TRP N   H2   sing N N 355 
TRP CA  C    sing N N 356 
TRP CA  CB   sing N N 357 
TRP CA  HA   sing N N 358 
TRP C   O    doub N N 359 
TRP C   OXT  sing N N 360 
TRP CB  CG   sing N N 361 
TRP CB  HB2  sing N N 362 
TRP CB  HB3  sing N N 363 
TRP CG  CD1  doub Y N 364 
TRP CG  CD2  sing Y N 365 
TRP CD1 NE1  sing Y N 366 
TRP CD1 HD1  sing N N 367 
TRP CD2 CE2  doub Y N 368 
TRP CD2 CE3  sing Y N 369 
TRP NE1 CE2  sing Y N 370 
TRP NE1 HE1  sing N N 371 
TRP CE2 CZ2  sing Y N 372 
TRP CE3 CZ3  doub Y N 373 
TRP CE3 HE3  sing N N 374 
TRP CZ2 CH2  doub Y N 375 
TRP CZ2 HZ2  sing N N 376 
TRP CZ3 CH2  sing Y N 377 
TRP CZ3 HZ3  sing N N 378 
TRP CH2 HH2  sing N N 379 
TRP OXT HXT  sing N N 380 
TYR N   CA   sing N N 381 
TYR N   H    sing N N 382 
TYR N   H2   sing N N 383 
TYR CA  C    sing N N 384 
TYR CA  CB   sing N N 385 
TYR CA  HA   sing N N 386 
TYR C   O    doub N N 387 
TYR C   OXT  sing N N 388 
TYR CB  CG   sing N N 389 
TYR CB  HB2  sing N N 390 
TYR CB  HB3  sing N N 391 
TYR CG  CD1  doub Y N 392 
TYR CG  CD2  sing Y N 393 
TYR CD1 CE1  sing Y N 394 
TYR CD1 HD1  sing N N 395 
TYR CD2 CE2  doub Y N 396 
TYR CD2 HD2  sing N N 397 
TYR CE1 CZ   doub Y N 398 
TYR CE1 HE1  sing N N 399 
TYR CE2 CZ   sing Y N 400 
TYR CE2 HE2  sing N N 401 
TYR CZ  OH   sing N N 402 
TYR OH  HH   sing N N 403 
TYR OXT HXT  sing N N 404 
VAL N   CA   sing N N 405 
VAL N   H    sing N N 406 
VAL N   H2   sing N N 407 
VAL CA  C    sing N N 408 
VAL CA  CB   sing N N 409 
VAL CA  HA   sing N N 410 
VAL C   O    doub N N 411 
VAL C   OXT  sing N N 412 
VAL CB  CG1  sing N N 413 
VAL CB  CG2  sing N N 414 
VAL CB  HB   sing N N 415 
VAL CG1 HG11 sing N N 416 
VAL CG1 HG12 sing N N 417 
VAL CG1 HG13 sing N N 418 
VAL CG2 HG21 sing N N 419 
VAL CG2 HG22 sing N N 420 
VAL CG2 HG23 sing N N 421 
VAL OXT HXT  sing N N 422 
# 
_pdbx_initial_refinement_model.id               1 
_pdbx_initial_refinement_model.entity_id_list   ? 
_pdbx_initial_refinement_model.type             'experimental model' 
_pdbx_initial_refinement_model.source_name      PDB 
_pdbx_initial_refinement_model.accession_code   1SKG 
_pdbx_initial_refinement_model.details          ? 
# 
_atom_sites.entry_id                    3FO7 
_atom_sites.fract_transf_matrix[1][1]   0.01441084 
_atom_sites.fract_transf_matrix[1][2]   -0.00760548 
_atom_sites.fract_transf_matrix[1][3]   -0.01044881 
_atom_sites.fract_transf_matrix[2][1]   -0.00558040 
_atom_sites.fract_transf_matrix[2][2]   0.01045407 
_atom_sites.fract_transf_matrix[2][3]   -0.01530571 
_atom_sites.fract_transf_matrix[3][1]   0.01254501 
_atom_sites.fract_transf_matrix[3][2]   0.01550484 
_atom_sites.fract_transf_matrix[3][3]   0.00601622 
_atom_sites.fract_transf_vector[1]      0.972601 
_atom_sites.fract_transf_vector[2]      0.654723 
_atom_sites.fract_transf_vector[3]      -0.001589 
# 
loop_
_atom_type.symbol 
C  
CL 
N  
O  
S  
# 
loop_
_atom_site.group_PDB 
_atom_site.id 
_atom_site.type_symbol 
_atom_site.label_atom_id 
_atom_site.label_alt_id 
_atom_site.label_comp_id 
_atom_site.label_asym_id 
_atom_site.label_entity_id 
_atom_site.label_seq_id 
_atom_site.pdbx_PDB_ins_code 
_atom_site.Cartn_x 
_atom_site.Cartn_y 
_atom_site.Cartn_z 
_atom_site.occupancy 
_atom_site.B_iso_or_equiv 
_atom_site.pdbx_formal_charge 
_atom_site.auth_seq_id 
_atom_site.auth_comp_id 
_atom_site.auth_asym_id 
_atom_site.auth_atom_id 
_atom_site.pdbx_PDB_model_num 
ATOM   1    N  N   . SER A 1 1   ? -6.334  9.239   2.177   1.00 25.49 ? 1   SER A N   1 
ATOM   2    C  CA  . SER A 1 1   ? -5.301  9.717   3.133   1.00 26.06 ? 1   SER A CA  1 
ATOM   3    C  C   . SER A 1 1   ? -4.648  8.535   3.843   1.00 26.36 ? 1   SER A C   1 
ATOM   4    O  O   . SER A 1 1   ? -5.196  7.430   3.845   1.00 26.01 ? 1   SER A O   1 
ATOM   5    C  CB  . SER A 1 1   ? -5.925  10.642  4.171   1.00 25.96 ? 1   SER A CB  1 
ATOM   6    O  OG  . SER A 1 1   ? -6.694  9.888   5.083   1.00 27.19 ? 1   SER A OG  1 
ATOM   7    N  N   . LEU A 1 2   ? -3.458  8.765   4.393   1.00 27.26 ? 2   LEU A N   1 
ATOM   8    C  CA  . LEU A 1 2   ? -2.702  7.751   5.142   1.00 28.20 ? 2   LEU A CA  1 
ATOM   9    C  C   . LEU A 1 2   ? -3.513  7.001   6.202   1.00 28.07 ? 2   LEU A C   1 
ATOM   10   O  O   . LEU A 1 2   ? -3.432  5.772   6.285   1.00 27.67 ? 2   LEU A O   1 
ATOM   11   C  CB  . LEU A 1 2   ? -1.477  8.395   5.803   1.00 28.83 ? 2   LEU A CB  1 
ATOM   12   C  CG  . LEU A 1 2   ? -0.206  7.552   5.879   1.00 30.81 ? 2   LEU A CG  1 
ATOM   13   C  CD1 . LEU A 1 2   ? 0.567   7.661   4.579   1.00 32.45 ? 2   LEU A CD1 1 
ATOM   14   C  CD2 . LEU A 1 2   ? 0.654   8.001   7.041   1.00 32.04 ? 2   LEU A CD2 1 
ATOM   15   N  N   . LEU A 1 3   ? -4.270  7.719   7.026   1.00 27.78 ? 3   LEU A N   1 
ATOM   16   C  CA  . LEU A 1 3   ? -5.064  7.085   8.084   1.00 27.82 ? 3   LEU A CA  1 
ATOM   17   C  C   . LEU A 1 3   ? -6.157  6.188   7.515   1.00 27.10 ? 3   LEU A C   1 
ATOM   18   O  O   . LEU A 1 3   ? -6.429  5.101   8.046   1.00 27.18 ? 3   LEU A O   1 
ATOM   19   C  CB  . LEU A 1 3   ? -5.704  8.131   9.001   1.00 28.38 ? 3   LEU A CB  1 
ATOM   20   C  CG  . LEU A 1 3   ? -4.800  8.774   10.051  1.00 30.24 ? 3   LEU A CG  1 
ATOM   21   C  CD1 . LEU A 1 3   ? -5.605  9.741   10.902  1.00 31.04 ? 3   LEU A CD1 1 
ATOM   22   C  CD2 . LEU A 1 3   ? -4.151  7.712   10.928  1.00 31.01 ? 3   LEU A CD2 1 
ATOM   23   N  N   A GLU A 1 4   ? -6.789  6.647   6.438   0.50 26.54 ? 4   GLU A N   1 
ATOM   24   N  N   B GLU A 1 4   ? -6.794  6.655   6.448   0.50 26.58 ? 4   GLU A N   1 
ATOM   25   C  CA  A GLU A 1 4   ? -7.842  5.875   5.788   0.50 25.92 ? 4   GLU A CA  1 
ATOM   26   C  CA  B GLU A 1 4   ? -7.848  5.905   5.781   0.50 25.99 ? 4   GLU A CA  1 
ATOM   27   C  C   A GLU A 1 4   ? -7.247  4.623   5.185   0.50 25.19 ? 4   GLU A C   1 
ATOM   28   C  C   B GLU A 1 4   ? -7.270  4.638   5.148   0.50 25.22 ? 4   GLU A C   1 
ATOM   29   O  O   A GLU A 1 4   ? -7.819  3.539   5.294   0.50 25.26 ? 4   GLU A O   1 
ATOM   30   O  O   B GLU A 1 4   ? -7.873  3.565   5.206   0.50 25.30 ? 4   GLU A O   1 
ATOM   31   C  CB  A GLU A 1 4   ? -8.506  6.658   4.664   0.50 26.05 ? 4   GLU A CB  1 
ATOM   32   C  CB  B GLU A 1 4   ? -8.499  6.789   4.711   0.50 26.20 ? 4   GLU A CB  1 
ATOM   33   C  CG  A GLU A 1 4   ? -8.933  8.053   5.042   0.50 26.00 ? 4   GLU A CG  1 
ATOM   34   C  CG  B GLU A 1 4   ? -9.658  6.160   3.956   0.50 26.35 ? 4   GLU A CG  1 
ATOM   35   C  CD  A GLU A 1 4   ? -9.612  8.777   3.903   0.50 24.58 ? 4   GLU A CD  1 
ATOM   36   C  CD  B GLU A 1 4   ? -10.511 7.196   3.238   0.50 26.40 ? 4   GLU A CD  1 
ATOM   37   O  OE1 A GLU A 1 4   ? -9.190  8.622   2.723   0.50 20.07 ? 4   GLU A OE1 1 
ATOM   38   O  OE1 B GLU A 1 4   ? -9.960  8.212   2.756   0.50 28.46 ? 4   GLU A OE1 1 
ATOM   39   O  OE2 A GLU A 1 4   ? -10.588 9.489   4.206   0.50 26.03 ? 4   GLU A OE2 1 
ATOM   40   O  OE2 B GLU A 1 4   ? -11.736 6.996   3.150   0.50 28.30 ? 4   GLU A OE2 1 
ATOM   41   N  N   . PHE A 1 5   ? -6.109  4.778   4.518   1.00 24.33 ? 5   PHE A N   1 
ATOM   42   C  CA  . PHE A 1 5   ? -5.417  3.659   3.902   1.00 23.15 ? 5   PHE A CA  1 
ATOM   43   C  C   . PHE A 1 5   ? -5.066  2.665   5.012   1.00 22.90 ? 5   PHE A C   1 
ATOM   44   O  O   . PHE A 1 5   ? -5.208  1.453   4.846   1.00 21.95 ? 5   PHE A O   1 
ATOM   45   C  CB  . PHE A 1 5   ? -4.161  4.175   3.192   1.00 22.60 ? 5   PHE A CB  1 
ATOM   46   C  CG  . PHE A 1 5   ? -3.367  3.119   2.466   1.00 21.12 ? 5   PHE A CG  1 
ATOM   47   C  CD1 . PHE A 1 5   ? -3.990  2.057   1.813   1.00 20.37 ? 5   PHE A CD1 1 
ATOM   48   C  CD2 . PHE A 1 5   ? -1.994  3.197   2.426   1.00 20.13 ? 5   PHE A CD2 1 
ATOM   49   C  CE1 . PHE A 1 5   ? -3.250  1.121   1.139   1.00 20.33 ? 5   PHE A CE1 1 
ATOM   50   C  CE2 . PHE A 1 5   ? -1.240  2.260   1.751   1.00 21.16 ? 5   PHE A CE2 1 
ATOM   51   C  CZ  . PHE A 1 5   ? -1.883  1.214   1.098   1.00 21.39 ? 5   PHE A CZ  1 
ATOM   52   N  N   . GLY A 1 6   ? -4.651  3.183   6.167   1.00 22.72 ? 6   GLY A N   1 
ATOM   53   C  CA  . GLY A 1 6   ? -4.304  2.314   7.282   1.00 22.92 ? 6   GLY A CA  1 
ATOM   54   C  C   . GLY A 1 6   ? -5.498  1.510   7.760   1.00 23.16 ? 6   GLY A C   1 
ATOM   55   O  O   . GLY A 1 6   ? -5.358  0.317   8.059   1.00 22.85 ? 6   GLY A O   1 
ATOM   56   N  N   A LYS A 1 7   ? -6.668  2.133   7.802   0.50 23.24 ? 7   LYS A N   1 
ATOM   57   N  N   B LYS A 1 7   ? -6.668  2.140   7.839   0.50 23.21 ? 7   LYS A N   1 
ATOM   58   C  CA  A LYS A 1 7   ? -7.881  1.454   8.240   0.50 23.60 ? 7   LYS A CA  1 
ATOM   59   C  CA  B LYS A 1 7   ? -7.883  1.445   8.264   0.50 23.56 ? 7   LYS A CA  1 
ATOM   60   C  C   A LYS A 1 7   ? -8.310  0.411   7.212   0.50 23.29 ? 7   LYS A C   1 
ATOM   61   C  C   B LYS A 1 7   ? -8.296  0.407   7.215   0.50 23.27 ? 7   LYS A C   1 
ATOM   62   O  O   A LYS A 1 7   ? -8.767  -0.674  7.564   0.50 23.07 ? 7   LYS A O   1 
ATOM   63   O  O   B LYS A 1 7   ? -8.714  -0.696  7.561   0.50 23.04 ? 7   LYS A O   1 
ATOM   64   C  CB  A LYS A 1 7   ? -8.990  2.481   8.474   0.50 24.12 ? 7   LYS A CB  1 
ATOM   65   C  CB  B LYS A 1 7   ? -9.018  2.444   8.539   0.50 24.05 ? 7   LYS A CB  1 
ATOM   66   C  CG  A LYS A 1 7   ? -10.363 1.888   8.719   0.50 25.66 ? 7   LYS A CG  1 
ATOM   67   C  CG  B LYS A 1 7   ? -10.227 1.867   9.284   0.50 25.50 ? 7   LYS A CG  1 
ATOM   68   C  CD  A LYS A 1 7   ? -11.371 2.981   9.047   0.50 27.76 ? 7   LYS A CD  1 
ATOM   69   C  CD  B LYS A 1 7   ? -11.345 2.908   9.411   0.50 27.47 ? 7   LYS A CD  1 
ATOM   70   C  CE  A LYS A 1 7   ? -12.807 2.494   8.924   0.50 28.57 ? 7   LYS A CE  1 
ATOM   71   C  CE  B LYS A 1 7   ? -11.427 3.529   10.800  0.50 28.04 ? 7   LYS A CE  1 
ATOM   72   N  NZ  A LYS A 1 7   ? -13.182 2.200   7.510   0.50 30.02 ? 7   LYS A NZ  1 
ATOM   73   N  NZ  B LYS A 1 7   ? -12.727 3.230   11.468  0.50 29.60 ? 7   LYS A NZ  1 
ATOM   74   N  N   . MET A 1 8   ? -8.150  0.750   5.938   1.00 22.84 ? 8   MET A N   1 
ATOM   75   C  CA  . MET A 1 8   ? -8.494  -0.157  4.855   1.00 22.13 ? 8   MET A CA  1 
ATOM   76   C  C   . MET A 1 8   ? -7.620  -1.416  4.953   1.00 21.65 ? 8   MET A C   1 
ATOM   77   O  O   . MET A 1 8   ? -8.097  -2.545  4.784   1.00 21.31 ? 8   MET A O   1 
ATOM   78   C  CB  . MET A 1 8   ? -8.265  0.526   3.502   1.00 22.04 ? 8   MET A CB  1 
ATOM   79   C  CG  . MET A 1 8   ? -8.717  -0.299  2.321   1.00 20.78 ? 8   MET A CG  1 
ATOM   80   S  SD  . MET A 1 8   ? -8.314  0.466   0.726   1.00 19.74 ? 8   MET A SD  1 
ATOM   81   C  CE  . MET A 1 8   ? -9.588  1.724   0.613   1.00 22.04 ? 8   MET A CE  1 
ATOM   82   N  N   . ILE A 1 9   ? -6.338  -1.211  5.232   1.00 21.48 ? 9   ILE A N   1 
ATOM   83   C  CA  . ILE A 1 9   ? -5.394  -2.311  5.393   1.00 21.54 ? 9   ILE A CA  1 
ATOM   84   C  C   . ILE A 1 9   ? -5.794  -3.206  6.564   1.00 21.87 ? 9   ILE A C   1 
ATOM   85   O  O   . ILE A 1 9   ? -5.788  -4.433  6.444   1.00 21.54 ? 9   ILE A O   1 
ATOM   86   C  CB  . ILE A 1 9   ? -3.968  -1.781  5.598   1.00 21.61 ? 9   ILE A CB  1 
ATOM   87   C  CG1 . ILE A 1 9   ? -3.492  -1.054  4.331   1.00 21.45 ? 9   ILE A CG1 1 
ATOM   88   C  CG2 . ILE A 1 9   ? -3.022  -2.928  5.934   1.00 22.33 ? 9   ILE A CG2 1 
ATOM   89   C  CD1 . ILE A 1 9   ? -2.176  -0.366  4.467   1.00 21.98 ? 9   ILE A CD1 1 
ATOM   90   N  N   . LEU A 1 10  ? -6.157  -2.589  7.683   1.00 22.33 ? 10  LEU A N   1 
ATOM   91   C  CA  . LEU A 1 10  ? -6.579  -3.347  8.865   1.00 23.21 ? 10  LEU A CA  1 
ATOM   92   C  C   . LEU A 1 10  ? -7.830  -4.176  8.555   1.00 23.79 ? 10  LEU A C   1 
ATOM   93   O  O   . LEU A 1 10  ? -7.887  -5.372  8.849   1.00 23.77 ? 10  LEU A O   1 
ATOM   94   C  CB  . LEU A 1 10  ? -6.845  -2.387  10.028  1.00 23.77 ? 10  LEU A CB  1 
ATOM   95   C  CG  . LEU A 1 10  ? -7.379  -3.019  11.322  1.00 24.30 ? 10  LEU A CG  1 
ATOM   96   C  CD1 . LEU A 1 10  ? -6.386  -4.022  11.883  1.00 25.88 ? 10  LEU A CD1 1 
ATOM   97   C  CD2 . LEU A 1 10  ? -7.695  -1.938  12.336  1.00 25.45 ? 10  LEU A CD2 1 
ATOM   98   N  N   . GLU A 1 11  ? -8.838  -3.543  7.962   1.00 24.23 ? 11  GLU A N   1 
ATOM   99   C  CA  . GLU A 1 11  ? -10.079 -4.226  7.607   1.00 24.97 ? 11  GLU A CA  1 
ATOM   100  C  C   . GLU A 1 11  ? -9.832  -5.414  6.689   1.00 24.85 ? 11  GLU A C   1 
ATOM   101  O  O   . GLU A 1 11  ? -10.492 -6.441  6.777   1.00 24.81 ? 11  GLU A O   1 
ATOM   102  C  CB  . GLU A 1 11  ? -11.026 -3.307  6.832   1.00 25.83 ? 11  GLU A CB  1 
ATOM   103  C  CG  . GLU A 1 11  ? -11.382 -2.004  7.490   1.00 27.20 ? 11  GLU A CG  1 
ATOM   104  C  CD  . GLU A 1 11  ? -12.305 -1.176  6.622   1.00 28.81 ? 11  GLU A CD  1 
ATOM   105  O  OE1 . GLU A 1 11  ? -12.121 -1.141  5.371   1.00 27.16 ? 11  GLU A OE1 1 
ATOM   106  O  OE2 . GLU A 1 11  ? -13.235 -0.579  7.192   1.00 30.47 ? 11  GLU A OE2 1 
ATOM   107  N  N   . GLU A 1 12  ? -8.894  -5.253  5.771   1.00 24.55 ? 12  GLU A N   1 
ATOM   108  C  CA  . GLU A 1 12  ? -8.606  -6.274  4.785   1.00 24.83 ? 12  GLU A CA  1 
ATOM   109  C  C   . GLU A 1 12  ? -7.767  -7.432  5.336   1.00 24.60 ? 12  GLU A C   1 
ATOM   110  O  O   . GLU A 1 12  ? -8.104  -8.600  5.117   1.00 23.95 ? 12  GLU A O   1 
ATOM   111  C  CB  . GLU A 1 12  ? -7.888  -5.620  3.603   1.00 25.06 ? 12  GLU A CB  1 
ATOM   112  C  CG  . GLU A 1 12  ? -7.902  -6.445  2.346   1.00 26.65 ? 12  GLU A CG  1 
ATOM   113  C  CD  . GLU A 1 12  ? -9.271  -6.542  1.709   1.00 25.79 ? 12  GLU A CD  1 
ATOM   114  O  OE1 . GLU A 1 12  ? -9.416  -7.410  0.837   1.00 28.99 ? 12  GLU A OE1 1 
ATOM   115  O  OE2 . GLU A 1 12  ? -10.195 -5.767  2.067   1.00 25.81 ? 12  GLU A OE2 1 
ATOM   116  N  N   . THR A 1 13  ? -6.684  -7.105  6.041   1.00 24.57 ? 13  THR A N   1 
ATOM   117  C  CA  . THR A 1 13  ? -5.727  -8.108  6.524   1.00 24.88 ? 13  THR A CA  1 
ATOM   118  C  C   . THR A 1 13  ? -5.825  -8.506  7.986   1.00 25.68 ? 13  THR A C   1 
ATOM   119  O  O   . THR A 1 13  ? -5.402  -9.599  8.334   1.00 26.60 ? 13  THR A O   1 
ATOM   120  C  CB  . THR A 1 13  ? -4.286  -7.647  6.290   1.00 24.78 ? 13  THR A CB  1 
ATOM   121  O  OG1 . THR A 1 13  ? -3.995  -6.512  7.122   1.00 23.05 ? 13  THR A OG1 1 
ATOM   122  C  CG2 . THR A 1 13  ? -4.088  -7.181  4.858   1.00 24.92 ? 13  THR A CG2 1 
ATOM   123  N  N   . GLY A 1 14  ? -6.314  -7.623  8.848   1.00 26.39 ? 14  GLY A N   1 
ATOM   124  C  CA  . GLY A 1 14  ? -6.399  -7.926  10.268  1.00 26.79 ? 14  GLY A CA  1 
ATOM   125  C  C   . GLY A 1 14  ? -5.108  -7.545  10.953  1.00 27.32 ? 14  GLY A C   1 
ATOM   126  O  O   . GLY A 1 14  ? -4.922  -7.711  12.160  1.00 28.58 ? 14  GLY A O   1 
ATOM   127  N  N   . LYS A 1 15  ? -4.128  -6.992  10.145  1.00 27.35 ? 16  LYS A N   1 
ATOM   128  C  CA  . LYS A 1 15  ? -2.879  -6.445  10.638  1.00 27.32 ? 16  LYS A CA  1 
ATOM   129  C  C   . LYS A 1 15  ? -2.936  -4.924  10.704  1.00 27.40 ? 16  LYS A C   1 
ATOM   130  O  O   . LYS A 1 15  ? -3.554  -4.280  9.859   1.00 27.15 ? 16  LYS A O   1 
ATOM   131  C  CB  . LYS A 1 15  ? -1.744  -6.866  9.710   1.00 27.52 ? 16  LYS A CB  1 
ATOM   132  C  CG  . LYS A 1 15  ? -1.414  -8.338  9.725   1.00 28.05 ? 16  LYS A CG  1 
ATOM   133  C  CD  . LYS A 1 15  ? -0.293  -8.622  8.732   1.00 29.08 ? 16  LYS A CD  1 
ATOM   134  C  CE  . LYS A 1 15  ? 0.292   -10.011 8.888   1.00 29.54 ? 16  LYS A CE  1 
ATOM   135  N  NZ  . LYS A 1 15  ? 1.014   -10.167 10.190  1.00 30.81 ? 16  LYS A NZ  1 
ATOM   136  N  N   . LEU A 1 16  ? -2.290  -4.351  11.711  1.00 27.43 ? 17  LEU A N   1 
ATOM   137  C  CA  . LEU A 1 16  ? -2.217  -2.904  11.831  1.00 27.50 ? 17  LEU A CA  1 
ATOM   138  C  C   . LEU A 1 16  ? -1.228  -2.399  10.784  1.00 27.50 ? 17  LEU A C   1 
ATOM   139  O  O   . LEU A 1 16  ? -0.100  -2.889  10.697  1.00 27.23 ? 17  LEU A O   1 
ATOM   140  C  CB  . LEU A 1 16  ? -1.746  -2.500  13.229  1.00 27.68 ? 17  LEU A CB  1 
ATOM   141  C  CG  . LEU A 1 16  ? -2.757  -2.657  14.364  1.00 28.96 ? 17  LEU A CG  1 
ATOM   142  C  CD1 . LEU A 1 16  ? -2.041  -2.478  15.703  1.00 29.58 ? 17  LEU A CD1 1 
ATOM   143  C  CD2 . LEU A 1 16  ? -3.867  -1.646  14.211  1.00 29.74 ? 17  LEU A CD2 1 
ATOM   144  N  N   . ALA A 1 17  ? -1.656  -1.428  9.979   1.00 27.88 ? 18  ALA A N   1 
ATOM   145  C  CA  . ALA A 1 17  ? -0.800  -0.860  8.941   1.00 28.13 ? 18  ALA A CA  1 
ATOM   146  C  C   . ALA A 1 17  ? 0.542   -0.503  9.540   1.00 28.28 ? 18  ALA A C   1 
ATOM   147  O  O   . ALA A 1 17  ? 1.589   -0.782  8.967   1.00 27.85 ? 18  ALA A O   1 
ATOM   148  C  CB  . ALA A 1 17  ? -1.455  0.372   8.331   1.00 27.97 ? 18  ALA A CB  1 
ATOM   149  N  N   . ILE A 1 18  ? 0.492   0.138   10.703  1.00 28.89 ? 19  ILE A N   1 
ATOM   150  C  CA  . ILE A 1 18  ? 1.679   0.477   11.461  1.00 29.67 ? 19  ILE A CA  1 
ATOM   151  C  C   . ILE A 1 18  ? 1.652   -0.471  12.653  1.00 29.87 ? 19  ILE A C   1 
ATOM   152  O  O   . ILE A 1 18  ? 0.677   -0.457  13.396  1.00 30.14 ? 19  ILE A O   1 
ATOM   153  C  CB  . ILE A 1 18  ? 1.609   1.943   11.950  1.00 29.61 ? 19  ILE A CB  1 
ATOM   154  C  CG1 . ILE A 1 18  ? 1.516   2.896   10.757  1.00 30.54 ? 19  ILE A CG1 1 
ATOM   155  C  CG2 . ILE A 1 18  ? 2.821   2.277   12.812  1.00 30.33 ? 19  ILE A CG2 1 
ATOM   156  C  CD1 . ILE A 1 18  ? 1.317   4.350   11.133  1.00 31.72 ? 19  ILE A CD1 1 
ATOM   157  N  N   . PRO A 1 19  ? 2.683   -1.274  12.893  1.00 30.66 ? 20  PRO A N   1 
ATOM   158  C  CA  . PRO A 1 19  ? 3.925   -1.376  12.127  1.00 30.58 ? 20  PRO A CA  1 
ATOM   159  C  C   . PRO A 1 19  ? 4.053   -2.536  11.135  1.00 29.93 ? 20  PRO A C   1 
ATOM   160  O  O   . PRO A 1 19  ? 5.160   -2.772  10.662  1.00 30.70 ? 20  PRO A O   1 
ATOM   161  C  CB  . PRO A 1 19  ? 4.930   -1.590  13.247  1.00 30.77 ? 20  PRO A CB  1 
ATOM   162  C  CG  . PRO A 1 19  ? 4.192   -2.538  14.148  1.00 31.52 ? 20  PRO A CG  1 
ATOM   163  C  CD  . PRO A 1 19  ? 2.753   -2.081  14.123  1.00 30.81 ? 20  PRO A CD  1 
ATOM   164  N  N   . SER A 1 20  ? 2.973   -3.234  10.810  1.00 28.84 ? 21  SER A N   1 
ATOM   165  C  CA  . SER A 1 20  ? 3.063   -4.358  9.875   1.00 28.32 ? 21  SER A CA  1 
ATOM   166  C  C   . SER A 1 20  ? 3.453   -3.996  8.431   1.00 27.63 ? 21  SER A C   1 
ATOM   167  O  O   . SER A 1 20  ? 4.130   -4.785  7.748   1.00 27.18 ? 21  SER A O   1 
ATOM   168  C  CB  . SER A 1 20  ? 1.740   -5.126  9.853   1.00 28.25 ? 21  SER A CB  1 
ATOM   169  O  OG  . SER A 1 20  ? 1.544   -5.832  11.064  1.00 28.76 ? 21  SER A OG  1 
ATOM   170  N  N   . TYR A 1 21  ? 3.017   -2.825  7.963   1.00 27.30 ? 22  TYR A N   1 
ATOM   171  C  CA  . TYR A 1 21  ? 3.271   -2.399  6.586   1.00 27.23 ? 22  TYR A CA  1 
ATOM   172  C  C   . TYR A 1 21  ? 3.873   -0.993  6.464   1.00 27.70 ? 22  TYR A C   1 
ATOM   173  O  O   . TYR A 1 21  ? 3.863   -0.405  5.379   1.00 28.82 ? 22  TYR A O   1 
ATOM   174  C  CB  . TYR A 1 21  ? 1.974   -2.444  5.778   1.00 26.69 ? 22  TYR A CB  1 
ATOM   175  C  CG  . TYR A 1 21  ? 1.365   -3.821  5.635   1.00 25.14 ? 22  TYR A CG  1 
ATOM   176  C  CD1 . TYR A 1 21  ? 1.893   -4.746  4.743   1.00 23.33 ? 22  TYR A CD1 1 
ATOM   177  C  CD2 . TYR A 1 21  ? 0.240   -4.177  6.358   1.00 23.52 ? 22  TYR A CD2 1 
ATOM   178  C  CE1 . TYR A 1 21  ? 1.318   -5.999  4.587   1.00 22.11 ? 22  TYR A CE1 1 
ATOM   179  C  CE2 . TYR A 1 21  ? -0.331  -5.423  6.219   1.00 22.54 ? 22  TYR A CE2 1 
ATOM   180  C  CZ  . TYR A 1 21  ? 0.213   -6.334  5.330   1.00 22.34 ? 22  TYR A CZ  1 
ATOM   181  O  OH  . TYR A 1 21  ? -0.359  -7.575  5.189   1.00 21.76 ? 22  TYR A OH  1 
ATOM   182  N  N   . SER A 1 22  ? 4.394   -0.438  7.554   1.00 27.74 ? 23  SER A N   1 
ATOM   183  C  CA  . SER A 1 22  ? 4.944   0.918   7.510   1.00 28.05 ? 23  SER A CA  1 
ATOM   184  C  C   . SER A 1 22  ? 6.461   0.960   7.317   1.00 27.88 ? 23  SER A C   1 
ATOM   185  O  O   . SER A 1 22  ? 7.010   2.002   6.966   1.00 28.22 ? 23  SER A O   1 
ATOM   186  C  CB  . SER A 1 22  ? 4.561   1.684   8.776   1.00 28.33 ? 23  SER A CB  1 
ATOM   187  O  OG  . SER A 1 22  ? 5.101   1.065   9.920   1.00 30.34 ? 23  SER A OG  1 
ATOM   188  N  N   . SER A 1 23  ? 7.133   -0.159  7.565   1.00 27.81 ? 24  SER A N   1 
ATOM   189  C  CA  . SER A 1 23  ? 8.581   -0.241  7.403   1.00 27.81 ? 24  SER A CA  1 
ATOM   190  C  C   . SER A 1 23  ? 8.982   -1.614  6.874   1.00 27.35 ? 24  SER A C   1 
ATOM   191  O  O   . SER A 1 23  ? 10.067  -2.111  7.165   1.00 27.83 ? 24  SER A O   1 
ATOM   192  C  CB  . SER A 1 23  ? 9.271   0.007   8.741   1.00 28.08 ? 24  SER A CB  1 
ATOM   193  O  OG  . SER A 1 23  ? 8.972   -1.045  9.647   1.00 29.81 ? 24  SER A OG  1 
ATOM   194  N  N   . TYR A 1 24  ? 8.119   -2.203  6.053   1.00 26.00 ? 25  TYR A N   1 
ATOM   195  C  CA  . TYR A 1 24  ? 8.340   -3.547  5.533   1.00 25.20 ? 25  TYR A CA  1 
ATOM   196  C  C   . TYR A 1 24  ? 9.130   -3.548  4.225   1.00 24.62 ? 25  TYR A C   1 
ATOM   197  O  O   . TYR A 1 24  ? 8.790   -2.846  3.273   1.00 24.59 ? 25  TYR A O   1 
ATOM   198  C  CB  . TYR A 1 24  ? 6.986   -4.222  5.342   1.00 24.82 ? 25  TYR A CB  1 
ATOM   199  C  CG  . TYR A 1 24  ? 7.014   -5.683  4.982   1.00 24.15 ? 25  TYR A CG  1 
ATOM   200  C  CD1 . TYR A 1 24  ? 7.280   -6.102  3.691   1.00 23.04 ? 25  TYR A CD1 1 
ATOM   201  C  CD2 . TYR A 1 24  ? 6.698   -6.641  5.923   1.00 24.15 ? 25  TYR A CD2 1 
ATOM   202  C  CE1 . TYR A 1 24  ? 7.269   -7.447  3.364   1.00 22.76 ? 25  TYR A CE1 1 
ATOM   203  C  CE2 . TYR A 1 24  ? 6.674   -7.981  5.605   1.00 23.68 ? 25  TYR A CE2 1 
ATOM   204  C  CZ  . TYR A 1 24  ? 6.962   -8.382  4.326   1.00 23.50 ? 25  TYR A CZ  1 
ATOM   205  O  OH  . TYR A 1 24  ? 6.934   -9.725  4.021   1.00 24.54 ? 25  TYR A OH  1 
ATOM   206  N  N   . GLY A 1 25  ? 10.193  -4.336  4.175   1.00 24.05 ? 26  GLY A N   1 
ATOM   207  C  CA  . GLY A 1 25  ? 10.999  -4.448  2.976   1.00 23.85 ? 26  GLY A CA  1 
ATOM   208  C  C   . GLY A 1 25  ? 11.576  -3.150  2.439   1.00 23.65 ? 26  GLY A C   1 
ATOM   209  O  O   . GLY A 1 25  ? 11.874  -2.215  3.184   1.00 23.75 ? 26  GLY A O   1 
ATOM   210  N  N   . CYS A 1 26  ? 11.729  -3.099  1.119   1.00 23.65 ? 27  CYS A N   1 
ATOM   211  C  CA  . CYS A 1 26  ? 12.321  -1.951  0.456   1.00 23.44 ? 27  CYS A CA  1 
ATOM   212  C  C   . CYS A 1 26  ? 11.338  -0.856  0.058   1.00 23.44 ? 27  CYS A C   1 
ATOM   213  O  O   . CYS A 1 26  ? 11.749  0.285   -0.160  1.00 23.58 ? 27  CYS A O   1 
ATOM   214  C  CB  . CYS A 1 26  ? 13.088  -2.408  -0.792  1.00 23.54 ? 27  CYS A CB  1 
ATOM   215  S  SG  . CYS A 1 26  ? 14.553  -3.421  -0.435  1.00 24.92 ? 27  CYS A SG  1 
ATOM   216  N  N   . TYR A 1 27  ? 10.049  -1.183  -0.017  1.00 23.48 ? 28  TYR A N   1 
ATOM   217  C  CA  . TYR A 1 27  ? 9.069   -0.219  -0.510  1.00 23.72 ? 28  TYR A CA  1 
ATOM   218  C  C   . TYR A 1 27  ? 7.869   0.104   0.372   1.00 24.45 ? 28  TYR A C   1 
ATOM   219  O  O   . TYR A 1 27  ? 7.145   1.049   0.061   1.00 24.36 ? 28  TYR A O   1 
ATOM   220  C  CB  . TYR A 1 27  ? 8.581   -0.658  -1.895  1.00 23.35 ? 28  TYR A CB  1 
ATOM   221  C  CG  . TYR A 1 27  ? 9.667   -0.555  -2.938  1.00 22.95 ? 28  TYR A CG  1 
ATOM   222  C  CD1 . TYR A 1 27  ? 10.508  -1.619  -3.201  1.00 22.93 ? 28  TYR A CD1 1 
ATOM   223  C  CD2 . TYR A 1 27  ? 9.888   0.634   -3.614  1.00 24.04 ? 28  TYR A CD2 1 
ATOM   224  C  CE1 . TYR A 1 27  ? 11.515  -1.517  -4.135  1.00 23.59 ? 28  TYR A CE1 1 
ATOM   225  C  CE2 . TYR A 1 27  ? 10.898  0.748   -4.553  1.00 24.18 ? 28  TYR A CE2 1 
ATOM   226  C  CZ  . TYR A 1 27  ? 11.707  -0.323  -4.812  1.00 23.69 ? 28  TYR A CZ  1 
ATOM   227  O  OH  . TYR A 1 27  ? 12.705  -0.197  -5.753  1.00 25.52 ? 28  TYR A OH  1 
ATOM   228  N  N   . CYS A 1 28  ? 7.643   -0.635  1.452   1.00 25.10 ? 29  CYS A N   1 
ATOM   229  C  CA  . CYS A 1 28  ? 6.478   -0.377  2.305   1.00 26.29 ? 29  CYS A CA  1 
ATOM   230  C  C   . CYS A 1 28  ? 6.762   0.706   3.322   1.00 29.11 ? 29  CYS A C   1 
ATOM   231  O  O   . CYS A 1 28  ? 7.629   0.539   4.182   1.00 30.33 ? 29  CYS A O   1 
ATOM   232  C  CB  . CYS A 1 28  ? 6.040   -1.644  3.036   1.00 25.65 ? 29  CYS A CB  1 
ATOM   233  S  SG  . CYS A 1 28  ? 5.532   -2.957  1.918   1.00 21.90 ? 29  CYS A SG  1 
ATOM   234  N  N   . GLY A 1 29  ? 6.015   1.805   3.235   1.00 31.37 ? 30  GLY A N   1 
ATOM   235  C  CA  . GLY A 1 29  ? 6.178   2.909   4.167   1.00 33.38 ? 30  GLY A CA  1 
ATOM   236  C  C   . GLY A 1 29  ? 7.269   3.896   3.795   1.00 35.17 ? 30  GLY A C   1 
ATOM   237  O  O   . GLY A 1 29  ? 7.262   5.029   4.286   1.00 35.77 ? 30  GLY A O   1 
ATOM   238  N  N   . TRP A 1 30  ? 8.218   3.481   2.959   1.00 37.04 ? 31  TRP A N   1 
ATOM   239  C  CA  . TRP A 1 30  ? 9.291   4.385   2.546   1.00 38.50 ? 31  TRP A CA  1 
ATOM   240  C  C   . TRP A 1 30  ? 10.048  3.965   1.284   1.00 39.10 ? 31  TRP A C   1 
ATOM   241  O  O   . TRP A 1 30  ? 11.234  4.279   1.144   1.00 39.84 ? 31  TRP A O   1 
ATOM   242  C  CB  . TRP A 1 30  ? 10.299  4.547   3.685   1.00 38.84 ? 31  TRP A CB  1 
ATOM   243  C  CG  . TRP A 1 30  ? 10.421  5.964   4.051   1.00 40.68 ? 31  TRP A CG  1 
ATOM   244  C  CD1 . TRP A 1 30  ? 9.411   6.779   4.448   1.00 41.73 ? 31  TRP A CD1 1 
ATOM   245  C  CD2 . TRP A 1 30  ? 11.598  6.778   3.997   1.00 42.53 ? 31  TRP A CD2 1 
ATOM   246  N  NE1 . TRP A 1 30  ? 9.882   8.048   4.665   1.00 42.52 ? 31  TRP A NE1 1 
ATOM   247  C  CE2 . TRP A 1 30  ? 11.224  8.074   4.397   1.00 42.60 ? 31  TRP A CE2 1 
ATOM   248  C  CE3 . TRP A 1 30  ? 12.936  6.543   3.663   1.00 43.28 ? 31  TRP A CE3 1 
ATOM   249  C  CZ2 . TRP A 1 30  ? 12.128  9.122   4.476   1.00 43.38 ? 31  TRP A CZ2 1 
ATOM   250  C  CZ3 . TRP A 1 30  ? 13.835  7.593   3.742   1.00 43.84 ? 31  TRP A CZ3 1 
ATOM   251  C  CH2 . TRP A 1 30  ? 13.424  8.863   4.144   1.00 43.60 ? 31  TRP A CH2 1 
ATOM   252  N  N   . GLY A 1 31  ? 9.377   3.279   0.364   1.00 39.56 ? 32  GLY A N   1 
ATOM   253  C  CA  . GLY A 1 31  ? 10.017  2.820   -0.855  1.00 39.68 ? 32  GLY A CA  1 
ATOM   254  C  C   . GLY A 1 31  ? 10.937  3.844   -1.478  1.00 39.42 ? 32  GLY A C   1 
ATOM   255  O  O   . GLY A 1 31  ? 10.920  5.015   -1.110  1.00 40.26 ? 32  GLY A O   1 
ATOM   256  N  N   . GLY A 1 32  ? 11.743  3.397   -2.432  1.00 39.06 ? 33  GLY A N   1 
ATOM   257  C  CA  . GLY A 1 32  ? 12.663  4.284   -3.112  1.00 38.19 ? 33  GLY A CA  1 
ATOM   258  C  C   . GLY A 1 32  ? 13.573  3.574   -4.095  1.00 37.62 ? 33  GLY A C   1 
ATOM   259  O  O   . GLY A 1 32  ? 13.760  4.041   -5.219  1.00 37.92 ? 33  GLY A O   1 
ATOM   260  N  N   . LYS A 1 33  ? 14.140  2.445   -3.680  1.00 36.21 ? 34  LYS A N   1 
ATOM   261  C  CA  . LYS A 1 33  ? 15.056  1.714   -4.543  1.00 35.09 ? 34  LYS A CA  1 
ATOM   262  C  C   . LYS A 1 33  ? 15.190  0.252   -4.145  1.00 33.59 ? 34  LYS A C   1 
ATOM   263  O  O   . LYS A 1 33  ? 14.679  -0.179  -3.111  1.00 32.87 ? 34  LYS A O   1 
ATOM   264  C  CB  . LYS A 1 33  ? 16.434  2.380   -4.518  1.00 35.38 ? 34  LYS A CB  1 
ATOM   265  C  CG  . LYS A 1 33  ? 17.075  2.366   -3.158  1.00 36.58 ? 34  LYS A CG  1 
ATOM   266  C  CD  . LYS A 1 33  ? 18.536  2.795   -3.201  1.00 38.12 ? 34  LYS A CD  1 
ATOM   267  C  CE  . LYS A 1 33  ? 18.699  4.248   -3.616  1.00 39.17 ? 34  LYS A CE  1 
ATOM   268  N  NZ  . LYS A 1 33  ? 20.132  4.654   -3.632  1.00 40.71 ? 34  LYS A NZ  1 
ATOM   269  N  N   . GLY A 1 34  ? 15.877  -0.508  -4.984  1.00 32.12 ? 35  GLY A N   1 
ATOM   270  C  CA  . GLY A 1 34  ? 16.120  -1.911  -4.718  1.00 31.30 ? 35  GLY A CA  1 
ATOM   271  C  C   . GLY A 1 34  ? 15.083  -2.846  -5.306  1.00 30.40 ? 35  GLY A C   1 
ATOM   272  O  O   . GLY A 1 34  ? 14.056  -2.418  -5.830  1.00 29.41 ? 35  GLY A O   1 
ATOM   273  N  N   . THR A 1 35  ? 15.366  -4.137  -5.218  1.00 29.57 ? 36  THR A N   1 
ATOM   274  C  CA  . THR A 1 35  ? 14.447  -5.155  -5.692  1.00 29.15 ? 36  THR A CA  1 
ATOM   275  C  C   . THR A 1 35  ? 13.523  -5.516  -4.540  1.00 28.01 ? 36  THR A C   1 
ATOM   276  O  O   . THR A 1 35  ? 14.004  -5.829  -3.455  1.00 27.60 ? 36  THR A O   1 
ATOM   277  C  CB  . THR A 1 35  ? 15.224  -6.410  -6.124  1.00 29.41 ? 36  THR A CB  1 
ATOM   278  O  OG1 . THR A 1 35  ? 16.071  -6.110  -7.246  1.00 31.62 ? 36  THR A OG1 1 
ATOM   279  C  CG2 . THR A 1 35  ? 14.272  -7.493  -6.619  1.00 30.12 ? 36  THR A CG2 1 
ATOM   280  N  N   . PRO A 1 36  ? 12.206  -5.475  -4.751  1.00 26.51 ? 37  PRO A N   1 
ATOM   281  C  CA  . PRO A 1 36  ? 11.268  -5.827  -3.684  1.00 26.02 ? 37  PRO A CA  1 
ATOM   282  C  C   . PRO A 1 36  ? 11.626  -7.190  -3.101  1.00 25.55 ? 37  PRO A C   1 
ATOM   283  O  O   . PRO A 1 36  ? 11.974  -8.096  -3.867  1.00 25.83 ? 37  PRO A O   1 
ATOM   284  C  CB  . PRO A 1 36  ? 9.922   -5.844  -4.412  1.00 25.92 ? 37  PRO A CB  1 
ATOM   285  C  CG  . PRO A 1 36  ? 10.107  -4.831  -5.480  1.00 26.40 ? 37  PRO A CG  1 
ATOM   286  C  CD  . PRO A 1 36  ? 11.489  -5.101  -5.989  1.00 26.65 ? 37  PRO A CD  1 
ATOM   287  N  N   . LYS A 1 37  ? 11.560  -7.321  -1.782  1.00 25.02 ? 38  LYS A N   1 
ATOM   288  C  CA  . LYS A 1 37  ? 11.970  -8.555  -1.104  1.00 24.98 ? 38  LYS A CA  1 
ATOM   289  C  C   . LYS A 1 37  ? 11.032  -9.735  -1.297  1.00 24.61 ? 38  LYS A C   1 
ATOM   290  O  O   . LYS A 1 37  ? 11.467  -10.890 -1.237  1.00 25.06 ? 38  LYS A O   1 
ATOM   291  C  CB  . LYS A 1 37  ? 12.150  -8.295  0.397   1.00 25.13 ? 38  LYS A CB  1 
ATOM   292  C  CG  . LYS A 1 37  ? 13.125  -7.168  0.739   1.00 26.11 ? 38  LYS A CG  1 
ATOM   293  C  CD  . LYS A 1 37  ? 14.447  -7.288  -0.022  1.00 27.26 ? 38  LYS A CD  1 
ATOM   294  C  CE  . LYS A 1 37  ? 15.165  -8.589  0.310   1.00 28.31 ? 38  LYS A CE  1 
ATOM   295  N  NZ  . LYS A 1 37  ? 16.476  -8.696  -0.383  1.00 29.85 ? 38  LYS A NZ  1 
ATOM   296  N  N   . ASP A 1 38  ? 9.748   -9.464  -1.506  1.00 23.77 ? 39  ASP A N   1 
ATOM   297  C  CA  . ASP A 1 38  ? 8.772   -10.526 -1.677  1.00 23.06 ? 39  ASP A CA  1 
ATOM   298  C  C   . ASP A 1 38  ? 7.471   -9.962  -2.243  1.00 22.17 ? 39  ASP A C   1 
ATOM   299  O  O   . ASP A 1 38  ? 7.394   -8.777  -2.569  1.00 21.93 ? 39  ASP A O   1 
ATOM   300  C  CB  . ASP A 1 38  ? 8.524   -11.264 -0.352  1.00 23.30 ? 39  ASP A CB  1 
ATOM   301  C  CG  . ASP A 1 38  ? 7.828   -10.411 0.693   1.00 23.37 ? 39  ASP A CG  1 
ATOM   302  O  OD1 . ASP A 1 38  ? 7.529   -9.221  0.437   1.00 22.12 ? 39  ASP A OD1 1 
ATOM   303  O  OD2 . ASP A 1 38  ? 7.529   -10.865 1.821   1.00 23.75 ? 39  ASP A OD2 1 
ATOM   304  N  N   . ALA A 1 39  ? 6.453   -10.802 -2.348  1.00 21.63 ? 40  ALA A N   1 
ATOM   305  C  CA  . ALA A 1 39  ? 5.171   -10.376 -2.907  1.00 21.32 ? 40  ALA A CA  1 
ATOM   306  C  C   . ALA A 1 39  ? 4.571   -9.156  -2.193  1.00 20.93 ? 40  ALA A C   1 
ATOM   307  O  O   . ALA A 1 39  ? 4.079   -8.234  -2.840  1.00 20.27 ? 40  ALA A O   1 
ATOM   308  C  CB  . ALA A 1 39  ? 4.188   -11.524 -2.893  1.00 21.78 ? 40  ALA A CB  1 
ATOM   309  N  N   . THR A 1 40  ? 4.582   -9.167  -0.866  1.00 19.95 ? 41  THR A N   1 
ATOM   310  C  CA  . THR A 1 40  ? 4.051   -8.049  -0.103  1.00 19.90 ? 41  THR A CA  1 
ATOM   311  C  C   . THR A 1 40  ? 4.794   -6.769  -0.442  1.00 19.62 ? 41  THR A C   1 
ATOM   312  O  O   . THR A 1 40  ? 4.180   -5.722  -0.652  1.00 19.17 ? 41  THR A O   1 
ATOM   313  C  CB  . THR A 1 40  ? 4.148   -8.330  1.392   1.00 20.13 ? 41  THR A CB  1 
ATOM   314  O  OG1 . THR A 1 40  ? 3.173   -9.315  1.755   1.00 21.14 ? 41  THR A OG1 1 
ATOM   315  C  CG2 . THR A 1 40  ? 3.784   -7.081  2.190   1.00 20.97 ? 41  THR A CG2 1 
ATOM   316  N  N   . ASP A 1 41  ? 6.114   -6.843  -0.507  1.00 19.09 ? 42  ASP A N   1 
ATOM   317  C  CA  . ASP A 1 41  ? 6.924   -5.674  -0.833  1.00 19.10 ? 42  ASP A CA  1 
ATOM   318  C  C   . ASP A 1 41  ? 6.592   -5.206  -2.259  1.00 19.04 ? 42  ASP A C   1 
ATOM   319  O  O   . ASP A 1 41  ? 6.557   -4.001  -2.542  1.00 19.40 ? 42  ASP A O   1 
ATOM   320  C  CB  . ASP A 1 41  ? 8.415   -6.009  -0.709  1.00 19.06 ? 42  ASP A CB  1 
ATOM   321  C  CG  . ASP A 1 41  ? 9.295   -4.811  -0.510  1.00 20.15 ? 42  ASP A CG  1 
ATOM   322  O  OD1 . ASP A 1 41  ? 8.794   -3.693  -0.216  1.00 21.13 ? 42  ASP A OD1 1 
ATOM   323  O  OD2 . ASP A 1 41  ? 10.540  -4.938  -0.588  1.00 21.23 ? 42  ASP A OD2 1 
ATOM   324  N  N   . ARG A 1 42  ? 6.347   -6.157  -3.157  1.00 18.84 ? 43  ARG A N   1 
ATOM   325  C  CA  . ARG A 1 42  ? 5.966   -5.804  -4.514  1.00 19.06 ? 43  ARG A CA  1 
ATOM   326  C  C   . ARG A 1 42  ? 4.643   -5.044  -4.507  1.00 18.86 ? 43  ARG A C   1 
ATOM   327  O  O   . ARG A 1 42  ? 4.448   -4.155  -5.332  1.00 18.70 ? 43  ARG A O   1 
ATOM   328  C  CB  . ARG A 1 42  ? 5.878   -7.029  -5.420  1.00 19.34 ? 43  ARG A CB  1 
ATOM   329  C  CG  . ARG A 1 42  ? 7.235   -7.634  -5.771  1.00 20.89 ? 43  ARG A CG  1 
ATOM   330  C  CD  . ARG A 1 42  ? 7.199   -8.633  -6.923  1.00 22.55 ? 43  ARG A CD  1 
ATOM   331  N  NE  . ARG A 1 42  ? 6.671   -9.931  -6.521  1.00 23.64 ? 43  ARG A NE  1 
ATOM   332  C  CZ  . ARG A 1 42  ? 7.352   -10.847 -5.832  1.00 25.64 ? 43  ARG A CZ  1 
ATOM   333  N  NH1 . ARG A 1 42  ? 8.603   -10.611 -5.451  1.00 25.39 ? 43  ARG A NH1 1 
ATOM   334  N  NH2 . ARG A 1 42  ? 6.776   -11.994 -5.510  1.00 26.26 ? 43  ARG A NH2 1 
ATOM   335  N  N   . CYS A 1 43  ? 3.739   -5.393  -3.594  1.00 18.66 ? 44  CYS A N   1 
ATOM   336  C  CA  . CYS A 1 43  ? 2.485   -4.645  -3.470  1.00 18.42 ? 44  CYS A CA  1 
ATOM   337  C  C   . CYS A 1 43  ? 2.809   -3.181  -3.211  1.00 18.60 ? 44  CYS A C   1 
ATOM   338  O  O   . CYS A 1 43  ? 2.186   -2.266  -3.764  1.00 18.23 ? 44  CYS A O   1 
ATOM   339  C  CB  . CYS A 1 43  ? 1.638   -5.150  -2.309  1.00 18.85 ? 44  CYS A CB  1 
ATOM   340  S  SG  . CYS A 1 43  ? 1.061   -6.845  -2.449  1.00 20.46 ? 44  CYS A SG  1 
ATOM   341  N  N   . CYS A 1 44  ? 3.792   -2.954  -2.355  1.00 18.68 ? 45  CYS A N   1 
ATOM   342  C  CA  . CYS A 1 44  ? 4.183   -1.595  -2.010  1.00 18.72 ? 45  CYS A CA  1 
ATOM   343  C  C   . CYS A 1 44  ? 4.893   -0.905  -3.159  1.00 18.23 ? 45  CYS A C   1 
ATOM   344  O  O   . CYS A 1 44  ? 4.704   0.287   -3.366  1.00 18.33 ? 45  CYS A O   1 
ATOM   345  C  CB  . CYS A 1 44  ? 5.041   -1.591  -0.768  1.00 18.79 ? 45  CYS A CB  1 
ATOM   346  S  SG  . CYS A 1 44  ? 4.131   -2.161  0.678   1.00 20.44 ? 45  CYS A SG  1 
ATOM   347  N  N   . PHE A 1 45  ? 5.720   -1.620  -3.897  1.00 18.24 ? 46  PHE A N   1 
ATOM   348  C  CA  . PHE A 1 45  ? 6.380   -1.044  -5.053  1.00 18.17 ? 46  PHE A CA  1 
ATOM   349  C  C   . PHE A 1 45  ? 5.315   -0.540  -6.033  1.00 17.81 ? 46  PHE A C   1 
ATOM   350  O  O   . PHE A 1 45  ? 5.374   0.592   -6.499  1.00 17.70 ? 46  PHE A O   1 
ATOM   351  C  CB  . PHE A 1 45  ? 7.269   -2.068  -5.761  1.00 18.55 ? 46  PHE A CB  1 
ATOM   352  C  CG  . PHE A 1 45  ? 7.913   -1.533  -7.002  1.00 19.97 ? 46  PHE A CG  1 
ATOM   353  C  CD1 . PHE A 1 45  ? 9.003   -0.697  -6.913  1.00 23.37 ? 46  PHE A CD1 1 
ATOM   354  C  CD2 . PHE A 1 45  ? 7.390   -1.806  -8.246  1.00 22.28 ? 46  PHE A CD2 1 
ATOM   355  C  CE1 . PHE A 1 45  ? 9.585   -0.163  -8.036  1.00 24.06 ? 46  PHE A CE1 1 
ATOM   356  C  CE2 . PHE A 1 45  ? 7.984   -1.264  -9.376  1.00 21.28 ? 46  PHE A CE2 1 
ATOM   357  C  CZ  . PHE A 1 45  ? 9.073   -0.451  -9.268  1.00 21.51 ? 46  PHE A CZ  1 
ATOM   358  N  N   . VAL A 1 46  ? 4.349   -1.391  -6.363  1.00 16.89 ? 47  VAL A N   1 
ATOM   359  C  CA  . VAL A 1 46  ? 3.283   -1.005  -7.288  1.00 16.99 ? 47  VAL A CA  1 
ATOM   360  C  C   . VAL A 1 46  ? 2.457   0.169   -6.743  1.00 16.88 ? 47  VAL A C   1 
ATOM   361  O  O   . VAL A 1 46  ? 2.099   1.095   -7.488  1.00 17.19 ? 47  VAL A O   1 
ATOM   362  C  CB  . VAL A 1 46  ? 2.390   -2.210  -7.620  1.00 16.99 ? 47  VAL A CB  1 
ATOM   363  C  CG1 . VAL A 1 46  ? 1.156   -1.779  -8.413  1.00 17.42 ? 47  VAL A CG1 1 
ATOM   364  C  CG2 . VAL A 1 46  ? 3.179   -3.249  -8.408  1.00 17.05 ? 47  VAL A CG2 1 
ATOM   365  N  N   . HIS A 1 47  ? 2.203   0.169   -5.444  1.00 16.98 ? 48  HIS A N   1 
ATOM   366  C  CA  . HIS A 1 47  ? 1.439   1.240   -4.813  1.00 16.70 ? 48  HIS A CA  1 
ATOM   367  C  C   . HIS A 1 47  ? 2.214   2.532   -4.937  1.00 16.93 ? 48  HIS A C   1 
ATOM   368  O  O   . HIS A 1 47  ? 1.635   3.592   -5.205  1.00 17.03 ? 48  HIS A O   1 
ATOM   369  C  CB  . HIS A 1 47  ? 1.193   0.884   -3.347  1.00 16.46 ? 48  HIS A CB  1 
ATOM   370  C  CG  . HIS A 1 47  ? 0.334   1.862   -2.628  1.00 16.39 ? 48  HIS A CG  1 
ATOM   371  N  ND1 . HIS A 1 47  ? 0.827   2.693   -1.642  1.00 17.99 ? 48  HIS A ND1 1 
ATOM   372  C  CD2 . HIS A 1 47  ? -0.969  2.171   -2.766  1.00 16.50 ? 48  HIS A CD2 1 
ATOM   373  C  CE1 . HIS A 1 47  ? -0.153  3.441   -1.175  1.00 17.28 ? 48  HIS A CE1 1 
ATOM   374  N  NE2 . HIS A 1 47  ? -1.253  3.141   -1.832  1.00 16.64 ? 48  HIS A NE2 1 
ATOM   375  N  N   . ASP A 1 48  ? 3.525   2.450   -4.766  1.00 17.38 ? 49  ASP A N   1 
ATOM   376  C  CA  . ASP A 1 48  ? 4.380   3.613   -4.909  1.00 18.33 ? 49  ASP A CA  1 
ATOM   377  C  C   . ASP A 1 48  ? 4.233   4.131   -6.347  1.00 18.15 ? 49  ASP A C   1 
ATOM   378  O  O   . ASP A 1 48  ? 4.049   5.318   -6.596  1.00 18.97 ? 49  ASP A O   1 
ATOM   379  C  CB  . ASP A 1 48  ? 5.840   3.251   -4.627  1.00 18.68 ? 49  ASP A CB  1 
ATOM   380  C  CG  . ASP A 1 48  ? 6.154   3.122   -3.146  1.00 21.95 ? 49  ASP A CG  1 
ATOM   381  O  OD1 . ASP A 1 48  ? 5.253   3.256   -2.287  1.00 23.95 ? 49  ASP A OD1 1 
ATOM   382  O  OD2 . ASP A 1 48  ? 7.308   2.886   -2.758  1.00 25.87 ? 49  ASP A OD2 1 
ATOM   383  N  N   . CYS A 1 49  ? 4.346   3.219   -7.302  1.00 17.84 ? 50  CYS A N   1 
ATOM   384  C  CA  . CYS A 1 49  ? 4.212   3.575   -8.711  1.00 17.85 ? 50  CYS A CA  1 
ATOM   385  C  C   . CYS A 1 49  ? 2.849   4.191   -9.002  1.00 17.59 ? 50  CYS A C   1 
ATOM   386  O  O   . CYS A 1 49  ? 2.728   5.150   -9.780  1.00 18.14 ? 50  CYS A O   1 
ATOM   387  C  CB  . CYS A 1 49  ? 4.413   2.330   -9.562  1.00 18.11 ? 50  CYS A CB  1 
ATOM   388  S  SG  . CYS A 1 49  ? 6.111   1.708   -9.555  1.00 19.01 ? 50  CYS A SG  1 
ATOM   389  N  N   . CYS A 1 50  ? 1.819   3.645   -8.371  1.00 17.23 ? 51  CYS A N   1 
ATOM   390  C  CA  . CYS A 1 50  ? 0.455   4.115   -8.548  1.00 17.31 ? 51  CYS A CA  1 
ATOM   391  C  C   . CYS A 1 50  ? 0.338   5.572   -8.094  1.00 18.15 ? 51  CYS A C   1 
ATOM   392  O  O   . CYS A 1 50  ? -0.191  6.423   -8.821  1.00 18.23 ? 51  CYS A O   1 
ATOM   393  C  CB  . CYS A 1 50  ? -0.507  3.233   -7.783  1.00 17.29 ? 51  CYS A CB  1 
ATOM   394  S  SG  . CYS A 1 50  ? -2.217  3.302   -8.302  1.00 16.72 ? 51  CYS A SG  1 
ATOM   395  N  N   . TYR A 1 51  ? 0.868   5.882   -6.912  1.00 17.81 ? 52  TYR A N   1 
ATOM   396  C  CA  . TYR A 1 51  ? 0.876   7.254   -6.420  1.00 18.36 ? 52  TYR A CA  1 
ATOM   397  C  C   . TYR A 1 51  ? 1.684   8.113   -7.393  1.00 19.46 ? 52  TYR A C   1 
ATOM   398  O  O   . TYR A 1 51  ? 1.357   9.278   -7.632  1.00 20.01 ? 52  TYR A O   1 
ATOM   399  C  CB  . TYR A 1 51  ? 1.490   7.318   -5.013  1.00 17.93 ? 52  TYR A CB  1 
ATOM   400  C  CG  . TYR A 1 51  ? 0.540   7.021   -3.857  1.00 16.89 ? 52  TYR A CG  1 
ATOM   401  C  CD1 . TYR A 1 51  ? -0.767  6.582   -4.065  1.00 16.05 ? 52  TYR A CD1 1 
ATOM   402  C  CD2 . TYR A 1 51  ? 0.968   7.170   -2.555  1.00 17.48 ? 52  TYR A CD2 1 
ATOM   403  C  CE1 . TYR A 1 51  ? -1.626  6.323   -2.994  1.00 18.08 ? 52  TYR A CE1 1 
ATOM   404  C  CE2 . TYR A 1 51  ? 0.128   6.921   -1.491  1.00 17.53 ? 52  TYR A CE2 1 
ATOM   405  C  CZ  . TYR A 1 51  ? -1.157  6.496   -1.713  1.00 17.40 ? 52  TYR A CZ  1 
ATOM   406  O  OH  . TYR A 1 51  ? -1.957  6.248   -0.617  1.00 18.14 ? 52  TYR A OH  1 
ATOM   407  N  N   . GLY A 1 52  ? 2.750   7.532   -7.932  1.00 20.06 ? 53  GLY A N   1 
ATOM   408  C  CA  . GLY A 1 52  ? 3.622   8.217   -8.870  1.00 21.15 ? 53  GLY A CA  1 
ATOM   409  C  C   . GLY A 1 52  ? 2.926   8.614   -10.154 1.00 21.60 ? 53  GLY A C   1 
ATOM   410  O  O   . GLY A 1 52  ? 3.401   9.544   -10.840 1.00 23.51 ? 53  GLY A O   1 
ATOM   411  N  N   . ASN A 1 53  ? 1.821   7.956   -10.490 1.00 22.39 ? 54  ASN A N   1 
ATOM   412  C  CA  . ASN A 1 53  ? 1.048   8.305   -11.680 1.00 22.65 ? 54  ASN A CA  1 
ATOM   413  C  C   . ASN A 1 53  ? 0.272   9.598   -11.426 1.00 22.80 ? 54  ASN A C   1 
ATOM   414  O  O   . ASN A 1 53  ? -0.309  10.147  -12.364 1.00 23.43 ? 54  ASN A O   1 
ATOM   415  C  CB  . ASN A 1 53  ? 0.010   7.233   -12.061 1.00 23.23 ? 54  ASN A CB  1 
ATOM   416  C  CG  . ASN A 1 53  ? 0.606   5.861   -12.355 1.00 22.74 ? 54  ASN A CG  1 
ATOM   417  O  OD1 . ASN A 1 53  ? 1.674   5.751   -12.973 1.00 25.39 ? 54  ASN A OD1 1 
ATOM   418  N  ND2 . ASN A 1 53  ? -0.107  4.797   -11.940 1.00 23.79 ? 54  ASN A ND2 1 
ATOM   419  N  N   . LEU A 1 54  ? 0.246   10.043  -10.161 1.00 22.63 ? 55  LEU A N   1 
ATOM   420  C  CA  . LEU A 1 54  ? -0.544  11.199  -9.717  1.00 22.65 ? 55  LEU A CA  1 
ATOM   421  C  C   . LEU A 1 54  ? 0.317   12.300  -9.080  1.00 22.93 ? 55  LEU A C   1 
ATOM   422  O  O   . LEU A 1 54  ? 0.114   12.664  -7.911  1.00 22.18 ? 55  LEU A O   1 
ATOM   423  C  CB  . LEU A 1 54  ? -1.598  10.736  -8.697  1.00 22.31 ? 55  LEU A CB  1 
ATOM   424  C  CG  . LEU A 1 54  ? -2.266  9.389   -8.976  1.00 22.22 ? 55  LEU A CG  1 
ATOM   425  C  CD1 . LEU A 1 54  ? -3.109  8.955   -7.792  1.00 22.69 ? 55  LEU A CD1 1 
ATOM   426  C  CD2 . LEU A 1 54  ? -3.089  9.482   -10.243 1.00 23.11 ? 55  LEU A CD2 1 
ATOM   427  N  N   . PRO A 1 55  ? 1.244   12.877  -9.848  1.00 23.61 ? 56  PRO A N   1 
ATOM   428  C  CA  . PRO A 1 55  ? 2.177   13.881  -9.318  1.00 23.61 ? 56  PRO A CA  1 
ATOM   429  C  C   . PRO A 1 55  ? 1.500   15.167  -8.832  1.00 23.82 ? 56  PRO A C   1 
ATOM   430  O  O   . PRO A 1 55  ? 2.042   15.832  -7.942  1.00 23.90 ? 56  PRO A O   1 
ATOM   431  C  CB  . PRO A 1 55  ? 3.055   14.192  -10.540 1.00 23.78 ? 56  PRO A CB  1 
ATOM   432  C  CG  . PRO A 1 55  ? 2.184   13.923  -11.670 1.00 24.44 ? 56  PRO A CG  1 
ATOM   433  C  CD  . PRO A 1 55  ? 1.483   12.638  -11.284 1.00 24.06 ? 56  PRO A CD  1 
ATOM   434  N  N   . ASP A 1 56  ? 0.210   15.337  -9.098  1.00 22.51 ? 59  ASP A N   1 
ATOM   435  C  CA  . ASP A 1 56  ? -0.448  16.570  -8.690  1.00 22.50 ? 59  ASP A CA  1 
ATOM   436  C  C   . ASP A 1 56  ? -1.646  16.275  -7.802  1.00 21.90 ? 59  ASP A C   1 
ATOM   437  O  O   . ASP A 1 56  ? -2.461  17.141  -7.481  1.00 21.15 ? 59  ASP A O   1 
ATOM   438  C  CB  . ASP A 1 56  ? -0.857  17.329  -9.943  1.00 23.05 ? 59  ASP A CB  1 
ATOM   439  C  CG  . ASP A 1 56  ? 0.219   18.071  -10.701 1.00 25.61 ? 59  ASP A CG  1 
ATOM   440  O  OD1 . ASP A 1 56  ? 0.050   18.262  -11.921 1.00 29.75 ? 59  ASP A OD1 1 
ATOM   441  O  OD2 . ASP A 1 56  ? 1.266   18.491  -10.163 1.00 27.17 ? 59  ASP A OD2 1 
ATOM   442  N  N   . CYS A 1 57  ? -1.591  15.083  -7.221  1.00 18.93 ? 61  CYS A N   1 
ATOM   443  C  CA  . CYS A 1 57  ? -2.465  14.671  -6.140  1.00 18.56 ? 61  CYS A CA  1 
ATOM   444  C  C   . CYS A 1 57  ? -1.663  14.549  -4.868  1.00 18.79 ? 61  CYS A C   1 
ATOM   445  O  O   . CYS A 1 57  ? -0.434  14.516  -4.907  1.00 20.30 ? 61  CYS A O   1 
ATOM   446  C  CB  . CYS A 1 57  ? -3.105  13.329  -6.467  1.00 18.40 ? 61  CYS A CB  1 
ATOM   447  S  SG  . CYS A 1 57  ? -4.108  13.382  -7.954  1.00 18.05 ? 61  CYS A SG  1 
ATOM   448  N  N   . ASN A 1 58  ? -2.383  14.460  -3.678  1.00 19.64 ? 67  ASN A N   1 
ATOM   449  C  CA  . ASN A 1 58  ? -1.737  14.449  -2.385  1.00 20.15 ? 67  ASN A CA  1 
ATOM   450  C  C   . ASN A 1 58  ? -2.304  13.304  -1.537  1.00 20.93 ? 67  ASN A C   1 
ATOM   451  O  O   . ASN A 1 58  ? -3.102  13.508  -0.643  1.00 21.07 ? 67  ASN A O   1 
ATOM   452  C  CB  . ASN A 1 58  ? -1.892  15.826  -1.727  1.00 19.95 ? 67  ASN A CB  1 
ATOM   453  C  CG  . ASN A 1 58  ? -1.135  16.927  -2.485  1.00 20.43 ? 67  ASN A CG  1 
ATOM   454  O  OD1 . ASN A 1 58  ? 0.059   17.152  -2.269  1.00 23.09 ? 67  ASN A OD1 1 
ATOM   455  N  ND2 . ASN A 1 58  ? -1.828  17.586  -3.398  1.00 19.82 ? 67  ASN A ND2 1 
ATOM   456  N  N   . PRO A 1 59  ? -1.872  12.083  -1.851  1.00 22.71 ? 68  PRO A N   1 
ATOM   457  C  CA  . PRO A 1 59  ? -2.380  10.858  -1.214  1.00 23.55 ? 68  PRO A CA  1 
ATOM   458  C  C   . PRO A 1 59  ? -2.298  10.768  0.313   1.00 24.74 ? 68  PRO A C   1 
ATOM   459  O  O   . PRO A 1 59  ? -3.141  10.124  0.924   1.00 24.90 ? 68  PRO A O   1 
ATOM   460  C  CB  . PRO A 1 59  ? -1.504  9.777   -1.848  1.00 23.85 ? 68  PRO A CB  1 
ATOM   461  C  CG  . PRO A 1 59  ? -1.148  10.319  -3.146  1.00 24.23 ? 68  PRO A CG  1 
ATOM   462  C  CD  . PRO A 1 59  ? -0.859  11.772  -2.868  1.00 23.08 ? 68  PRO A CD  1 
ATOM   463  N  N   . LYS A 1 60  ? -1.305  11.392  0.926   1.00 25.07 ? 69  LYS A N   1 
ATOM   464  C  CA  . LYS A 1 60  ? -1.178  11.320  2.374   1.00 25.90 ? 69  LYS A CA  1 
ATOM   465  C  C   . LYS A 1 60  ? -2.295  12.033  3.135   1.00 25.87 ? 69  LYS A C   1 
ATOM   466  O  O   . LYS A 1 60  ? -2.705  11.572  4.203   1.00 26.29 ? 69  LYS A O   1 
ATOM   467  C  CB  . LYS A 1 60  ? 0.179   11.874  2.815   1.00 26.50 ? 69  LYS A CB  1 
ATOM   468  C  CG  . LYS A 1 60  ? 1.384   11.136  2.175   1.00 28.48 ? 69  LYS A CG  1 
ATOM   469  C  CD  . LYS A 1 60  ? 2.542   10.904  3.122   1.00 31.88 ? 69  LYS A CD  1 
ATOM   470  C  CE  . LYS A 1 60  ? 3.818   10.646  2.344   1.00 32.67 ? 69  LYS A CE  1 
ATOM   471  N  NZ  . LYS A 1 60  ? 4.156   9.198   2.324   1.00 35.32 ? 69  LYS A NZ  1 
ATOM   472  N  N   . SER A 1 61  ? -2.784  13.151  2.593   1.00 24.88 ? 70  SER A N   1 
ATOM   473  C  CA  . SER A 1 61  ? -3.769  13.965  3.283   1.00 24.82 ? 70  SER A CA  1 
ATOM   474  C  C   . SER A 1 61  ? -5.156  14.001  2.656   1.00 23.94 ? 70  SER A C   1 
ATOM   475  O  O   . SER A 1 61  ? -6.130  14.202  3.364   1.00 24.90 ? 70  SER A O   1 
ATOM   476  C  CB  . SER A 1 61  ? -3.256  15.396  3.401   1.00 25.16 ? 70  SER A CB  1 
ATOM   477  O  OG  . SER A 1 61  ? -3.002  15.926  2.112   1.00 25.87 ? 70  SER A OG  1 
ATOM   478  N  N   . ASP A 1 62  ? -5.254  13.811  1.342   1.00 22.34 ? 71  ASP A N   1 
ATOM   479  C  CA  . ASP A 1 62  ? -6.539  13.872  0.657   1.00 21.36 ? 71  ASP A CA  1 
ATOM   480  C  C   . ASP A 1 62  ? -7.401  12.661  1.022   1.00 21.54 ? 71  ASP A C   1 
ATOM   481  O  O   . ASP A 1 62  ? -7.009  11.525  0.800   1.00 22.18 ? 71  ASP A O   1 
ATOM   482  C  CB  . ASP A 1 62  ? -6.319  13.951  -0.853  1.00 20.88 ? 71  ASP A CB  1 
ATOM   483  C  CG  . ASP A 1 62  ? -7.538  14.410  -1.603  1.00 19.32 ? 71  ASP A CG  1 
ATOM   484  O  OD1 . ASP A 1 62  ? -8.621  14.601  -0.995  1.00 19.11 ? 71  ASP A OD1 1 
ATOM   485  O  OD2 . ASP A 1 62  ? -7.501  14.601  -2.833  1.00 18.56 ? 71  ASP A OD2 1 
ATOM   486  N  N   . ARG A 1 63  ? -8.577  12.922  1.577   1.00 21.32 ? 72  ARG A N   1 
ATOM   487  C  CA  . ARG A 1 63  ? -9.486  11.859  1.982   1.00 21.65 ? 72  ARG A CA  1 
ATOM   488  C  C   . ARG A 1 63  ? -10.466 11.513  0.876   1.00 21.78 ? 72  ARG A C   1 
ATOM   489  O  O   . ARG A 1 63  ? -11.015 12.390  0.212   1.00 21.70 ? 72  ARG A O   1 
ATOM   490  C  CB  . ARG A 1 63  ? -10.289 12.288  3.210   1.00 22.09 ? 72  ARG A CB  1 
ATOM   491  C  CG  . ARG A 1 63  ? -9.462  12.620  4.433   1.00 23.88 ? 72  ARG A CG  1 
ATOM   492  C  CD  . ARG A 1 63  ? -10.332 12.802  5.668   1.00 26.24 ? 72  ARG A CD  1 
ATOM   493  N  NE  . ARG A 1 63  ? -9.601  13.315  6.825   1.00 27.33 ? 72  ARG A NE  1 
ATOM   494  C  CZ  . ARG A 1 63  ? -10.121 13.449  8.037   1.00 28.83 ? 72  ARG A CZ  1 
ATOM   495  N  NH1 . ARG A 1 63  ? -9.381  13.936  9.028   1.00 29.64 ? 72  ARG A NH1 1 
ATOM   496  N  NH2 . ARG A 1 63  ? -11.375 13.091  8.260   1.00 29.06 ? 72  ARG A NH2 1 
ATOM   497  N  N   . TYR A 1 64  ? -10.698 10.224  0.692   1.00 22.01 ? 73  TYR A N   1 
ATOM   498  C  CA  . TYR A 1 64  ? -11.645 9.744   -0.305  1.00 22.11 ? 73  TYR A CA  1 
ATOM   499  C  C   . TYR A 1 64  ? -12.723 8.955   0.413   1.00 22.94 ? 73  TYR A C   1 
ATOM   500  O  O   . TYR A 1 64  ? -12.586 8.657   1.595   1.00 23.13 ? 73  TYR A O   1 
ATOM   501  C  CB  . TYR A 1 64  ? -10.939 8.869   -1.366  1.00 21.58 ? 73  TYR A CB  1 
ATOM   502  C  CG  . TYR A 1 64  ? -10.094 7.765   -0.763  1.00 20.72 ? 73  TYR A CG  1 
ATOM   503  C  CD1 . TYR A 1 64  ? -10.672 6.609   -0.277  1.00 20.69 ? 73  TYR A CD1 1 
ATOM   504  C  CD2 . TYR A 1 64  ? -8.722  7.903   -0.639  1.00 18.84 ? 73  TYR A CD2 1 
ATOM   505  C  CE1 . TYR A 1 64  ? -9.899  5.619   0.296   1.00 20.53 ? 73  TYR A CE1 1 
ATOM   506  C  CE2 . TYR A 1 64  ? -7.944  6.911   -0.078  1.00 19.13 ? 73  TYR A CE2 1 
ATOM   507  C  CZ  . TYR A 1 64  ? -8.539  5.776   0.398   1.00 20.24 ? 73  TYR A CZ  1 
ATOM   508  O  OH  . TYR A 1 64  ? -7.764  4.791   0.979   1.00 19.43 ? 73  TYR A OH  1 
ATOM   509  N  N   . LYS A 1 65  ? -13.790 8.621   -0.300  1.00 23.76 ? 74  LYS A N   1 
ATOM   510  C  CA  . LYS A 1 65  ? -14.872 7.832   0.274   1.00 24.68 ? 74  LYS A CA  1 
ATOM   511  C  C   . LYS A 1 65  ? -14.991 6.501   -0.452  1.00 23.99 ? 74  LYS A C   1 
ATOM   512  O  O   . LYS A 1 65  ? -14.866 6.437   -1.676  1.00 24.00 ? 74  LYS A O   1 
ATOM   513  C  CB  . LYS A 1 65  ? -16.194 8.588   0.178   1.00 25.58 ? 74  LYS A CB  1 
ATOM   514  C  CG  . LYS A 1 65  ? -16.283 9.796   1.098   1.00 27.52 ? 74  LYS A CG  1 
ATOM   515  C  CD  . LYS A 1 65  ? -16.215 9.396   2.564   1.00 30.33 ? 74  LYS A CD  1 
ATOM   516  C  CE  . LYS A 1 65  ? -16.405 10.595  3.484   1.00 30.99 ? 74  LYS A CE  1 
ATOM   517  N  NZ  . LYS A 1 65  ? -16.449 10.203  4.922   1.00 33.03 ? 74  LYS A NZ  1 
ATOM   518  N  N   . TYR A 1 66  ? -15.220 5.445   0.317   1.00 23.99 ? 75  TYR A N   1 
ATOM   519  C  CA  . TYR A 1 66  ? -15.405 4.112   -0.238  1.00 24.13 ? 75  TYR A CA  1 
ATOM   520  C  C   . TYR A 1 66  ? -16.394 3.325   0.611   1.00 25.11 ? 75  TYR A C   1 
ATOM   521  O  O   . TYR A 1 66  ? -16.564 3.608   1.805   1.00 25.26 ? 75  TYR A O   1 
ATOM   522  C  CB  . TYR A 1 66  ? -14.063 3.389   -0.355  1.00 23.80 ? 75  TYR A CB  1 
ATOM   523  C  CG  . TYR A 1 66  ? -13.478 2.843   0.925   1.00 22.48 ? 75  TYR A CG  1 
ATOM   524  C  CD1 . TYR A 1 66  ? -13.748 1.547   1.336   1.00 22.22 ? 75  TYR A CD1 1 
ATOM   525  C  CD2 . TYR A 1 66  ? -12.615 3.604   1.703   1.00 22.46 ? 75  TYR A CD2 1 
ATOM   526  C  CE1 . TYR A 1 66  ? -13.196 1.036   2.493   1.00 22.37 ? 75  TYR A CE1 1 
ATOM   527  C  CE2 . TYR A 1 66  ? -12.053 3.096   2.854   1.00 21.83 ? 75  TYR A CE2 1 
ATOM   528  C  CZ  . TYR A 1 66  ? -12.341 1.812   3.244   1.00 22.34 ? 75  TYR A CZ  1 
ATOM   529  O  OH  . TYR A 1 66  ? -11.773 1.320   4.393   1.00 23.87 ? 75  TYR A OH  1 
ATOM   530  N  N   . LYS A 1 67  ? -17.058 2.356   -0.016  1.00 25.70 ? 76  LYS A N   1 
ATOM   531  C  CA  . LYS A 1 67  ? -18.028 1.517   0.678   1.00 26.50 ? 76  LYS A CA  1 
ATOM   532  C  C   . LYS A 1 67  ? -17.671 0.052   0.506   1.00 27.17 ? 76  LYS A C   1 
ATOM   533  O  O   . LYS A 1 67  ? -16.800 -0.297  -0.293  1.00 26.39 ? 76  LYS A O   1 
ATOM   534  C  CB  . LYS A 1 67  ? -19.435 1.756   0.140   1.00 26.42 ? 76  LYS A CB  1 
ATOM   535  C  CG  . LYS A 1 67  ? -19.579 1.450   -1.328  1.00 27.03 ? 76  LYS A CG  1 
ATOM   536  C  CD  . LYS A 1 67  ? -20.976 1.712   -1.839  1.00 28.30 ? 76  LYS A CD  1 
ATOM   537  C  CE  . LYS A 1 67  ? -21.026 1.524   -3.343  1.00 29.24 ? 76  LYS A CE  1 
ATOM   538  N  NZ  . LYS A 1 67  ? -22.360 1.806   -3.936  1.00 30.43 ? 76  LYS A NZ  1 
ATOM   539  N  N   . ARG A 1 68  ? -18.351 -0.796  1.273   1.00 28.70 ? 77  ARG A N   1 
ATOM   540  C  CA  . ARG A 1 68  ? -18.158 -2.232  1.216   1.00 29.83 ? 77  ARG A CA  1 
ATOM   541  C  C   . ARG A 1 68  ? -19.405 -2.838  0.613   1.00 31.11 ? 77  ARG A C   1 
ATOM   542  O  O   . ARG A 1 68  ? -20.513 -2.560  1.067   1.00 31.45 ? 77  ARG A O   1 
ATOM   543  C  CB  . ARG A 1 68  ? -17.928 -2.815  2.614   1.00 29.90 ? 77  ARG A CB  1 
ATOM   544  C  CG  . ARG A 1 68  ? -16.563 -2.529  3.195   1.00 29.63 ? 77  ARG A CG  1 
ATOM   545  C  CD  . ARG A 1 68  ? -15.452 -3.359  2.561   1.00 29.35 ? 77  ARG A CD  1 
ATOM   546  N  NE  . ARG A 1 68  ? -14.131 -3.055  3.102   1.00 28.42 ? 77  ARG A NE  1 
ATOM   547  C  CZ  . ARG A 1 68  ? -13.039 -3.764  2.848   1.00 26.88 ? 77  ARG A CZ  1 
ATOM   548  N  NH1 . ARG A 1 68  ? -13.109 -4.835  2.064   1.00 26.23 ? 77  ARG A NH1 1 
ATOM   549  N  NH2 . ARG A 1 68  ? -11.876 -3.418  3.379   1.00 27.22 ? 77  ARG A NH2 1 
ATOM   550  N  N   . VAL A 1 69  ? -19.239 -3.614  -0.447  1.00 32.40 ? 78  VAL A N   1 
ATOM   551  C  CA  . VAL A 1 69  ? -20.382 -4.264  -1.074  1.00 33.41 ? 78  VAL A CA  1 
ATOM   552  C  C   . VAL A 1 69  ? -20.206 -5.771  -0.952  1.00 34.29 ? 78  VAL A C   1 
ATOM   553  O  O   . VAL A 1 69  ? -19.785 -6.442  -1.897  1.00 35.27 ? 78  VAL A O   1 
ATOM   554  C  CB  . VAL A 1 69  ? -20.583 -3.831  -2.536  1.00 33.40 ? 78  VAL A CB  1 
ATOM   555  C  CG1 . VAL A 1 69  ? -21.775 -4.556  -3.141  1.00 33.48 ? 78  VAL A CG1 1 
ATOM   556  C  CG2 . VAL A 1 69  ? -20.799 -2.328  -2.606  1.00 33.89 ? 78  VAL A CG2 1 
ATOM   557  N  N   . ASN A 1 70  ? -20.525 -6.269  0.241   1.00 35.32 ? 79  ASN A N   1 
ATOM   558  C  CA  . ASN A 1 70  ? -20.385 -7.677  0.600   1.00 35.55 ? 79  ASN A CA  1 
ATOM   559  C  C   . ASN A 1 70  ? -18.907 -8.050  0.607   1.00 34.92 ? 79  ASN A C   1 
ATOM   560  O  O   . ASN A 1 70  ? -18.494 -9.055  0.025   1.00 36.13 ? 79  ASN A O   1 
ATOM   561  C  CB  . ASN A 1 70  ? -21.178 -8.581  -0.341  1.00 36.09 ? 79  ASN A CB  1 
ATOM   562  C  CG  . ASN A 1 70  ? -22.638 -8.678  0.040   1.00 37.35 ? 79  ASN A CG  1 
ATOM   563  O  OD1 . ASN A 1 70  ? -23.351 -7.674  0.088   1.00 39.67 ? 79  ASN A OD1 1 
ATOM   564  N  ND2 . ASN A 1 70  ? -23.095 -9.893  0.321   1.00 39.89 ? 79  ASN A ND2 1 
ATOM   565  N  N   . GLY A 1 71  ? -18.106 -7.215  1.256   1.00 33.71 ? 80  GLY A N   1 
ATOM   566  C  CA  . GLY A 1 71  ? -16.673 -7.441  1.320   1.00 32.19 ? 80  GLY A CA  1 
ATOM   567  C  C   . GLY A 1 71  ? -15.888 -6.680  0.256   1.00 30.77 ? 80  GLY A C   1 
ATOM   568  O  O   . GLY A 1 71  ? -14.752 -6.272  0.485   1.00 30.66 ? 80  GLY A O   1 
ATOM   569  N  N   . ALA A 1 72  ? -16.487 -6.476  -0.912  1.00 29.10 ? 81  ALA A N   1 
ATOM   570  C  CA  . ALA A 1 72  ? -15.798 -5.779  -1.998  1.00 27.91 ? 81  ALA A CA  1 
ATOM   571  C  C   . ALA A 1 72  ? -15.633 -4.292  -1.694  1.00 26.68 ? 81  ALA A C   1 
ATOM   572  O  O   . ALA A 1 72  ? -16.520 -3.674  -1.115  1.00 26.40 ? 81  ALA A O   1 
ATOM   573  C  CB  . ALA A 1 72  ? -16.548 -5.967  -3.297  1.00 28.05 ? 81  ALA A CB  1 
ATOM   574  N  N   . ILE A 1 73  ? -14.479 -3.732  -2.052  1.00 24.96 ? 82  ILE A N   1 
ATOM   575  C  CA  . ILE A 1 73  ? -14.216 -2.310  -1.848  1.00 23.84 ? 82  ILE A CA  1 
ATOM   576  C  C   . ILE A 1 73  ? -14.680 -1.570  -3.092  1.00 23.26 ? 82  ILE A C   1 
ATOM   577  O  O   . ILE A 1 73  ? -14.272 -1.904  -4.197  1.00 22.84 ? 82  ILE A O   1 
ATOM   578  C  CB  . ILE A 1 73  ? -12.707 -2.049  -1.620  1.00 22.89 ? 82  ILE A CB  1 
ATOM   579  C  CG1 . ILE A 1 73  ? -12.221 -2.758  -0.348  1.00 22.89 ? 82  ILE A CG1 1 
ATOM   580  C  CG2 . ILE A 1 73  ? -12.433 -0.559  -1.543  1.00 23.50 ? 82  ILE A CG2 1 
ATOM   581  C  CD1 . ILE A 1 73  ? -10.716 -2.693  -0.141  1.00 23.50 ? 82  ILE A CD1 1 
ATOM   582  N  N   . VAL A 1 74  ? -15.562 -0.593  -2.912  1.00 22.76 ? 83  VAL A N   1 
ATOM   583  C  CA  . VAL A 1 74  ? -16.033 0.214   -4.025  1.00 22.64 ? 83  VAL A CA  1 
ATOM   584  C  C   . VAL A 1 74  ? -15.717 1.677   -3.754  1.00 22.09 ? 83  VAL A C   1 
ATOM   585  O  O   . VAL A 1 74  ? -16.269 2.287   -2.833  1.00 21.38 ? 83  VAL A O   1 
ATOM   586  C  CB  . VAL A 1 74  ? -17.545 0.045   -4.265  1.00 22.74 ? 83  VAL A CB  1 
ATOM   587  C  CG1 . VAL A 1 74  ? -17.977 0.881   -5.451  1.00 23.90 ? 83  VAL A CG1 1 
ATOM   588  C  CG2 . VAL A 1 74  ? -17.895 -1.432  -4.491  1.00 23.39 ? 83  VAL A CG2 1 
ATOM   589  N  N   . CYS A 1 75  ? -14.807 2.233   -4.545  1.00 21.71 ? 84  CYS A N   1 
ATOM   590  C  CA  . CYS A 1 75  ? -14.448 3.639   -4.406  1.00 22.10 ? 84  CYS A CA  1 
ATOM   591  C  C   . CYS A 1 75  ? -15.610 4.494   -4.887  1.00 23.05 ? 84  CYS A C   1 
ATOM   592  O  O   . CYS A 1 75  ? -16.090 4.330   -6.001  1.00 24.57 ? 84  CYS A O   1 
ATOM   593  C  CB  . CYS A 1 75  ? -13.188 3.935   -5.212  1.00 21.97 ? 84  CYS A CB  1 
ATOM   594  S  SG  . CYS A 1 75  ? -11.707 3.145   -4.557  1.00 19.76 ? 84  CYS A SG  1 
ATOM   595  N  N   . GLU A 1 76  ? -16.067 5.403   -4.033  1.00 23.43 ? 85  GLU A N   1 
ATOM   596  C  CA  . GLU A 1 76  ? -17.186 6.276   -4.372  1.00 24.77 ? 85  GLU A CA  1 
ATOM   597  C  C   . GLU A 1 76  ? -16.709 7.582   -5.007  1.00 25.29 ? 85  GLU A C   1 
ATOM   598  O  O   . GLU A 1 76  ? -15.591 8.035   -4.774  1.00 26.43 ? 85  GLU A O   1 
ATOM   599  C  CB  . GLU A 1 76  ? -18.019 6.534   -3.124  1.00 24.69 ? 85  GLU A CB  1 
ATOM   600  C  CG  . GLU A 1 76  ? -18.765 5.288   -2.671  1.00 26.27 ? 85  GLU A CG  1 
ATOM   601  C  CD  . GLU A 1 76  ? -19.332 5.403   -1.280  1.00 27.78 ? 85  GLU A CD  1 
ATOM   602  O  OE1 . GLU A 1 76  ? -18.550 5.562   -0.322  1.00 29.15 ? 85  GLU A OE1 1 
ATOM   603  O  OE2 . GLU A 1 76  ? -20.568 5.309   -1.155  1.00 29.69 ? 85  GLU A OE2 1 
ATOM   604  N  N   . LYS A 1 77  ? -17.571 8.175   -5.822  1.00 26.21 ? 86  LYS A N   1 
ATOM   605  C  CA  . LYS A 1 77  ? -17.248 9.383   -6.573  1.00 26.96 ? 86  LYS A CA  1 
ATOM   606  C  C   . LYS A 1 77  ? -16.876 10.558  -5.681  1.00 26.81 ? 86  LYS A C   1 
ATOM   607  O  O   . LYS A 1 77  ? -17.618 10.946  -4.784  1.00 27.50 ? 86  LYS A O   1 
ATOM   608  C  CB  . LYS A 1 77  ? -18.432 9.761   -7.465  1.00 27.56 ? 86  LYS A CB  1 
ATOM   609  C  CG  . LYS A 1 77  ? -18.138 10.867  -8.470  1.00 30.09 ? 86  LYS A CG  1 
ATOM   610  C  CD  . LYS A 1 77  ? -18.224 12.239  -7.832  1.00 32.76 ? 86  LYS A CD  1 
ATOM   611  C  CE  . LYS A 1 77  ? -17.680 13.321  -8.743  1.00 34.03 ? 86  LYS A CE  1 
ATOM   612  N  NZ  . LYS A 1 77  ? -18.249 13.250  -10.116 1.00 35.98 ? 86  LYS A NZ  1 
ATOM   613  N  N   . GLY A 1 78  ? -15.631 11.106  -5.917  1.00 21.39 ? 88  GLY A N   1 
ATOM   614  C  CA  . GLY A 1 78  ? -15.147 12.325  -5.300  1.00 21.22 ? 88  GLY A CA  1 
ATOM   615  C  C   . GLY A 1 78  ? -14.458 13.128  -6.379  1.00 20.87 ? 88  GLY A C   1 
ATOM   616  O  O   . GLY A 1 78  ? -14.890 13.136  -7.527  1.00 21.82 ? 88  GLY A O   1 
ATOM   617  N  N   . THR A 1 79  ? -13.367 13.783  -6.031  1.00 20.02 ? 89  THR A N   1 
ATOM   618  C  CA  . THR A 1 79  ? -12.590 14.475  -7.061  1.00 19.43 ? 89  THR A CA  1 
ATOM   619  C  C   . THR A 1 79  ? -11.790 13.449  -7.865  1.00 19.38 ? 89  THR A C   1 
ATOM   620  O  O   . THR A 1 79  ? -11.639 12.282  -7.460  1.00 18.79 ? 89  THR A O   1 
ATOM   621  C  CB  . THR A 1 79  ? -11.604 15.462  -6.435  1.00 19.32 ? 89  THR A CB  1 
ATOM   622  O  OG1 . THR A 1 79  ? -10.609 14.741  -5.683  1.00 18.62 ? 89  THR A OG1 1 
ATOM   623  C  CG2 . THR A 1 79  ? -12.296 16.393  -5.430  1.00 19.18 ? 89  THR A CG2 1 
ATOM   624  N  N   . SER A 1 80  ? -11.215 13.862  -8.987  1.00 19.13 ? 90  SER A N   1 
ATOM   625  C  CA  . SER A 1 80  ? -10.427 12.941  -9.792  1.00 19.17 ? 90  SER A CA  1 
ATOM   626  C  C   . SER A 1 80  ? -9.259  12.358  -8.965  1.00 18.67 ? 90  SER A C   1 
ATOM   627  O  O   . SER A 1 80  ? -8.962  11.131  -9.009  1.00 18.61 ? 90  SER A O   1 
ATOM   628  C  CB  . SER A 1 80  ? -9.886  13.632  -11.051 1.00 20.04 ? 90  SER A CB  1 
ATOM   629  O  OG  . SER A 1 80  ? -10.931 14.058  -11.898 1.00 22.70 ? 90  SER A OG  1 
ATOM   630  N  N   . CYS A 1 81  ? -8.577  13.220  -8.222  1.00 17.65 ? 91  CYS A N   1 
ATOM   631  C  CA  . CYS A 1 81  ? -7.472  12.787  -7.399  1.00 17.61 ? 91  CYS A CA  1 
ATOM   632  C  C   . CYS A 1 81  ? -7.942  11.770  -6.371  1.00 17.60 ? 91  CYS A C   1 
ATOM   633  O  O   . CYS A 1 81  ? -7.299  10.742  -6.146  1.00 17.66 ? 91  CYS A O   1 
ATOM   634  C  CB  . CYS A 1 81  ? -6.830  13.983  -6.696  1.00 18.08 ? 91  CYS A CB  1 
ATOM   635  S  SG  . CYS A 1 81  ? -5.529  14.824  -7.638  1.00 18.36 ? 91  CYS A SG  1 
ATOM   636  N  N   . GLU A 1 82  ? -9.059  12.056  -5.722  1.00 17.07 ? 92  GLU A N   1 
ATOM   637  C  CA  . GLU A 1 82  ? -9.581  11.167  -4.703  1.00 17.23 ? 92  GLU A CA  1 
ATOM   638  C  C   . GLU A 1 82  ? -9.935  9.814   -5.284  1.00 17.00 ? 92  GLU A C   1 
ATOM   639  O  O   . GLU A 1 82  ? -9.623  8.774   -4.684  1.00 17.18 ? 92  GLU A O   1 
ATOM   640  C  CB  . GLU A 1 82  ? -10.766 11.823  -4.009  1.00 16.98 ? 92  GLU A CB  1 
ATOM   641  C  CG  . GLU A 1 82  ? -10.320 12.918  -3.044  1.00 17.52 ? 92  GLU A CG  1 
ATOM   642  C  CD  . GLU A 1 82  ? -11.402 13.912  -2.653  1.00 17.63 ? 92  GLU A CD  1 
ATOM   643  O  OE1 . GLU A 1 82  ? -12.577 13.760  -3.041  1.00 19.72 ? 92  GLU A OE1 1 
ATOM   644  O  OE2 . GLU A 1 82  ? -11.059 14.873  -1.927  1.00 18.60 ? 92  GLU A OE2 1 
ATOM   645  N  N   . ASN A 1 83  ? -10.562 9.796   -6.454  1.00 17.15 ? 93  ASN A N   1 
ATOM   646  C  CA  . ASN A 1 83  ? -10.921 8.536   -7.108  1.00 17.56 ? 93  ASN A CA  1 
ATOM   647  C  C   . ASN A 1 83  ? -9.685  7.698   -7.411  1.00 17.16 ? 93  ASN A C   1 
ATOM   648  O  O   . ASN A 1 83  ? -9.668  6.486   -7.154  1.00 17.49 ? 93  ASN A O   1 
ATOM   649  C  CB  . ASN A 1 83  ? -11.672 8.787   -8.420  1.00 18.20 ? 93  ASN A CB  1 
ATOM   650  C  CG  . ASN A 1 83  ? -12.943 9.585   -8.234  1.00 20.99 ? 93  ASN A CG  1 
ATOM   651  O  OD1 . ASN A 1 83  ? -13.553 9.577   -7.164  1.00 23.71 ? 93  ASN A OD1 1 
ATOM   652  N  ND2 . ASN A 1 83  ? -13.349 10.289  -9.286  1.00 25.72 ? 93  ASN A ND2 1 
ATOM   653  N  N   A ARG A 1 84  ? -8.654  8.336   -7.935  0.50 17.11 ? 94  ARG A N   1 
ATOM   654  N  N   B ARG A 1 84  ? -8.653  8.346   -7.939  0.50 17.45 ? 94  ARG A N   1 
ATOM   655  C  CA  A ARG A 1 84  ? -7.440  7.636   -8.325  0.50 17.29 ? 94  ARG A CA  1 
ATOM   656  C  CA  B ARG A 1 84  ? -7.419  7.674   -8.344  0.50 17.85 ? 94  ARG A CA  1 
ATOM   657  C  C   A ARG A 1 84  ? -6.640  7.184   -7.108  0.50 17.10 ? 94  ARG A C   1 
ATOM   658  C  C   B ARG A 1 84  ? -6.635  7.190   -7.114  0.50 17.30 ? 94  ARG A C   1 
ATOM   659  O  O   A ARG A 1 84  ? -6.085  6.081   -7.095  0.50 17.61 ? 94  ARG A O   1 
ATOM   660  O  O   B ARG A 1 84  ? -6.086  6.084   -7.101  0.50 17.77 ? 94  ARG A O   1 
ATOM   661  C  CB  A ARG A 1 84  ? -6.596  8.514   -9.236  0.50 17.30 ? 94  ARG A CB  1 
ATOM   662  C  CB  B ARG A 1 84  ? -6.541  8.605   -9.205  0.50 18.32 ? 94  ARG A CB  1 
ATOM   663  C  CG  A ARG A 1 84  ? -7.289  8.883   -10.530 0.50 18.94 ? 94  ARG A CG  1 
ATOM   664  C  CG  B ARG A 1 84  ? -7.121  9.056   -10.561 0.50 21.52 ? 94  ARG A CG  1 
ATOM   665  C  CD  A ARG A 1 84  ? -6.689  10.116  -11.196 0.50 20.42 ? 94  ARG A CD  1 
ATOM   666  C  CD  B ARG A 1 84  ? -6.155  9.951   -11.398 0.50 25.11 ? 94  ARG A CD  1 
ATOM   667  N  NE  A ARG A 1 84  ? -5.581  9.781   -12.094 0.50 21.96 ? 94  ARG A NE  1 
ATOM   668  N  NE  B ARG A 1 84  ? -6.434  11.391  -11.299 0.50 27.61 ? 94  ARG A NE  1 
ATOM   669  C  CZ  A ARG A 1 84  ? -4.769  10.652  -12.681 0.50 24.69 ? 94  ARG A CZ  1 
ATOM   670  C  CZ  B ARG A 1 84  ? -5.617  12.373  -11.697 0.50 29.54 ? 94  ARG A CZ  1 
ATOM   671  N  NH1 A ARG A 1 84  ? -3.807  10.206  -13.480 0.50 25.57 ? 94  ARG A NH1 1 
ATOM   672  N  NH1 B ARG A 1 84  ? -4.422  12.115  -12.226 0.50 30.90 ? 94  ARG A NH1 1 
ATOM   673  N  NH2 A ARG A 1 84  ? -4.904  11.958  -12.475 0.50 26.07 ? 94  ARG A NH2 1 
ATOM   674  N  NH2 B ARG A 1 84  ? -6.001  13.636  -11.561 0.50 30.14 ? 94  ARG A NH2 1 
ATOM   675  N  N   . ILE A 1 85  ? -6.576  8.027   -6.084  1.00 17.08 ? 95  ILE A N   1 
ATOM   676  C  CA  . ILE A 1 85  ? -5.890  7.645   -4.860  1.00 16.54 ? 95  ILE A CA  1 
ATOM   677  C  C   . ILE A 1 85  ? -6.591  6.416   -4.251  1.00 16.31 ? 95  ILE A C   1 
ATOM   678  O  O   . ILE A 1 85  ? -5.942  5.437   -3.852  1.00 16.44 ? 95  ILE A O   1 
ATOM   679  C  CB  . ILE A 1 85  ? -5.867  8.792   -3.821  1.00 16.12 ? 95  ILE A CB  1 
ATOM   680  C  CG1 . ILE A 1 85  ? -4.995  9.933   -4.329  1.00 16.90 ? 95  ILE A CG1 1 
ATOM   681  C  CG2 . ILE A 1 85  ? -5.331  8.274   -2.490  1.00 15.61 ? 95  ILE A CG2 1 
ATOM   682  C  CD1 . ILE A 1 85  ? -5.148  11.212  -3.564  1.00 17.95 ? 95  ILE A CD1 1 
ATOM   683  N  N   . CYS A 1 86  ? -7.922  6.454   -4.214  1.00 15.96 ? 96  CYS A N   1 
ATOM   684  C  CA  . CYS A 1 86  ? -8.687  5.345   -3.662  1.00 15.96 ? 96  CYS A CA  1 
ATOM   685  C  C   . CYS A 1 86  ? -8.377  4.048   -4.430  1.00 15.82 ? 96  CYS A C   1 
ATOM   686  O  O   . CYS A 1 86  ? -8.153  2.996   -3.818  1.00 16.40 ? 96  CYS A O   1 
ATOM   687  C  CB  . CYS A 1 86  ? -10.173 5.642   -3.694  1.00 16.26 ? 96  CYS A CB  1 
ATOM   688  S  SG  . CYS A 1 86  ? -11.211 4.350   -2.979  1.00 18.33 ? 96  CYS A SG  1 
ATOM   689  N  N   . GLU A 1 87  ? -8.383  4.085   -5.758  1.00 16.23 ? 97  GLU A N   1 
ATOM   690  C  CA  . GLU A 1 87  ? -8.109  2.874   -6.525  1.00 15.90 ? 97  GLU A CA  1 
ATOM   691  C  C   . GLU A 1 87  ? -6.689  2.357   -6.244  1.00 15.80 ? 97  GLU A C   1 
ATOM   692  O  O   . GLU A 1 87  ? -6.466  1.144   -6.213  1.00 15.61 ? 97  GLU A O   1 
ATOM   693  C  CB  . GLU A 1 87  ? -8.322  3.096   -8.028  1.00 16.37 ? 97  GLU A CB  1 
ATOM   694  C  CG  . GLU A 1 87  ? -9.772  3.295   -8.435  1.00 17.29 ? 97  GLU A CG  1 
ATOM   695  C  CD  . GLU A 1 87  ? -10.647 2.079   -8.214  1.00 19.77 ? 97  GLU A CD  1 
ATOM   696  O  OE1 . GLU A 1 87  ? -10.123 0.948   -8.241  1.00 20.48 ? 97  GLU A OE1 1 
ATOM   697  O  OE2 . GLU A 1 87  ? -11.874 2.246   -8.011  1.00 20.02 ? 97  GLU A OE2 1 
ATOM   698  N  N   . CYS A 1 88  ? -5.740  3.247   -5.996  1.00 15.60 ? 98  CYS A N   1 
ATOM   699  C  CA  . CYS A 1 88  ? -4.378  2.831   -5.676  1.00 15.91 ? 98  CYS A CA  1 
ATOM   700  C  C   . CYS A 1 88  ? -4.366  2.092   -4.345  1.00 15.54 ? 98  CYS A C   1 
ATOM   701  O  O   . CYS A 1 88  ? -3.736  1.029   -4.213  1.00 16.05 ? 98  CYS A O   1 
ATOM   702  C  CB  . CYS A 1 88  ? -3.422  4.026   -5.588  1.00 15.91 ? 98  CYS A CB  1 
ATOM   703  S  SG  . CYS A 1 88  ? -2.983  4.809   -7.181  1.00 16.35 ? 98  CYS A SG  1 
ATOM   704  N  N   . ASP A 1 89  ? -5.034  2.674   -3.350  1.00 15.28 ? 99  ASP A N   1 
ATOM   705  C  CA  . ASP A 1 89  ? -5.071  2.102   -2.009  1.00 15.16 ? 99  ASP A CA  1 
ATOM   706  C  C   . ASP A 1 89  ? -5.840  0.788   -1.987  1.00 15.87 ? 99  ASP A C   1 
ATOM   707  O  O   . ASP A 1 89  ? -5.428  -0.172  -1.326  1.00 16.16 ? 99  ASP A O   1 
ATOM   708  C  CB  . ASP A 1 89  ? -5.719  3.085   -1.064  1.00 15.15 ? 99  ASP A CB  1 
ATOM   709  C  CG  . ASP A 1 89  ? -4.836  4.265   -0.746  1.00 15.35 ? 99  ASP A CG  1 
ATOM   710  O  OD1 . ASP A 1 89  ? -3.693  4.378   -1.226  1.00 15.70 ? 99  ASP A OD1 1 
ATOM   711  O  OD2 . ASP A 1 89  ? -5.206  5.132   0.072   1.00 16.91 ? 99  ASP A OD2 1 
ATOM   712  N  N   . LYS A 1 90  ? -6.950  0.743   -2.701  1.00 15.98 ? 100 LYS A N   1 
ATOM   713  C  CA  . LYS A 1 90  ? -7.764  -0.461  -2.821  1.00 16.15 ? 100 LYS A CA  1 
ATOM   714  C  C   . LYS A 1 90  ? -6.916  -1.601  -3.366  1.00 16.39 ? 100 LYS A C   1 
ATOM   715  O  O   . LYS A 1 90  ? -6.948  -2.734  -2.838  1.00 16.86 ? 100 LYS A O   1 
ATOM   716  C  CB  . LYS A 1 90  ? -8.970  -0.217  -3.744  1.00 16.66 ? 100 LYS A CB  1 
ATOM   717  C  CG  . LYS A 1 90  ? -9.786  -1.459  -4.083  1.00 17.47 ? 100 LYS A CG  1 
ATOM   718  C  CD  . LYS A 1 90  ? -10.904 -1.167  -5.072  1.00 18.38 ? 100 LYS A CD  1 
ATOM   719  C  CE  . LYS A 1 90  ? -11.628 -2.436  -5.488  1.00 19.63 ? 100 LYS A CE  1 
ATOM   720  N  NZ  . LYS A 1 90  ? -12.720 -2.197  -6.458  1.00 21.14 ? 100 LYS A NZ  1 
ATOM   721  N  N   . ALA A 1 91  ? -6.175  -1.345  -4.439  1.00 16.24 ? 101 ALA A N   1 
ATOM   722  C  CA  . ALA A 1 91  ? -5.320  -2.364  -5.029  1.00 16.08 ? 101 ALA A CA  1 
ATOM   723  C  C   . ALA A 1 91  ? -4.289  -2.858  -4.015  1.00 16.02 ? 101 ALA A C   1 
ATOM   724  O  O   . ALA A 1 91  ? -4.056  -4.062  -3.879  1.00 16.07 ? 101 ALA A O   1 
ATOM   725  C  CB  . ALA A 1 91  ? -4.625  -1.826  -6.264  1.00 15.83 ? 101 ALA A CB  1 
ATOM   726  N  N   . ALA A 1 92  ? -3.655  -1.945  -3.300  1.00 16.30 ? 102 ALA A N   1 
ATOM   727  C  CA  . ALA A 1 92  ? -2.637  -2.319  -2.333  1.00 16.61 ? 102 ALA A CA  1 
ATOM   728  C  C   . ALA A 1 92  ? -3.216  -3.193  -1.231  1.00 17.26 ? 102 ALA A C   1 
ATOM   729  O  O   . ALA A 1 92  ? -2.625  -4.202  -0.867  1.00 17.32 ? 102 ALA A O   1 
ATOM   730  C  CB  . ALA A 1 92  ? -1.984  -1.076  -1.745  1.00 16.79 ? 102 ALA A CB  1 
ATOM   731  N  N   . ALA A 1 93  ? -4.356  -2.794  -0.682  1.00 17.13 ? 103 ALA A N   1 
ATOM   732  C  CA  . ALA A 1 93  ? -4.996  -3.545  0.402   1.00 17.95 ? 103 ALA A CA  1 
ATOM   733  C  C   . ALA A 1 93  ? -5.340  -4.957  -0.064  1.00 18.35 ? 103 ALA A C   1 
ATOM   734  O  O   . ALA A 1 93  ? -5.092  -5.943  0.651   1.00 19.34 ? 103 ALA A O   1 
ATOM   735  C  CB  . ALA A 1 93  ? -6.228  -2.835  0.878   1.00 18.25 ? 103 ALA A CB  1 
ATOM   736  N  N   . ILE A 1 94  ? -5.918  -5.072  -1.250  1.00 18.77 ? 104 ILE A N   1 
ATOM   737  C  CA  . ILE A 1 94  ? -6.250  -6.384  -1.818  1.00 18.96 ? 104 ILE A CA  1 
ATOM   738  C  C   . ILE A 1 94  ? -4.964  -7.194  -2.050  1.00 19.36 ? 104 ILE A C   1 
ATOM   739  O  O   . ILE A 1 94  ? -4.906  -8.404  -1.771  1.00 19.43 ? 104 ILE A O   1 
ATOM   740  C  CB  . ILE A 1 94  ? -7.038  -6.225  -3.146  1.00 19.35 ? 104 ILE A CB  1 
ATOM   741  C  CG1 . ILE A 1 94  ? -8.424  -5.652  -2.868  1.00 20.32 ? 104 ILE A CG1 1 
ATOM   742  C  CG2 . ILE A 1 94  ? -7.136  -7.560  -3.875  1.00 19.98 ? 104 ILE A CG2 1 
ATOM   743  C  CD1 . ILE A 1 94  ? -9.231  -5.340  -4.114  1.00 20.93 ? 104 ILE A CD1 1 
ATOM   744  N  N   . CYS A 1 95  ? -3.930  -6.539  -2.558  1.00 18.61 ? 105 CYS A N   1 
ATOM   745  C  CA  . CYS A 1 95  ? -2.659  -7.202  -2.812  1.00 18.86 ? 105 CYS A CA  1 
ATOM   746  C  C   . CYS A 1 95  ? -2.082  -7.737  -1.497  1.00 18.98 ? 105 CYS A C   1 
ATOM   747  O  O   . CYS A 1 95  ? -1.567  -8.861  -1.442  1.00 18.87 ? 105 CYS A O   1 
ATOM   748  C  CB  . CYS A 1 95  ? -1.699  -6.224  -3.483  1.00 18.74 ? 105 CYS A CB  1 
ATOM   749  S  SG  . CYS A 1 95  ? -0.149  -6.923  -4.076  1.00 19.75 ? 105 CYS A SG  1 
ATOM   750  N  N   . PHE A 1 96  ? -2.183  -6.947  -0.428  1.00 19.33 ? 106 PHE A N   1 
ATOM   751  C  CA  . PHE A 1 96  ? -1.677  -7.392  0.870   1.00 19.75 ? 106 PHE A CA  1 
ATOM   752  C  C   . PHE A 1 96  ? -2.453  -8.634  1.304   1.00 20.48 ? 106 PHE A C   1 
ATOM   753  O  O   . PHE A 1 96  ? -1.864  -9.605  1.779   1.00 20.81 ? 106 PHE A O   1 
ATOM   754  C  CB  . PHE A 1 96  ? -1.839  -6.298  1.932   1.00 19.68 ? 106 PHE A CB  1 
ATOM   755  C  CG  . PHE A 1 96  ? -0.918  -5.112  1.763   1.00 19.65 ? 106 PHE A CG  1 
ATOM   756  C  CD1 . PHE A 1 96  ? 0.328   -5.233  1.174   1.00 19.53 ? 106 PHE A CD1 1 
ATOM   757  C  CD2 . PHE A 1 96  ? -1.304  -3.864  2.236   1.00 20.23 ? 106 PHE A CD2 1 
ATOM   758  C  CE1 . PHE A 1 96  ? 1.154   -4.130  1.044   1.00 20.57 ? 106 PHE A CE1 1 
ATOM   759  C  CE2 . PHE A 1 96  ? -0.475  -2.773  2.106   1.00 20.68 ? 106 PHE A CE2 1 
ATOM   760  C  CZ  . PHE A 1 96  ? 0.743   -2.900  1.529   1.00 20.15 ? 106 PHE A CZ  1 
ATOM   761  N  N   . ARG A 1 97  ? -3.769  -8.599  1.142   1.00 20.88 ? 107 ARG A N   1 
ATOM   762  C  CA  . ARG A 1 97  ? -4.633  -9.718  1.513   1.00 22.07 ? 107 ARG A CA  1 
ATOM   763  C  C   . ARG A 1 97  ? -4.287  -10.976 0.741   1.00 22.83 ? 107 ARG A C   1 
ATOM   764  O  O   . ARG A 1 97  ? -4.274  -12.073 1.306   1.00 22.80 ? 107 ARG A O   1 
ATOM   765  C  CB  . ARG A 1 97  ? -6.093  -9.359  1.247   1.00 22.15 ? 107 ARG A CB  1 
ATOM   766  C  CG  . ARG A 1 97  ? -7.082  -10.493 1.504   1.00 24.35 ? 107 ARG A CG  1 
ATOM   767  C  CD  . ARG A 1 97  ? -7.243  -10.775 2.965   1.00 26.03 ? 107 ARG A CD  1 
ATOM   768  N  NE  . ARG A 1 97  ? -7.997  -11.992 3.262   1.00 27.93 ? 107 ARG A NE  1 
ATOM   769  C  CZ  . ARG A 1 97  ? -7.540  -13.221 3.096   1.00 29.16 ? 107 ARG A CZ  1 
ATOM   770  N  NH1 . ARG A 1 97  ? -8.306  -14.252 3.419   1.00 31.16 ? 107 ARG A NH1 1 
ATOM   771  N  NH2 . ARG A 1 97  ? -6.342  -13.428 2.590   1.00 29.57 ? 107 ARG A NH2 1 
ATOM   772  N  N   . GLN A 1 98  ? -4.025  -10.824 -0.549  1.00 23.24 ? 108 GLN A N   1 
ATOM   773  C  CA  . GLN A 1 98  ? -3.706  -11.944 -1.424  1.00 24.23 ? 108 GLN A CA  1 
ATOM   774  C  C   . GLN A 1 98  ? -2.324  -12.534 -1.134  1.00 24.40 ? 108 GLN A C   1 
ATOM   775  O  O   . GLN A 1 98  ? -2.021  -13.643 -1.570  1.00 25.72 ? 108 GLN A O   1 
ATOM   776  C  CB  . GLN A 1 98  ? -3.801  -11.474 -2.884  1.00 24.44 ? 108 GLN A CB  1 
ATOM   777  C  CG  . GLN A 1 98  ? -3.574  -12.540 -3.935  1.00 26.33 ? 108 GLN A CG  1 
ATOM   778  C  CD  . GLN A 1 98  ? -4.151  -12.139 -5.296  1.00 28.39 ? 108 GLN A CD  1 
ATOM   779  O  OE1 . GLN A 1 98  ? -3.873  -11.041 -5.810  1.00 28.47 ? 108 GLN A OE1 1 
ATOM   780  N  NE2 . GLN A 1 98  ? -4.976  -13.015 -5.871  1.00 29.81 ? 108 GLN A NE2 1 
ATOM   781  N  N   . ASN A 1 99  ? -1.483  -11.809 -0.403  1.00 24.21 ? 109 ASN A N   1 
ATOM   782  C  CA  . ASN A 1 99  ? -0.123  -12.272 -0.134  1.00 24.52 ? 109 ASN A CA  1 
ATOM   783  C  C   . ASN A 1 99  ? 0.201   -12.462 1.344   1.00 25.12 ? 109 ASN A C   1 
ATOM   784  O  O   . ASN A 1 99  ? 1.369   -12.585 1.725   1.00 25.15 ? 109 ASN A O   1 
ATOM   785  C  CB  . ASN A 1 99  ? 0.860   -11.319 -0.798  1.00 24.39 ? 109 ASN A CB  1 
ATOM   786  C  CG  . ASN A 1 99  ? 0.820   -11.432 -2.299  1.00 23.88 ? 109 ASN A CG  1 
ATOM   787  O  OD1 . ASN A 1 99  ? 1.165   -12.478 -2.852  1.00 24.35 ? 109 ASN A OD1 1 
ATOM   788  N  ND2 . ASN A 1 99  ? 0.352   -10.382 -2.977  1.00 23.25 ? 109 ASN A ND2 1 
ATOM   789  N  N   . LEU A 1 100 ? -0.836  -12.544 2.165   1.00 25.99 ? 110 LEU A N   1 
ATOM   790  C  CA  . LEU A 1 100 ? -0.638  -12.769 3.584   1.00 27.32 ? 110 LEU A CA  1 
ATOM   791  C  C   . LEU A 1 100 ? 0.031   -14.118 3.841   1.00 28.08 ? 110 LEU A C   1 
ATOM   792  O  O   . LEU A 1 100 ? 0.712   -14.278 4.854   1.00 28.27 ? 110 LEU A O   1 
ATOM   793  C  CB  . LEU A 1 100 ? -1.971  -12.747 4.336   1.00 27.51 ? 110 LEU A CB  1 
ATOM   794  C  CG  . LEU A 1 100 ? -2.555  -11.394 4.726   1.00 27.60 ? 110 LEU A CG  1 
ATOM   795  C  CD1 . LEU A 1 100 ? -3.944  -11.584 5.319   1.00 27.80 ? 110 LEU A CD1 1 
ATOM   796  C  CD2 . LEU A 1 100 ? -1.653  -10.687 5.709   1.00 27.23 ? 110 LEU A CD2 1 
ATOM   797  N  N   A ASN A 1 101 ? -0.146  -15.057 2.916   0.33 28.42 ? 111 ASN A N   1 
ATOM   798  N  N   B ASN A 1 101 ? -0.202  -15.110 2.962   0.33 28.44 ? 111 ASN A N   1 
ATOM   799  N  N   C ASN A 1 101 ? -0.103  -15.040 2.906   0.33 28.42 ? 111 ASN A N   1 
ATOM   800  C  CA  A ASN A 1 101 ? 0.408   -16.409 3.048   0.33 28.66 ? 111 ASN A CA  1 
ATOM   801  C  CA  B ASN A 1 101 ? 0.402   -16.424 3.236   0.33 28.69 ? 111 ASN A CA  1 
ATOM   802  C  CA  C ASN A 1 101 ? 0.422   -16.393 3.053   0.33 28.68 ? 111 ASN A CA  1 
ATOM   803  C  C   A ASN A 1 101 ? 1.937   -16.464 3.009   0.33 28.77 ? 111 ASN A C   1 
ATOM   804  C  C   B ASN A 1 101 ? 1.933   -16.466 3.016   0.33 28.78 ? 111 ASN A C   1 
ATOM   805  C  C   C ASN A 1 101 ? 1.943   -16.448 3.048   0.33 28.78 ? 111 ASN A C   1 
ATOM   806  O  O   A ASN A 1 101 ? 2.542   -17.476 3.368   0.33 29.00 ? 111 ASN A O   1 
ATOM   807  O  O   B ASN A 1 101 ? 2.546   -17.496 3.301   0.33 29.01 ? 111 ASN A O   1 
ATOM   808  O  O   C ASN A 1 101 ? 2.546   -17.436 3.471   0.33 28.99 ? 111 ASN A O   1 
ATOM   809  C  CB  A ASN A 1 101 ? -0.190  -17.336 1.975   0.33 28.73 ? 111 ASN A CB  1 
ATOM   810  C  CB  B ASN A 1 101 ? -0.282  -17.728 2.684   0.33 28.81 ? 111 ASN A CB  1 
ATOM   811  C  CB  C ASN A 1 101 ? -0.111  -17.200 1.889   0.33 28.76 ? 111 ASN A CB  1 
ATOM   812  C  CG  A ASN A 1 101 ? 0.195   -16.942 0.555   0.33 28.82 ? 111 ASN A CG  1 
ATOM   813  C  CG  B ASN A 1 101 ? -1.755  -17.585 2.296   0.33 29.05 ? 111 ASN A CG  1 
ATOM   814  C  CG  C ASN A 1 101 ? -0.351  -16.333 0.666   0.33 29.01 ? 111 ASN A CG  1 
ATOM   815  O  OD1 A ASN A 1 101 ? -0.015  -17.711 -0.382  0.33 29.15 ? 111 ASN A OD1 1 
ATOM   816  O  OD1 B ASN A 1 101 ? -2.201  -18.251 1.358   0.33 29.86 ? 111 ASN A OD1 1 
ATOM   817  O  OD1 C ASN A 1 101 ? -1.423  -15.757 0.501   0.33 28.75 ? 111 ASN A OD1 1 
ATOM   818  N  ND2 A ASN A 1 101 ? 0.743   -15.743 0.384   0.33 28.40 ? 111 ASN A ND2 1 
ATOM   819  N  ND2 B ASN A 1 101 ? -2.519  -16.796 3.039   0.33 30.16 ? 111 ASN A ND2 1 
ATOM   820  N  ND2 C ASN A 1 101 ? 0.666   -16.198 -0.170  0.33 28.93 ? 111 ASN A ND2 1 
ATOM   821  N  N   . THR A 1 102 ? 2.547   -15.381 2.535   1.00 28.70 ? 112 THR A N   1 
ATOM   822  C  CA  . THR A 1 102 ? 4.018   -15.300 2.447   1.00 28.44 ? 112 THR A CA  1 
ATOM   823  C  C   . THR A 1 102 ? 4.583   -14.111 3.233   1.00 28.27 ? 112 THR A C   1 
ATOM   824  O  O   . THR A 1 102 ? 5.787   -13.904 3.268   1.00 28.53 ? 112 THR A O   1 
ATOM   825  C  CB  . THR A 1 102 ? 4.545   -15.258 1.010   1.00 28.53 ? 112 THR A CB  1 
ATOM   826  O  OG1 . THR A 1 102 ? 3.997   -14.131 0.307   1.00 28.18 ? 112 THR A OG1 1 
ATOM   827  C  CG2 . THR A 1 102 ? 4.094   -16.485 0.236   1.00 28.83 ? 112 THR A CG2 1 
ATOM   828  N  N   . TYR A 1 103 ? 3.713   -13.338 3.874   1.00 28.12 ? 113 TYR A N   1 
ATOM   829  C  CA  . TYR A 1 103 ? 4.163   -12.209 4.674   1.00 28.30 ? 113 TYR A CA  1 
ATOM   830  C  C   . TYR A 1 103 ? 5.191   -12.713 5.694   1.00 28.62 ? 113 TYR A C   1 
ATOM   831  O  O   . TYR A 1 103 ? 4.953   -13.726 6.361   1.00 29.14 ? 113 TYR A O   1 
ATOM   832  C  CB  . TYR A 1 103 ? 2.969   -11.557 5.390   1.00 27.94 ? 113 TYR A CB  1 
ATOM   833  C  CG  . TYR A 1 103 ? 3.351   -10.410 6.305   1.00 27.74 ? 113 TYR A CG  1 
ATOM   834  C  CD1 . TYR A 1 103 ? 3.978   -10.642 7.520   1.00 28.61 ? 113 TYR A CD1 1 
ATOM   835  C  CD2 . TYR A 1 103 ? 3.092   -9.090  5.945   1.00 27.45 ? 113 TYR A CD2 1 
ATOM   836  C  CE1 . TYR A 1 103 ? 4.342   -9.603  8.353   1.00 28.70 ? 113 TYR A CE1 1 
ATOM   837  C  CE2 . TYR A 1 103 ? 3.452   -8.045  6.771   1.00 27.40 ? 113 TYR A CE2 1 
ATOM   838  C  CZ  . TYR A 1 103 ? 4.080   -8.303  7.975   1.00 28.54 ? 113 TYR A CZ  1 
ATOM   839  O  OH  . TYR A 1 103 ? 4.441   -7.255  8.797   1.00 28.46 ? 113 TYR A OH  1 
ATOM   840  N  N   . SER A 1 104 ? 6.317   -12.014 5.817   1.00 28.97 ? 114 SER A N   1 
ATOM   841  C  CA  . SER A 1 104 ? 7.367   -12.407 6.764   1.00 29.62 ? 114 SER A CA  1 
ATOM   842  C  C   . SER A 1 104 ? 7.810   -11.261 7.674   1.00 29.89 ? 114 SER A C   1 
ATOM   843  O  O   . SER A 1 104 ? 8.301   -10.229 7.208   1.00 28.34 ? 114 SER A O   1 
ATOM   844  C  CB  . SER A 1 104 ? 8.582   -12.945 6.013   1.00 29.90 ? 114 SER A CB  1 
ATOM   845  O  OG  . SER A 1 104 ? 8.248   -14.084 5.244   1.00 32.12 ? 114 SER A OG  1 
ATOM   846  N  N   . LYS A 1 105 ? 7.686   -11.468 8.983   1.00 30.76 ? 115 LYS A N   1 
ATOM   847  C  CA  . LYS A 1 105 ? 8.076   -10.455 9.965   1.00 31.39 ? 115 LYS A CA  1 
ATOM   848  C  C   . LYS A 1 105 ? 9.558   -10.083 9.885   1.00 31.57 ? 115 LYS A C   1 
ATOM   849  O  O   . LYS A 1 105 ? 9.968   -9.021  10.374  1.00 31.79 ? 115 LYS A O   1 
ATOM   850  C  CB  . LYS A 1 105 ? 7.762   -10.939 11.382  1.00 31.61 ? 115 LYS A CB  1 
ATOM   851  C  CG  . LYS A 1 105 ? 6.286   -11.124 11.656  1.00 32.96 ? 115 LYS A CG  1 
ATOM   852  C  CD  . LYS A 1 105 ? 5.997   -11.253 13.143  1.00 34.41 ? 115 LYS A CD  1 
ATOM   853  C  CE  . LYS A 1 105 ? 4.504   -11.288 13.408  1.00 35.24 ? 115 LYS A CE  1 
ATOM   854  N  NZ  . LYS A 1 105 ? 4.195   -11.177 14.863  1.00 36.88 ? 115 LYS A NZ  1 
ATOM   855  N  N   A LYS A 1 106 ? 10.358  -10.949 9.269   0.50 31.65 ? 116 LYS A N   1 
ATOM   856  N  N   B LYS A 1 106 ? 10.357  -10.955 9.278   0.50 31.64 ? 116 LYS A N   1 
ATOM   857  C  CA  A LYS A 1 106 ? 11.785  -10.700 9.122   0.50 31.74 ? 116 LYS A CA  1 
ATOM   858  C  CA  B LYS A 1 106 ? 11.785  -10.709 9.118   0.50 31.72 ? 116 LYS A CA  1 
ATOM   859  C  C   A LYS A 1 106 ? 12.066  -9.469  8.268   0.50 31.38 ? 116 LYS A C   1 
ATOM   860  C  C   B LYS A 1 106 ? 12.070  -9.479  8.257   0.50 31.37 ? 116 LYS A C   1 
ATOM   861  O  O   A LYS A 1 106 ? 13.165  -8.918  8.309   0.50 31.59 ? 116 LYS A O   1 
ATOM   862  O  O   B LYS A 1 106 ? 13.176  -8.939  8.284   0.50 31.56 ? 116 LYS A O   1 
ATOM   863  C  CB  A LYS A 1 106 ? 12.473  -11.908 8.487   0.50 32.02 ? 116 LYS A CB  1 
ATOM   864  C  CB  B LYS A 1 106 ? 12.462  -11.932 8.487   0.50 31.99 ? 116 LYS A CB  1 
ATOM   865  C  CG  A LYS A 1 106 ? 12.225  -12.029 6.989   0.50 32.88 ? 116 LYS A CG  1 
ATOM   866  C  CG  B LYS A 1 106 ? 12.520  -11.915 6.954   0.50 32.78 ? 116 LYS A CG  1 
ATOM   867  C  CD  A LYS A 1 106 ? 13.363  -12.721 6.265   0.50 33.97 ? 116 LYS A CD  1 
ATOM   868  C  CD  B LYS A 1 106 ? 13.413  -13.032 6.401   0.50 33.85 ? 116 LYS A CD  1 
ATOM   869  C  CE  A LYS A 1 106 ? 12.933  -14.062 5.692   0.50 34.58 ? 116 LYS A CE  1 
ATOM   870  C  CE  B LYS A 1 106 ? 12.672  -14.099 5.580   0.50 34.41 ? 116 LYS A CE  1 
ATOM   871  N  NZ  A LYS A 1 106 ? 13.913  -14.577 4.693   0.50 34.88 ? 116 LYS A NZ  1 
ATOM   872  N  NZ  B LYS A 1 106 ? 11.523  -14.753 6.269   0.50 34.75 ? 116 LYS A NZ  1 
ATOM   873  N  N   . TYR A 1 107 ? 11.077  -9.050  7.479   1.00 30.76 ? 117 TYR A N   1 
ATOM   874  C  CA  . TYR A 1 107 ? 11.251  -7.896  6.604   1.00 29.80 ? 117 TYR A CA  1 
ATOM   875  C  C   . TYR A 1 107 ? 10.777  -6.597  7.239   1.00 29.18 ? 117 TYR A C   1 
ATOM   876  O  O   . TYR A 1 107 ? 10.872  -5.538  6.631   1.00 27.68 ? 117 TYR A O   1 
ATOM   877  C  CB  . TYR A 1 107 ? 10.541  -8.127  5.267   1.00 29.63 ? 117 TYR A CB  1 
ATOM   878  C  CG  . TYR A 1 107 ? 11.210  -9.178  4.405   1.00 29.50 ? 117 TYR A CG  1 
ATOM   879  C  CD1 . TYR A 1 107 ? 12.563  -9.104  4.104   1.00 29.68 ? 117 TYR A CD1 1 
ATOM   880  C  CD2 . TYR A 1 107 ? 10.486  -10.250 3.900   1.00 29.30 ? 117 TYR A CD2 1 
ATOM   881  C  CE1 . TYR A 1 107 ? 13.179  -10.064 3.318   1.00 30.56 ? 117 TYR A CE1 1 
ATOM   882  C  CE2 . TYR A 1 107 ? 11.096  -11.217 3.117   1.00 30.32 ? 117 TYR A CE2 1 
ATOM   883  C  CZ  . TYR A 1 107 ? 12.439  -11.118 2.830   1.00 30.69 ? 117 TYR A CZ  1 
ATOM   884  O  OH  . TYR A 1 107 ? 13.042  -12.074 2.041   1.00 31.78 ? 117 TYR A OH  1 
ATOM   885  N  N   . MET A 1 108 ? 10.276  -6.672  8.464   1.00 29.15 ? 118 MET A N   1 
ATOM   886  C  CA  . MET A 1 108 ? 9.837   -5.472  9.159   1.00 29.69 ? 118 MET A CA  1 
ATOM   887  C  C   . MET A 1 108 ? 11.090  -4.698  9.552   1.00 29.54 ? 118 MET A C   1 
ATOM   888  O  O   . MET A 1 108 ? 12.073  -5.295  9.994   1.00 29.80 ? 118 MET A O   1 
ATOM   889  C  CB  . MET A 1 108 ? 9.018   -5.834  10.401  1.00 30.00 ? 118 MET A CB  1 
ATOM   890  C  CG  . MET A 1 108 ? 7.661   -6.465  10.084  1.00 31.13 ? 118 MET A CG  1 
ATOM   891  S  SD  . MET A 1 108 ? 6.741   -7.066  11.525  1.00 33.69 ? 118 MET A SD  1 
ATOM   892  C  CE  . MET A 1 108 ? 6.196   -5.539  12.245  1.00 32.97 ? 118 MET A CE  1 
ATOM   893  N  N   . LEU A 1 109 ? 11.063  -3.382  9.377   1.00 29.68 ? 119 LEU A N   1 
ATOM   894  C  CA  . LEU A 1 109 ? 12.204  -2.527  9.701   1.00 29.66 ? 119 LEU A CA  1 
ATOM   895  C  C   . LEU A 1 109 ? 13.429  -2.891  8.864   1.00 29.46 ? 119 LEU A C   1 
ATOM   896  O  O   . LEU A 1 109 ? 14.569  -2.766  9.321   1.00 29.89 ? 119 LEU A O   1 
ATOM   897  C  CB  . LEU A 1 109 ? 12.540  -2.614  11.199  1.00 29.81 ? 119 LEU A CB  1 
ATOM   898  C  CG  . LEU A 1 109 ? 11.480  -2.066  12.160  1.00 29.89 ? 119 LEU A CG  1 
ATOM   899  C  CD1 . LEU A 1 109 ? 11.916  -2.277  13.586  1.00 30.23 ? 119 LEU A CD1 1 
ATOM   900  C  CD2 . LEU A 1 109 ? 11.226  -0.604  11.917  1.00 29.99 ? 119 LEU A CD2 1 
ATOM   901  N  N   . TYR A 1 110 ? 13.199  -3.337  7.631   1.00 28.71 ? 120 TYR A N   1 
ATOM   902  C  CA  . TYR A 1 110 ? 14.296  -3.726  6.746   1.00 28.35 ? 120 TYR A CA  1 
ATOM   903  C  C   . TYR A 1 110 ? 15.252  -2.543  6.514   1.00 28.13 ? 120 TYR A C   1 
ATOM   904  O  O   . TYR A 1 110 ? 14.808  -1.425  6.281   1.00 27.50 ? 120 TYR A O   1 
ATOM   905  C  CB  . TYR A 1 110 ? 13.731  -4.239  5.411   1.00 28.54 ? 120 TYR A CB  1 
ATOM   906  C  CG  . TYR A 1 110 ? 14.705  -5.068  4.601   1.00 28.55 ? 120 TYR A CG  1 
ATOM   907  C  CD1 . TYR A 1 110 ? 15.111  -6.321  5.035   1.00 29.47 ? 120 TYR A CD1 1 
ATOM   908  C  CD2 . TYR A 1 110 ? 15.203  -4.602  3.394   1.00 28.71 ? 120 TYR A CD2 1 
ATOM   909  C  CE1 . TYR A 1 110 ? 15.996  -7.081  4.299   1.00 29.68 ? 120 TYR A CE1 1 
ATOM   910  C  CE2 . TYR A 1 110 ? 16.088  -5.354  2.642   1.00 29.26 ? 120 TYR A CE2 1 
ATOM   911  C  CZ  . TYR A 1 110 ? 16.482  -6.594  3.097   1.00 29.91 ? 120 TYR A CZ  1 
ATOM   912  O  OH  . TYR A 1 110 ? 17.364  -7.350  2.356   1.00 30.70 ? 120 TYR A OH  1 
ATOM   913  N  N   . PRO A 1 111 ? 16.562  -2.782  6.581   1.00 27.76 ? 121 PRO A N   1 
ATOM   914  C  CA  . PRO A 1 111 ? 17.574  -1.730  6.408   1.00 27.90 ? 121 PRO A CA  1 
ATOM   915  C  C   . PRO A 1 111 ? 17.690  -1.180  5.000   1.00 27.54 ? 121 PRO A C   1 
ATOM   916  O  O   . PRO A 1 111 ? 17.686  -1.948  4.049   1.00 27.39 ? 121 PRO A O   1 
ATOM   917  C  CB  . PRO A 1 111 ? 18.875  -2.437  6.816   1.00 28.06 ? 121 PRO A CB  1 
ATOM   918  C  CG  . PRO A 1 111 ? 18.430  -3.661  7.559   1.00 28.60 ? 121 PRO A CG  1 
ATOM   919  C  CD  . PRO A 1 111 ? 17.187  -4.084  6.869   1.00 28.10 ? 121 PRO A CD  1 
ATOM   920  N  N   . ASP A 1 112 ? 17.836  0.133   4.886   1.00 27.08 ? 122 ASP A N   1 
ATOM   921  C  CA  . ASP A 1 112 ? 17.911  0.798   3.590   1.00 27.44 ? 122 ASP A CA  1 
ATOM   922  C  C   . ASP A 1 112 ? 19.043  0.290   2.724   1.00 27.28 ? 122 ASP A C   1 
ATOM   923  O  O   . ASP A 1 112 ? 18.895  0.192   1.506   1.00 27.19 ? 122 ASP A O   1 
ATOM   924  C  CB  . ASP A 1 112 ? 18.046  2.299   3.788   1.00 27.78 ? 122 ASP A CB  1 
ATOM   925  C  CG  . ASP A 1 112 ? 18.178  3.054   2.477   1.00 28.02 ? 122 ASP A CG  1 
ATOM   926  O  OD1 . ASP A 1 112 ? 19.299  3.157   1.938   1.00 28.42 ? 122 ASP A OD1 1 
ATOM   927  O  OD2 . ASP A 1 112 ? 17.197  3.590   1.922   1.00 31.23 ? 122 ASP A OD2 1 
ATOM   928  N  N   . PHE A 1 113 ? 20.298  -0.019  3.304   1.00 29.17 ? 124 PHE A N   1 
ATOM   929  C  CA  . PHE A 1 113 ? 21.461  -0.345  2.497   1.00 29.39 ? 124 PHE A CA  1 
ATOM   930  C  C   . PHE A 1 113 ? 21.269  -1.642  1.725   1.00 29.36 ? 124 PHE A C   1 
ATOM   931  O  O   . PHE A 1 113 ? 22.023  -1.906  0.799   1.00 28.96 ? 124 PHE A O   1 
ATOM   932  C  CB  . PHE A 1 113 ? 22.705  -0.439  3.389   1.00 29.48 ? 124 PHE A CB  1 
ATOM   933  C  CG  . PHE A 1 113 ? 22.836  -1.742  4.130   1.00 30.17 ? 124 PHE A CG  1 
ATOM   934  C  CD1 . PHE A 1 113 ? 22.033  -2.029  5.223   1.00 30.35 ? 124 PHE A CD1 1 
ATOM   935  C  CD2 . PHE A 1 113 ? 23.779  -2.678  3.739   1.00 30.89 ? 124 PHE A CD2 1 
ATOM   936  C  CE1 . PHE A 1 113 ? 22.162  -3.226  5.912   1.00 31.06 ? 124 PHE A CE1 1 
ATOM   937  C  CE2 . PHE A 1 113 ? 23.911  -3.878  4.419   1.00 31.36 ? 124 PHE A CE2 1 
ATOM   938  C  CZ  . PHE A 1 113 ? 23.099  -4.156  5.506   1.00 31.15 ? 124 PHE A CZ  1 
ATOM   939  N  N   . LEU A 1 114 ? 20.281  -2.457  2.097   1.00 29.56 ? 125 LEU A N   1 
ATOM   940  C  CA  . LEU A 1 114 ? 20.047  -3.725  1.412   1.00 29.83 ? 125 LEU A CA  1 
ATOM   941  C  C   . LEU A 1 114 ? 19.073  -3.559  0.245   1.00 30.04 ? 125 LEU A C   1 
ATOM   942  O  O   . LEU A 1 114 ? 18.670  -4.538  -0.377  1.00 30.77 ? 125 LEU A O   1 
ATOM   943  C  CB  . LEU A 1 114 ? 19.528  -4.786  2.381   1.00 29.89 ? 125 LEU A CB  1 
ATOM   944  C  CG  . LEU A 1 114 ? 20.555  -5.284  3.403   1.00 30.73 ? 125 LEU A CG  1 
ATOM   945  C  CD1 . LEU A 1 114 ? 19.919  -6.283  4.359   1.00 31.64 ? 125 LEU A CD1 1 
ATOM   946  C  CD2 . LEU A 1 114 ? 21.750  -5.906  2.700   1.00 31.93 ? 125 LEU A CD2 1 
ATOM   947  N  N   . CYS A 1 115 ? 18.717  -2.315  -0.044  1.00 30.01 ? 126 CYS A N   1 
ATOM   948  C  CA  . CYS A 1 115 ? 17.830  -1.995  -1.152  1.00 30.01 ? 126 CYS A CA  1 
ATOM   949  C  C   . CYS A 1 115 ? 18.674  -1.145  -2.106  1.00 31.38 ? 126 CYS A C   1 
ATOM   950  O  O   . CYS A 1 115 ? 18.901  0.027   -1.839  1.00 31.65 ? 126 CYS A O   1 
ATOM   951  C  CB  . CYS A 1 115 ? 16.603  -1.257  -0.623  1.00 29.46 ? 126 CYS A CB  1 
ATOM   952  S  SG  . CYS A 1 115 ? 15.717  -2.170  0.670   1.00 25.71 ? 126 CYS A SG  1 
ATOM   953  N  N   . LYS A 1 116 ? 19.149  -1.750  -3.197  1.00 32.66 ? 127 LYS A N   1 
ATOM   954  C  CA  . LYS A 1 116 ? 20.034  -1.079  -4.155  1.00 34.04 ? 127 LYS A CA  1 
ATOM   955  C  C   . LYS A 1 116 ? 19.458  -1.031  -5.570  1.00 34.58 ? 127 LYS A C   1 
ATOM   956  O  O   . LYS A 1 116 ? 18.762  -1.947  -5.992  1.00 35.10 ? 127 LYS A O   1 
ATOM   957  C  CB  . LYS A 1 116 ? 21.399  -1.770  -4.212  1.00 34.37 ? 127 LYS A CB  1 
ATOM   958  C  CG  . LYS A 1 116 ? 22.133  -1.819  -2.875  1.00 36.01 ? 127 LYS A CG  1 
ATOM   959  C  CD  . LYS A 1 116 ? 23.229  -2.882  -2.889  1.00 37.67 ? 127 LYS A CD  1 
ATOM   960  C  CE  . LYS A 1 116 ? 24.255  -2.643  -3.986  1.00 38.79 ? 127 LYS A CE  1 
ATOM   961  N  NZ  . LYS A 1 116 ? 25.347  -3.659  -3.951  1.00 40.13 ? 127 LYS A NZ  1 
ATOM   962  N  N   . GLY A 1 117 ? 19.773  0.034   -6.297  1.00 35.51 ? 128 GLY A N   1 
ATOM   963  C  CA  . GLY A 1 117 ? 19.359  0.191   -7.683  1.00 35.96 ? 128 GLY A CA  1 
ATOM   964  C  C   . GLY A 1 117 ? 17.931  0.651   -7.893  1.00 36.56 ? 128 GLY A C   1 
ATOM   965  O  O   . GLY A 1 117 ? 17.086  0.523   -7.010  1.00 36.50 ? 128 GLY A O   1 
ATOM   966  N  N   . GLU A 1 118 ? 17.666  1.188   -9.083  1.00 37.10 ? 129 GLU A N   1 
ATOM   967  C  CA  . GLU A 1 118 ? 16.326  1.654   -9.429  1.00 37.41 ? 129 GLU A CA  1 
ATOM   968  C  C   . GLU A 1 118 ? 15.600  0.623   -10.281 1.00 37.12 ? 129 GLU A C   1 
ATOM   969  O  O   . GLU A 1 118 ? 16.160  0.074   -11.230 1.00 37.49 ? 129 GLU A O   1 
ATOM   970  C  CB  . GLU A 1 118 ? 16.383  2.985   -10.184 1.00 37.86 ? 129 GLU A CB  1 
ATOM   971  C  CG  . GLU A 1 118 ? 16.651  4.199   -9.308  1.00 39.19 ? 129 GLU A CG  1 
ATOM   972  C  CD  . GLU A 1 118 ? 18.127  4.412   -9.037  1.00 40.68 ? 129 GLU A CD  1 
ATOM   973  O  OE1 . GLU A 1 118 ? 18.748  3.531   -8.408  1.00 42.52 ? 129 GLU A OE1 1 
ATOM   974  O  OE2 . GLU A 1 118 ? 18.663  5.466   -9.448  1.00 42.66 ? 129 GLU A OE2 1 
ATOM   975  N  N   . LEU A 1 119 ? 14.349  0.366   -9.924  1.00 36.51 ? 130 LEU A N   1 
ATOM   976  C  CA  . LEU A 1 119 ? 13.503  -0.564  -10.649 1.00 35.96 ? 130 LEU A CA  1 
ATOM   977  C  C   . LEU A 1 119 ? 12.395  0.279   -11.252 1.00 35.10 ? 130 LEU A C   1 
ATOM   978  O  O   . LEU A 1 119 ? 11.663  0.950   -10.528 1.00 35.04 ? 130 LEU A O   1 
ATOM   979  C  CB  . LEU A 1 119 ? 12.934  -1.612  -9.695  1.00 36.24 ? 130 LEU A CB  1 
ATOM   980  C  CG  . LEU A 1 119 ? 12.317  -2.877  -10.294 1.00 37.00 ? 130 LEU A CG  1 
ATOM   981  C  CD1 . LEU A 1 119 ? 11.969  -3.851  -9.187  1.00 37.71 ? 130 LEU A CD1 1 
ATOM   982  C  CD2 . LEU A 1 119 ? 11.090  -2.548  -11.114 1.00 37.35 ? 130 LEU A CD2 1 
ATOM   983  N  N   . LYS A 1 120 ? 12.278  0.255   -12.573 1.00 33.86 ? 131 LYS A N   1 
ATOM   984  C  CA  . LYS A 1 120 ? 11.283  1.063   -13.270 1.00 33.21 ? 131 LYS A CA  1 
ATOM   985  C  C   . LYS A 1 120 ? 9.852   0.579   -13.059 1.00 32.28 ? 131 LYS A C   1 
ATOM   986  O  O   . LYS A 1 120 ? 9.558   -0.610  -13.042 1.00 30.26 ? 131 LYS A O   1 
ATOM   987  C  CB  . LYS A 1 120 ? 11.599  1.112   -14.759 1.00 33.35 ? 131 LYS A CB  1 
ATOM   988  C  CG  . LYS A 1 120 ? 12.862  1.890   -15.065 1.00 34.58 ? 131 LYS A CG  1 
ATOM   989  C  CD  . LYS A 1 120 ? 13.170  1.901   -16.539 1.00 35.52 ? 131 LYS A CD  1 
ATOM   990  C  CE  . LYS A 1 120 ? 14.421  2.705   -16.822 1.00 36.21 ? 131 LYS A CE  1 
ATOM   991  N  NZ  . LYS A 1 120 ? 14.704  2.789   -18.273 1.00 36.62 ? 131 LYS A NZ  1 
ATOM   992  N  N   . CYS A 1 121 ? 8.955   1.609   -12.903 1.00 24.78 ? 133 CYS A N   1 
ATOM   993  C  CA  . CYS A 1 121 ? 7.531   1.342   -12.764 1.00 24.72 ? 133 CYS A CA  1 
ATOM   994  C  C   . CYS A 1 121 ? 6.934   0.783   -14.060 1.00 25.73 ? 133 CYS A C   1 
ATOM   995  O  O   . CYS A 1 121 ? 6.057   -0.082  -13.991 1.00 26.22 ? 133 CYS A O   1 
ATOM   996  C  CB  . CYS A 1 121 ? 6.816   2.623   -12.343 1.00 24.20 ? 133 CYS A CB  1 
ATOM   997  S  SG  . CYS A 1 121 ? 7.141   3.099   -10.626 1.00 22.21 ? 133 CYS A SG  1 
ATOM   998  O  OXT . CYS A 1 121 ? 7.354   1.208   -15.150 1.00 27.34 ? 133 CYS A OXT 1 
HETATM 999  S  S   . SO4 B 2 .   ? -7.315  11.388  7.584   1.00 50.54 ? 401 SO4 A S   1 
HETATM 1000 O  O1  . SO4 B 2 .   ? -6.057  10.662  7.442   1.00 50.78 ? 401 SO4 A O1  1 
HETATM 1001 O  O2  . SO4 B 2 .   ? -7.561  11.722  8.988   1.00 50.00 ? 401 SO4 A O2  1 
HETATM 1002 O  O3  . SO4 B 2 .   ? -7.225  12.632  6.819   1.00 50.09 ? 401 SO4 A O3  1 
HETATM 1003 O  O4  . SO4 B 2 .   ? -8.411  10.560  7.082   1.00 49.88 ? 401 SO4 A O4  1 
HETATM 1004 S  S   . SO4 C 2 .   ? 11.149  -13.293 -8.199  1.00 51.32 ? 402 SO4 A S   1 
HETATM 1005 O  O1  . SO4 C 2 .   ? 11.132  -14.615 -8.826  1.00 51.35 ? 402 SO4 A O1  1 
HETATM 1006 O  O2  . SO4 C 2 .   ? 12.136  -13.295 -7.118  1.00 50.64 ? 402 SO4 A O2  1 
HETATM 1007 O  O3  . SO4 C 2 .   ? 11.532  -12.282 -9.184  1.00 50.78 ? 402 SO4 A O3  1 
HETATM 1008 O  O4  . SO4 C 2 .   ? 9.828   -12.996 -7.656  1.00 50.90 ? 402 SO4 A O4  1 
HETATM 1009 S  S   . SO4 D 2 .   ? -12.598 11.393  -12.840 1.00 45.97 ? 403 SO4 A S   1 
HETATM 1010 O  O1  . SO4 D 2 .   ? -11.346 11.809  -13.478 1.00 45.39 ? 403 SO4 A O1  1 
HETATM 1011 O  O2  . SO4 D 2 .   ? -12.293 10.392  -11.819 1.00 43.97 ? 403 SO4 A O2  1 
HETATM 1012 O  O3  . SO4 D 2 .   ? -13.242 12.552  -12.222 1.00 44.90 ? 403 SO4 A O3  1 
HETATM 1013 O  O4  . SO4 D 2 .   ? -13.493 10.812  -13.838 1.00 46.13 ? 403 SO4 A O4  1 
HETATM 1014 S  S   . SO4 E 2 .   ? 6.853   -14.774 9.878   1.00 48.72 ? 404 SO4 A S   1 
HETATM 1015 O  O1  . SO4 E 2 .   ? 5.910   -15.884 9.774   1.00 48.18 ? 404 SO4 A O1  1 
HETATM 1016 O  O2  . SO4 E 2 .   ? 7.442   -14.745 11.218  1.00 48.50 ? 404 SO4 A O2  1 
HETATM 1017 O  O3  . SO4 E 2 .   ? 6.154   -13.521 9.627   1.00 47.64 ? 404 SO4 A O3  1 
HETATM 1018 O  O4  . SO4 E 2 .   ? 7.921   -14.962 8.898   1.00 48.43 ? 404 SO4 A O4  1 
HETATM 1019 C  C   . IMN F 3 .   ? 4.988   9.017   -3.634  0.50 34.70 ? 301 IMN A C   1 
HETATM 1020 C  C1  . IMN F 3 .   ? 5.218   7.621   -3.173  0.50 34.67 ? 301 IMN A C1  1 
HETATM 1021 C  C2  . IMN F 3 .   ? 5.931   6.740   -3.964  0.50 34.48 ? 301 IMN A C2  1 
HETATM 1022 C  C3  . IMN F 3 .   ? 6.437   7.126   -5.197  0.50 34.00 ? 301 IMN A C3  1 
HETATM 1023 C  C4  . IMN F 3 .   ? 6.233   8.427   -5.643  0.50 34.34 ? 301 IMN A C4  1 
HETATM 1024 C  C5  . IMN F 3 .   ? 5.520   9.360   -4.880  0.50 34.71 ? 301 IMN A C5  1 
HETATM 1025 C  C6  . IMN F 3 .   ? 7.105   6.133   -7.369  0.50 33.58 ? 301 IMN A C6  1 
HETATM 1026 C  C7  . IMN F 3 .   ? 4.573   7.460   -1.840  0.50 34.64 ? 301 IMN A C7  1 
HETATM 1027 C  C8  . IMN F 3 .   ? 3.989   8.797   -1.569  0.50 34.70 ? 301 IMN A C8  1 
HETATM 1028 C  C9  . IMN F 3 .   ? 3.593   10.790  -2.729  0.50 35.20 ? 301 IMN A C9  1 
HETATM 1029 C  C10 . IMN F 3 .   ? 3.876   12.067  -3.481  0.50 35.66 ? 301 IMN A C10 1 
HETATM 1030 C  C11 . IMN F 3 .   ? 2.790   12.942  -3.464  0.50 36.24 ? 301 IMN A C11 1 
HETATM 1031 C  C12 . IMN F 3 .   ? 2.839   14.167  -4.106  0.50 37.05 ? 301 IMN A C12 1 
HETATM 1032 C  C13 . IMN F 3 .   ? 3.989   14.538  -4.782  0.50 37.84 ? 301 IMN A C13 1 
HETATM 1033 C  C14 . IMN F 3 .   ? 5.080   13.680  -4.809  0.50 37.02 ? 301 IMN A C14 1 
HETATM 1034 C  C15 . IMN F 3 .   ? 5.031   12.444  -4.165  0.50 36.35 ? 301 IMN A C15 1 
HETATM 1035 C  C16 . IMN F 3 .   ? 3.207   9.238   -0.361  0.50 34.33 ? 301 IMN A C16 1 
HETATM 1036 C  C17 . IMN F 3 .   ? 4.610   6.134   -1.098  0.50 35.21 ? 301 IMN A C17 1 
HETATM 1037 C  C18 . IMN F 3 .   ? 3.973   5.846   0.264   0.50 35.23 ? 301 IMN A C18 1 
HETATM 1038 N  N   . IMN F 3 .   ? 4.277   9.584   -2.631  0.50 34.89 ? 301 IMN A N   1 
HETATM 1039 O  O   . IMN F 3 .   ? 7.145   6.204   -5.942  0.50 33.90 ? 301 IMN A O   1 
HETATM 1040 O  O1  . IMN F 3 .   ? 2.480   10.808  -2.256  0.50 35.60 ? 301 IMN A O1  1 
HETATM 1041 O  O2  . IMN F 3 .   ? 3.995   6.555   1.260   0.50 35.91 ? 301 IMN A O2  1 
HETATM 1042 O  O3  . IMN F 3 .   ? 3.355   4.667   0.379   0.50 36.76 ? 301 IMN A O3  1 
HETATM 1043 CL CL  . IMN F 3 .   ? 4.055   16.126  -5.611  0.50 41.05 ? 301 IMN A CL  1 
HETATM 1044 O  O   . HOH G 4 .   ? -13.715 0.692   -6.680  1.00 21.65 ? 15  HOH A O   1 
HETATM 1045 O  O   . HOH G 4 .   ? 15.265  -8.524  -3.264  1.00 53.67 ? 57  HOH A O   1 
HETATM 1046 O  O   . HOH G 4 .   ? -22.176 4.812   -3.177  1.00 45.93 ? 58  HOH A O   1 
HETATM 1047 O  O   . HOH G 4 .   ? -2.863  -11.710 -8.038  1.00 34.87 ? 60  HOH A O   1 
HETATM 1048 O  O   . HOH G 4 .   ? -7.643  -12.006 6.082   1.00 52.99 ? 62  HOH A O   1 
HETATM 1049 O  O   . HOH G 4 .   ? 14.244  -0.371  3.507   1.00 37.15 ? 63  HOH A O   1 
HETATM 1050 O  O   . HOH G 4 .   ? 15.553  -3.393  -11.491 1.00 67.85 ? 64  HOH A O   1 
HETATM 1051 O  O   . HOH G 4 .   ? 16.174  -0.094  -17.383 1.00 50.62 ? 65  HOH A O   1 
HETATM 1052 O  O   . HOH G 4 .   ? -15.898 2.856   -8.170  1.00 48.46 ? 66  HOH A O   1 
HETATM 1053 O  O   . HOH G 4 .   ? -19.706 0.004   3.776   1.00 44.79 ? 87  HOH A O   1 
HETATM 1054 O  O   . HOH G 4 .   ? -17.085 -2.436  -8.335  1.00 51.54 ? 123 HOH A O   1 
HETATM 1055 O  O   . HOH G 4 .   ? -17.176 10.329  7.698   1.00 59.80 ? 132 HOH A O   1 
HETATM 1056 O  O   . HOH G 4 .   ? -12.467 9.697   9.629   1.00 63.97 ? 134 HOH A O   1 
HETATM 1057 O  O   . HOH G 4 .   ? -20.931 -2.948  -6.647  1.00 63.35 ? 135 HOH A O   1 
HETATM 1058 O  O   . HOH G 4 .   ? 2.191   -12.914 10.455  1.00 61.23 ? 136 HOH A O   1 
HETATM 1059 O  O   . HOH G 4 .   ? -16.293 6.156   -10.110 1.00 68.92 ? 137 HOH A O   1 
HETATM 1060 O  O   . HOH G 4 .   ? -4.587  7.695   0.711   1.00 18.35 ? 138 HOH A O   1 
HETATM 1061 O  O   . HOH G 4 .   ? -9.415  9.263   9.077   1.00 46.51 ? 139 HOH A O   1 
HETATM 1062 O  O   . HOH G 4 .   ? -0.424  -2.372  -4.791  1.00 17.03 ? 140 HOH A O   1 
HETATM 1063 O  O   . HOH G 4 .   ? -16.201 2.658   8.052   1.00 56.51 ? 141 HOH A O   1 
HETATM 1064 O  O   . HOH G 4 .   ? -8.170  -0.737  -7.461  1.00 17.72 ? 142 HOH A O   1 
HETATM 1065 O  O   . HOH G 4 .   ? -5.850  10.005  -16.541 1.00 54.74 ? 143 HOH A O   1 
HETATM 1066 O  O   . HOH G 4 .   ? 14.251  -14.443 -1.807  1.00 60.38 ? 144 HOH A O   1 
HETATM 1067 O  O   . HOH G 4 .   ? -1.523  -15.696 -3.332  1.00 47.33 ? 145 HOH A O   1 
HETATM 1068 O  O   . HOH G 4 .   ? 16.491  5.531   -5.545  1.00 60.17 ? 146 HOH A O   1 
HETATM 1069 O  O   . HOH G 4 .   ? 4.611   -21.641 5.421   1.00 63.58 ? 147 HOH A O   1 
HETATM 1070 O  O   . HOH G 4 .   ? 20.061  -6.535  -4.035  1.00 63.00 ? 148 HOH A O   1 
HETATM 1071 O  O   . HOH G 4 .   ? 3.618   11.088  -13.723 1.00 57.54 ? 149 HOH A O   1 
HETATM 1072 O  O   . HOH G 4 .   ? -23.819 -0.545  -2.782  1.00 49.35 ? 150 HOH A O   1 
HETATM 1073 O  O   . HOH G 4 .   ? 23.218  -9.492  2.877   1.00 54.54 ? 151 HOH A O   1 
HETATM 1074 O  O   . HOH G 4 .   ? -17.926 -5.128  -7.457  1.00 67.71 ? 152 HOH A O   1 
HETATM 1075 O  O   . HOH G 4 .   ? 4.545   0.246   -16.374 1.00 25.61 ? 153 HOH A O   1 
HETATM 1076 O  O   . HOH G 4 .   ? 3.419   1.907   -0.796  1.00 24.35 ? 154 HOH A O   1 
HETATM 1077 O  O   . HOH G 4 .   ? -1.887  1.478   11.612  1.00 27.76 ? 155 HOH A O   1 
HETATM 1078 O  O   . HOH G 4 .   ? 4.616   6.007   -11.530 1.00 29.17 ? 156 HOH A O   1 
HETATM 1079 O  O   . HOH G 4 .   ? -4.134  -0.005  10.483  1.00 28.63 ? 157 HOH A O   1 
HETATM 1080 O  O   . HOH G 4 .   ? 0.949   10.599  -5.283  1.00 31.76 ? 158 HOH A O   1 
HETATM 1081 O  O   . HOH G 4 .   ? -13.921 -0.619  -10.720 1.00 39.34 ? 159 HOH A O   1 
HETATM 1082 O  O   . HOH G 4 .   ? 13.102  1.701   -7.651  1.00 34.00 ? 160 HOH A O   1 
HETATM 1083 O  O   . HOH G 4 .   ? 5.583   11.105  -9.991  1.00 35.36 ? 161 HOH A O   1 
HETATM 1084 O  O   . HOH G 4 .   ? -1.335  1.507   14.443  1.00 38.71 ? 162 HOH A O   1 
HETATM 1085 O  O   . HOH G 4 .   ? 1.864   0.643   2.812   1.00 43.56 ? 163 HOH A O   1 
HETATM 1086 O  O   . HOH G 4 .   ? -0.865  7.035   1.978   1.00 34.09 ? 164 HOH A O   1 
HETATM 1087 O  O   . HOH G 4 .   ? 10.930  3.628   -10.407 1.00 50.17 ? 165 HOH A O   1 
HETATM 1088 O  O   . HOH G 4 .   ? -18.774 15.947  -10.685 1.00 46.90 ? 166 HOH A O   1 
HETATM 1089 O  O   . HOH G 4 .   ? -21.308 7.297   -8.408  1.00 46.30 ? 167 HOH A O   1 
HETATM 1090 O  O   . HOH G 4 .   ? -2.726  4.051   10.901  1.00 31.57 ? 168 HOH A O   1 
HETATM 1091 O  O   . HOH G 4 .   ? -1.567  5.302   8.602   1.00 41.57 ? 169 HOH A O   1 
HETATM 1092 O  O   . HOH G 4 .   ? -24.909 2.266   -4.293  1.00 45.54 ? 170 HOH A O   1 
HETATM 1093 O  O   . HOH G 4 .   ? -6.836  15.563  -12.560 1.00 46.05 ? 171 HOH A O   1 
HETATM 1094 O  O   . HOH G 4 .   ? -5.150  -5.116  16.362  1.00 55.42 ? 172 HOH A O   1 
HETATM 1095 O  O   . HOH G 4 .   ? -17.135 -1.221  6.924   1.00 55.84 ? 173 HOH A O   1 
HETATM 1096 O  O   . HOH G 4 .   ? -20.391 -5.790  -9.239  1.00 54.06 ? 174 HOH A O   1 
HETATM 1097 O  O   . HOH G 4 .   ? -15.640 9.112   -9.040  1.00 56.51 ? 175 HOH A O   1 
HETATM 1098 O  O   . HOH G 4 .   ? -0.126  -20.162 4.510   1.00 47.79 ? 176 HOH A O   1 
HETATM 1099 O  O   . HOH G 4 .   ? 8.640   6.934   -0.889  1.00 51.64 ? 177 HOH A O   1 
HETATM 1100 O  O   . HOH G 4 .   ? 15.584  5.509   2.561   1.00 54.45 ? 178 HOH A O   1 
HETATM 1101 O  O   . HOH G 4 .   ? -22.092 4.141   4.685   1.00 53.10 ? 179 HOH A O   1 
HETATM 1102 O  O   . HOH G 4 .   ? -7.700  7.829   -15.391 1.00 45.40 ? 180 HOH A O   1 
HETATM 1103 O  O   . HOH G 4 .   ? 14.134  5.383   -0.658  1.00 55.98 ? 181 HOH A O   1 
HETATM 1104 O  O   . HOH G 4 .   ? 2.048   16.066  -1.003  1.00 56.33 ? 182 HOH A O   1 
HETATM 1105 O  O   . HOH G 4 .   ? 9.356   3.852   -4.531  1.00 47.60 ? 183 HOH A O   1 
HETATM 1106 O  O   . HOH G 4 .   ? -1.543  0.035   -5.802  1.00 17.43 ? 184 HOH A O   1 
HETATM 1107 O  O   . HOH G 4 .   ? 20.566  -2.777  -10.750 1.00 54.63 ? 185 HOH A O   1 
HETATM 1108 O  O   . HOH G 4 .   ? -11.664 6.682   9.071   1.00 53.00 ? 186 HOH A O   1 
HETATM 1109 O  O   . HOH G 4 .   ? 3.988   -19.401 -2.061  1.00 56.06 ? 187 HOH A O   1 
HETATM 1110 O  O   . HOH G 4 .   ? 7.241   7.237   -10.758 1.00 56.15 ? 188 HOH A O   1 
HETATM 1111 O  O   . HOH G 4 .   ? 19.339  7.956   -10.043 1.00 53.96 ? 189 HOH A O   1 
HETATM 1112 O  O   . HOH G 4 .   ? 3.405   8.084   -14.588 1.00 54.48 ? 190 HOH A O   1 
HETATM 1113 O  O   . HOH G 4 .   ? 22.962  -5.402  -4.762  1.00 53.97 ? 191 HOH A O   1 
HETATM 1114 O  O   . HOH G 4 .   ? 3.904   -22.316 -2.898  1.00 47.64 ? 192 HOH A O   1 
HETATM 1115 O  O   . HOH G 4 .   ? -8.827  16.316  -4.347  1.00 17.61 ? 193 HOH A O   1 
HETATM 1116 O  O   . HOH G 4 .   ? -18.162 -9.018  -3.263  1.00 53.38 ? 194 HOH A O   1 
HETATM 1117 O  O   . HOH G 4 .   ? 8.465   2.722   -7.144  1.00 36.83 ? 195 HOH A O   1 
HETATM 1118 O  O   . HOH G 4 .   ? 9.610   5.035   -12.823 1.00 39.84 ? 196 HOH A O   1 
HETATM 1119 O  O   . HOH G 4 .   ? -18.302 4.417   -7.753  1.00 45.34 ? 197 HOH A O   1 
HETATM 1120 O  O   . HOH G 4 .   ? -5.980  1.418   12.445  1.00 48.18 ? 198 HOH A O   1 
HETATM 1121 O  O   . HOH G 4 .   ? -14.850 12.488  -10.034 1.00 45.28 ? 199 HOH A O   1 
HETATM 1122 O  O   . HOH G 4 .   ? -11.339 -2.847  11.062  1.00 49.67 ? 200 HOH A O   1 
HETATM 1123 O  O   . HOH G 4 .   ? -1.628  -11.266 11.609  1.00 48.19 ? 201 HOH A O   1 
HETATM 1124 O  O   . HOH G 4 .   ? -16.496 3.159   11.135  1.00 53.75 ? 202 HOH A O   1 
HETATM 1125 O  O   . HOH G 4 .   ? 5.921   12.950  -12.559 1.00 52.06 ? 203 HOH A O   1 
HETATM 1126 O  O   . HOH G 4 .   ? -4.466  17.886  -9.322  1.00 18.94 ? 204 HOH A O   1 
HETATM 1127 O  O   . HOH G 4 .   ? 1.021   -16.920 -2.453  1.00 44.75 ? 205 HOH A O   1 
HETATM 1128 O  O   . HOH G 4 .   ? 9.726   3.566   6.534   1.00 49.56 ? 206 HOH A O   1 
HETATM 1129 O  O   . HOH G 4 .   ? 1.027   3.921   7.863   1.00 53.81 ? 207 HOH A O   1 
HETATM 1130 O  O   . HOH G 4 .   ? 5.493   11.645  -16.161 1.00 57.24 ? 208 HOH A O   1 
HETATM 1131 O  O   . HOH G 4 .   ? -17.666 5.909   4.376   1.00 49.05 ? 209 HOH A O   1 
HETATM 1132 O  O   . HOH G 4 .   ? -19.385 11.120  3.518   1.00 52.64 ? 210 HOH A O   1 
HETATM 1133 O  O   . HOH G 4 .   ? -22.769 -5.023  1.476   1.00 50.29 ? 211 HOH A O   1 
HETATM 1134 O  O   . HOH G 4 .   ? 7.191   3.629   -0.288  1.00 28.82 ? 212 HOH A O   1 
HETATM 1135 O  O   . HOH G 4 .   ? -20.241 8.665   1.972   1.00 51.62 ? 213 HOH A O   1 
HETATM 1136 O  O   . HOH G 4 .   ? -8.683  16.045  -8.730  1.00 19.60 ? 214 HOH A O   1 
HETATM 1137 O  O   . HOH G 4 .   ? -16.357 9.513   -11.915 1.00 48.05 ? 215 HOH A O   1 
HETATM 1138 O  O   . HOH G 4 .   ? 21.887  -4.589  -8.491  1.00 58.80 ? 216 HOH A O   1 
HETATM 1139 O  O   . HOH G 4 .   ? 11.973  7.390   -3.255  1.00 50.33 ? 217 HOH A O   1 
HETATM 1140 O  O   . HOH G 4 .   ? 13.932  8.471   -0.326  1.00 52.76 ? 218 HOH A O   1 
HETATM 1141 O  O   . HOH G 4 .   ? 7.266   -0.461  11.496  1.00 49.55 ? 219 HOH A O   1 
HETATM 1142 O  O   . HOH G 4 .   ? -1.532  9.360   -18.966 1.00 46.42 ? 220 HOH A O   1 
HETATM 1143 O  O   . HOH G 4 .   ? 24.159  -3.953  -10.458 1.00 53.80 ? 221 HOH A O   1 
HETATM 1144 O  O   . HOH G 4 .   ? -10.598 15.963  -13.787 1.00 22.54 ? 222 HOH A O   1 
HETATM 1145 O  O   . HOH G 4 .   ? 27.000  0.166   0.801   1.00 59.55 ? 223 HOH A O   1 
HETATM 1146 O  O   . HOH G 4 .   ? 15.943  -9.840  7.726   1.00 43.25 ? 224 HOH A O   1 
HETATM 1147 O  O   . HOH G 4 .   ? 12.752  2.545   3.035   1.00 42.44 ? 225 HOH A O   1 
HETATM 1148 O  O   . HOH G 4 .   ? -14.132 12.982  5.267   1.00 43.07 ? 226 HOH A O   1 
HETATM 1149 O  O   . HOH G 4 .   ? 12.093  -1.776  5.598   1.00 49.16 ? 227 HOH A O   1 
HETATM 1150 O  O   . HOH G 4 .   ? 4.381   -15.560 -3.163  1.00 41.36 ? 228 HOH A O   1 
HETATM 1151 O  O   . HOH G 4 .   ? 0.964   4.826   1.338   1.00 43.74 ? 229 HOH A O   1 
HETATM 1152 O  O   . HOH G 4 .   ? -8.181  0.152   15.363  1.00 46.24 ? 230 HOH A O   1 
HETATM 1153 O  O   . HOH G 4 .   ? 3.848   2.406   1.893   1.00 45.06 ? 231 HOH A O   1 
HETATM 1154 O  O   . HOH G 4 .   ? -5.830  4.319   10.694  1.00 34.80 ? 232 HOH A O   1 
HETATM 1155 O  O   . HOH G 4 .   ? -10.517 0.562   12.925  1.00 47.87 ? 233 HOH A O   1 
HETATM 1156 O  O   . HOH G 4 .   ? -0.657  2.909   5.636   1.00 44.55 ? 234 HOH A O   1 
HETATM 1157 O  O   . HOH G 4 .   ? -4.229  17.593  -5.036  1.00 17.55 ? 235 HOH A O   1 
HETATM 1158 O  O   . HOH G 4 .   ? -5.045  15.048  -3.943  1.00 18.02 ? 236 HOH A O   1 
HETATM 1159 O  O   . HOH G 4 .   ? -4.747  0.463   -8.714  1.00 17.67 ? 237 HOH A O   1 
HETATM 1160 O  O   . HOH G 4 .   ? 4.848   -11.457 1.038   1.00 24.12 ? 238 HOH A O   1 
HETATM 1161 O  O   . HOH G 4 .   ? -5.525  5.148   -9.650  1.00 20.54 ? 239 HOH A O   1 
HETATM 1162 O  O   . HOH G 4 .   ? -10.360 17.840  -2.543  1.00 19.17 ? 240 HOH A O   1 
HETATM 1163 O  O   . HOH G 4 .   ? -12.023 16.546  -9.707  1.00 20.08 ? 241 HOH A O   1 
HETATM 1164 O  O   . HOH G 4 .   ? -2.416  -8.705  -5.967  1.00 24.40 ? 242 HOH A O   1 
HETATM 1165 O  O   . HOH G 4 .   ? -1.673  14.022  -10.906 1.00 26.66 ? 243 HOH A O   1 
HETATM 1166 O  O   . HOH G 4 .   ? 6.529   -13.739 -1.763  1.00 29.05 ? 244 HOH A O   1 
HETATM 1167 O  O   . HOH G 4 .   ? 0.681   -9.163  3.110   1.00 22.90 ? 245 HOH A O   1 
HETATM 1168 O  O   . HOH G 4 .   ? 2.282   -14.559 -1.558  1.00 28.55 ? 246 HOH A O   1 
HETATM 1169 O  O   . HOH G 4 .   ? 2.494   -8.417  -5.200  1.00 26.27 ? 247 HOH A O   1 
HETATM 1170 O  O   . HOH G 4 .   ? 21.857  3.097   3.081   1.00 27.21 ? 248 HOH A O   1 
HETATM 1171 O  O   . HOH G 4 .   ? 8.326   -13.445 2.320   1.00 28.91 ? 249 HOH A O   1 
HETATM 1172 O  O   . HOH G 4 .   ? 3.986   -9.782  -7.135  1.00 31.55 ? 250 HOH A O   1 
HETATM 1173 O  O   . HOH G 4 .   ? -13.739 12.832  0.604   1.00 31.78 ? 251 HOH A O   1 
HETATM 1174 O  O   . HOH G 4 .   ? 10.312  0.091   3.786   1.00 28.07 ? 252 HOH A O   1 
HETATM 1175 O  O   . HOH G 4 .   ? 0.187   -9.990  -5.789  1.00 27.86 ? 253 HOH A O   1 
HETATM 1176 O  O   . HOH G 4 .   ? -9.698  15.557  2.339   1.00 28.41 ? 254 HOH A O   1 
HETATM 1177 O  O   . HOH G 4 .   ? 3.136   -8.068  11.052  1.00 35.12 ? 255 HOH A O   1 
HETATM 1178 O  O   . HOH G 4 .   ? -2.486  6.139   -10.486 1.00 25.55 ? 256 HOH A O   1 
HETATM 1179 O  O   . HOH G 4 .   ? 10.730  -8.871  -6.128  1.00 28.64 ? 257 HOH A O   1 
HETATM 1180 O  O   . HOH G 4 .   ? -7.568  16.109  4.196   1.00 31.06 ? 258 HOH A O   1 
HETATM 1181 O  O   . HOH G 4 .   ? -12.583 -5.319  -3.389  1.00 32.47 ? 259 HOH A O   1 
HETATM 1182 O  O   . HOH G 4 .   ? -14.242 9.981   -2.788  1.00 32.74 ? 260 HOH A O   1 
HETATM 1183 O  O   . HOH G 4 .   ? -20.355 7.373   -5.594  1.00 39.55 ? 261 HOH A O   1 
HETATM 1184 O  O   . HOH G 4 .   ? -14.044 15.143  -11.284 1.00 29.22 ? 262 HOH A O   1 
HETATM 1185 O  O   . HOH G 4 .   ? 10.141  -13.011 -4.345  1.00 49.62 ? 263 HOH A O   1 
HETATM 1186 O  O   . HOH G 4 .   ? -13.064 7.348   -4.156  1.00 35.08 ? 264 HOH A O   1 
HETATM 1187 O  O   . HOH G 4 .   ? -19.932 10.058  -4.223  1.00 36.86 ? 265 HOH A O   1 
HETATM 1188 O  O   . HOH G 4 .   ? -14.189 6.663   -7.702  1.00 36.36 ? 266 HOH A O   1 
HETATM 1189 O  O   . HOH G 4 .   ? -15.552 -3.713  -5.812  1.00 45.26 ? 267 HOH A O   1 
HETATM 1190 O  O   . HOH G 4 .   ? -0.056  -5.620  13.051  1.00 37.61 ? 268 HOH A O   1 
HETATM 1191 O  O   . HOH G 4 .   ? -7.043  15.997  9.154   1.00 42.37 ? 269 HOH A O   1 
HETATM 1192 O  O   . HOH G 4 .   ? 13.715  -1.708  -14.364 1.00 42.02 ? 270 HOH A O   1 
HETATM 1193 O  O   . HOH G 4 .   ? -10.575 3.334   5.763   1.00 30.10 ? 271 HOH A O   1 
HETATM 1194 O  O   . HOH G 4 .   ? 10.942  -13.571 -1.338  1.00 48.01 ? 272 HOH A O   1 
HETATM 1195 O  O   . HOH G 4 .   ? 14.072  -6.531  8.555   1.00 39.14 ? 273 HOH A O   1 
HETATM 1196 O  O   . HOH G 4 .   ? 16.728  -5.446  -2.672  1.00 36.64 ? 274 HOH A O   1 
HETATM 1197 O  O   . HOH G 4 .   ? 17.802  -9.674  3.277   1.00 43.69 ? 275 HOH A O   1 
HETATM 1198 O  O   . HOH G 4 .   ? -6.803  -7.967  14.055  1.00 45.05 ? 276 HOH A O   1 
HETATM 1199 O  O   . HOH G 4 .   ? -20.786 -12.069 0.590   1.00 50.25 ? 277 HOH A O   1 
HETATM 1200 O  O   . HOH G 4 .   ? -15.582 2.758   4.538   1.00 43.75 ? 278 HOH A O   1 
HETATM 1201 O  O   . HOH G 4 .   ? 14.154  -11.476 -1.272  1.00 41.40 ? 279 HOH A O   1 
HETATM 1202 O  O   . HOH G 4 .   ? -13.661 -0.765  9.915   1.00 42.62 ? 280 HOH A O   1 
HETATM 1203 O  O   . HOH G 4 .   ? -13.296 3.934   -9.216  1.00 38.96 ? 281 HOH A O   1 
HETATM 1204 O  O   . HOH G 4 .   ? -14.734 5.755   3.600   1.00 38.95 ? 282 HOH A O   1 
HETATM 1205 O  O   . HOH G 4 .   ? -14.567 -9.162  -1.618  1.00 48.99 ? 283 HOH A O   1 
HETATM 1206 O  O   . HOH G 4 .   ? -13.486 -5.329  -7.009  1.00 57.19 ? 284 HOH A O   1 
HETATM 1207 O  O   . HOH G 4 .   ? -0.563  -20.416 0.660   1.00 51.02 ? 285 HOH A O   1 
HETATM 1208 O  O   . HOH G 4 .   ? 10.247  -2.718  -14.375 1.00 40.84 ? 286 HOH A O   1 
HETATM 1209 O  O   . HOH G 4 .   ? -19.515 5.643   2.009   1.00 40.35 ? 287 HOH A O   1 
HETATM 1210 O  O   . HOH G 4 .   ? 14.704  -6.026  -9.890  1.00 57.39 ? 288 HOH A O   1 
HETATM 1211 O  O   . HOH G 4 .   ? -3.106  -6.282  14.019  1.00 51.70 ? 289 HOH A O   1 
HETATM 1212 O  O   . HOH G 4 .   ? 12.057  -14.881 1.548   1.00 52.45 ? 290 HOH A O   1 
HETATM 1213 O  O   . HOH G 4 .   ? 3.593   -20.085 2.792   1.00 45.09 ? 291 HOH A O   1 
HETATM 1214 O  O   . HOH G 4 .   ? 23.798  -0.108  -0.199  1.00 60.50 ? 292 HOH A O   1 
HETATM 1215 O  O   . HOH G 4 .   ? 21.262  2.217   -5.676  1.00 64.44 ? 293 HOH A O   1 
HETATM 1216 O  O   . HOH G 4 .   ? -3.620  13.623  7.070   1.00 69.32 ? 294 HOH A O   1 
HETATM 1217 O  O   . HOH G 4 .   ? 17.764  5.962   0.271   1.00 61.20 ? 295 HOH A O   1 
HETATM 1218 O  O   . HOH G 4 .   ? -10.624 17.150  0.240   1.00 33.03 ? 296 HOH A O   1 
HETATM 1219 O  O   . HOH G 4 .   ? -17.005 13.083  5.919   1.00 58.42 ? 297 HOH A O   1 
HETATM 1220 O  O   . HOH G 4 .   ? 12.459  -7.182  12.384  1.00 48.43 ? 298 HOH A O   1 
HETATM 1221 O  O   . HOH G 4 .   ? 13.070  -10.682 -4.245  1.00 43.49 ? 299 HOH A O   1 
HETATM 1222 O  O   . HOH G 4 .   ? 16.421  3.141   -0.393  1.00 60.12 ? 300 HOH A O   1 
HETATM 1223 O  O   . HOH G 4 .   ? -3.947  -15.351 -7.672  1.00 47.56 ? 302 HOH A O   1 
HETATM 1224 O  O   . HOH G 4 .   ? -9.540  10.085  -12.295 1.00 57.93 ? 303 HOH A O   1 
HETATM 1225 O  O   . HOH G 4 .   ? 1.120   -10.774 13.572  1.00 63.91 ? 304 HOH A O   1 
HETATM 1226 O  O   . HOH G 4 .   ? -2.837  9.917   -16.178 1.00 52.12 ? 305 HOH A O   1 
HETATM 1227 O  O   . HOH G 4 .   ? 2.453   -14.994 7.107   1.00 42.13 ? 306 HOH A O   1 
HETATM 1228 O  O   . HOH G 4 .   ? -3.362  10.516  7.070   1.00 40.72 ? 307 HOH A O   1 
HETATM 1229 O  O   . HOH G 4 .   ? -11.547 9.242   6.678   1.00 46.95 ? 308 HOH A O   1 
HETATM 1230 O  O   . HOH G 4 .   ? -24.613 -5.957  -1.704  1.00 58.83 ? 309 HOH A O   1 
HETATM 1231 O  O   . HOH G 4 .   ? 17.540  7.851   -7.502  1.00 69.43 ? 310 HOH A O   1 
HETATM 1232 O  O   . HOH G 4 .   ? 0.453   11.441  -14.570 1.00 53.75 ? 311 HOH A O   1 
HETATM 1233 O  O   . HOH G 4 .   ? 17.875  -2.770  -8.828  1.00 68.33 ? 312 HOH A O   1 
HETATM 1234 O  O   . HOH G 4 .   ? -22.345 -0.499  -5.431  1.00 60.65 ? 313 HOH A O   1 
HETATM 1235 O  O   . HOH G 4 .   ? 12.958  1.295   -19.754 1.00 56.06 ? 314 HOH A O   1 
HETATM 1236 O  O   . HOH G 4 .   ? -3.366  -9.545  13.231  1.00 50.64 ? 315 HOH A O   1 
HETATM 1237 O  O   . HOH G 4 .   ? 19.030  -7.215  -0.701  1.00 52.20 ? 316 HOH A O   1 
HETATM 1238 O  O   . HOH G 4 .   ? 6.793   -2.974  8.715   1.00 34.39 ? 317 HOH A O   1 
HETATM 1239 O  O   . HOH G 4 .   ? -2.210  -0.558  -8.438  1.00 16.76 ? 318 HOH A O   1 
HETATM 1240 O  O   . HOH G 4 .   ? -4.194  15.676  -11.046 1.00 31.65 ? 319 HOH A O   1 
HETATM 1241 O  O   . HOH G 4 .   ? 16.647  -12.062 1.117   1.00 41.77 ? 320 HOH A O   1 
HETATM 1242 O  O   . HOH G 4 .   ? -8.209  4.802   -11.259 1.00 36.13 ? 321 HOH A O   1 
HETATM 1243 O  O   . HOH G 4 .   ? -7.892  12.263  -15.190 1.00 63.76 ? 322 HOH A O   1 
HETATM 1244 O  O   . HOH G 4 .   ? -15.834 0.018   -8.462  1.00 38.57 ? 323 HOH A O   1 
HETATM 1245 O  O   . HOH G 4 .   ? 2.352   -20.730 0.065   1.00 50.19 ? 324 HOH A O   1 
HETATM 1246 O  O   . HOH G 4 .   ? -19.687 3.028   3.561   1.00 42.02 ? 325 HOH A O   1 
HETATM 1247 O  O   . HOH G 4 .   ? -17.008 14.077  2.900   1.00 51.29 ? 326 HOH A O   1 
HETATM 1248 O  O   . HOH G 4 .   ? 20.246  1.882   -0.536  1.00 53.13 ? 327 HOH A O   1 
HETATM 1249 O  O   . HOH G 4 .   ? 18.131  -4.486  -5.400  1.00 59.20 ? 328 HOH A O   1 
HETATM 1250 O  O   . HOH G 4 .   ? -13.720 7.738   -12.329 1.00 53.60 ? 329 HOH A O   1 
HETATM 1251 O  O   . HOH G 4 .   ? -2.351  -21.945 2.643   1.00 55.19 ? 330 HOH A O   1 
HETATM 1252 O  O   . HOH G 4 .   ? 8.430   -15.346 -0.168  1.00 51.73 ? 331 HOH A O   1 
HETATM 1253 O  O   . HOH G 4 .   ? 3.593   -8.374  13.932  1.00 42.84 ? 332 HOH A O   1 
HETATM 1254 O  O   . HOH G 4 .   ? -20.243 4.175   -5.543  1.00 55.04 ? 333 HOH A O   1 
HETATM 1255 O  O   . HOH G 4 .   ? -14.949 -0.717  4.936   1.00 37.75 ? 334 HOH A O   1 
HETATM 1256 O  O   . HOH G 4 .   ? 10.449  -16.902 5.399   1.00 64.22 ? 335 HOH A O   1 
HETATM 1257 O  O   . HOH G 4 .   ? -11.966 -6.441  -0.599  1.00 52.39 ? 336 HOH A O   1 
HETATM 1258 O  O   . HOH G 4 .   ? 15.315  -15.027 2.482   1.00 64.47 ? 337 HOH A O   1 
HETATM 1259 O  O   . HOH G 4 .   ? 7.780   3.397   -16.237 1.00 49.89 ? 338 HOH A O   1 
HETATM 1260 O  O   . HOH G 4 .   ? -3.584  12.956  10.392  1.00 56.99 ? 339 HOH A O   1 
HETATM 1261 O  O   . HOH G 4 .   ? 23.085  3.948   0.617   1.00 57.34 ? 340 HOH A O   1 
HETATM 1262 O  O   . HOH G 4 .   ? -12.589 5.631   6.217   1.00 62.18 ? 341 HOH A O   1 
HETATM 1263 O  O   . HOH G 4 .   ? 2.431   -18.379 -4.538  1.00 68.84 ? 342 HOH A O   1 
HETATM 1264 O  O   . HOH G 4 .   ? -19.193 -7.339  -5.728  1.00 47.06 ? 343 HOH A O   1 
HETATM 1265 O  O   . HOH G 4 .   ? 20.433  -10.344 2.079   1.00 64.42 ? 344 HOH A O   1 
HETATM 1266 O  O   . HOH G 4 .   ? 14.785  -4.865  -14.241 1.00 61.70 ? 345 HOH A O   1 
HETATM 1267 O  O   . HOH G 4 .   ? -2.433  13.351  -14.417 1.00 63.35 ? 346 HOH A O   1 
# 
